data_7FUU
# 
_entry.id   7FUU 
# 
_audit_conform.dict_name       mmcif_pdbx.dic 
_audit_conform.dict_version    5.392 
_audit_conform.dict_location   http://mmcif.pdb.org/dictionaries/ascii/mmcif_pdbx.dic 
# 
loop_
_database_2.database_id 
_database_2.database_code 
_database_2.pdbx_database_accession 
_database_2.pdbx_DOI 
PDB   7FUU         pdb_00007fuu 10.2210/pdb7fuu/pdb 
WWPDB D_1001405375 ?            ?                   
# 
loop_
_pdbx_audit_revision_history.ordinal 
_pdbx_audit_revision_history.data_content_type 
_pdbx_audit_revision_history.major_revision 
_pdbx_audit_revision_history.minor_revision 
_pdbx_audit_revision_history.revision_date 
1 'Structure model' 1 0 2023-03-29 
2 'Structure model' 1 1 2024-05-22 
# 
_pdbx_audit_revision_details.ordinal             1 
_pdbx_audit_revision_details.revision_ordinal    1 
_pdbx_audit_revision_details.data_content_type   'Structure model' 
_pdbx_audit_revision_details.provider            repository 
_pdbx_audit_revision_details.type                'Initial release' 
_pdbx_audit_revision_details.description         ? 
_pdbx_audit_revision_details.details             ? 
# 
_pdbx_audit_revision_group.ordinal             1 
_pdbx_audit_revision_group.revision_ordinal    2 
_pdbx_audit_revision_group.data_content_type   'Structure model' 
_pdbx_audit_revision_group.group               'Data collection' 
# 
loop_
_pdbx_audit_revision_category.ordinal 
_pdbx_audit_revision_category.revision_ordinal 
_pdbx_audit_revision_category.data_content_type 
_pdbx_audit_revision_category.category 
1 2 'Structure model' chem_comp_atom 
2 2 'Structure model' chem_comp_bond 
# 
_pdbx_database_status.entry_id                        7FUU 
_pdbx_database_status.status_code                     REL 
_pdbx_database_status.status_code_sf                  REL 
_pdbx_database_status.status_code_mr                  ? 
_pdbx_database_status.status_code_cs                  ? 
_pdbx_database_status.recvd_initial_deposition_date   2023-03-09 
_pdbx_database_status.status_code_nmr_data            ? 
_pdbx_database_status.deposit_site                    RCSB 
_pdbx_database_status.process_site                    RCSB 
_pdbx_database_status.SG_entry                        ? 
_pdbx_database_status.pdb_format_compatible           Y 
_pdbx_database_status.methods_development_category    ? 
# 
_pdbx_contact_author.id                 1 
_pdbx_contact_author.email              frank.von-delft@diamond.ac.uk 
_pdbx_contact_author.name_first         Frank 
_pdbx_contact_author.name_last          'von Delft' 
_pdbx_contact_author.role               'principal investigator/group leader' 
_pdbx_contact_author.identifier_ORCID   0000-0003-0378-0017 
_pdbx_contact_author.name_mi            ? 
# 
loop_
_audit_author.name 
_audit_author.pdbx_ordinal 
'Grosjean, H.'   1 
'Tomlinson, C.'  2 
'Bradshaw, W.J.' 3 
'Koekemoer, L.'  4 
'Krojer, T.'     5 
'Fearon, D.'     6 
'Biggin, P.C.'   7 
'von Delft, F.'  8 
# 
_citation.id                        primary 
_citation.title                     'PanDDA analysis group deposition' 
_citation.journal_abbrev            'To Be Published' 
_citation.journal_volume            ? 
_citation.page_first                ? 
_citation.page_last                 ? 
_citation.year                      ? 
_citation.journal_id_ASTM           ? 
_citation.country                   ? 
_citation.journal_id_ISSN           ? 
_citation.journal_id_CSD            0353 
_citation.book_publisher            ? 
_citation.pdbx_database_id_PubMed   ? 
_citation.pdbx_database_id_DOI      ? 
# 
loop_
_citation_author.citation_id 
_citation_author.name 
_citation_author.identifier_ORCID 
_citation_author.ordinal 
primary 'Grosjean, H.'   ? 1 
primary 'Tomlinson, C.'  ? 2 
primary 'Bradshaw, W.J.' ? 3 
primary 'Koekemoer, L.'  ? 4 
primary 'Krojer, T.'     ? 5 
primary 'Fearon, D.'     ? 6 
primary 'Biggin, P.C.'   ? 7 
primary 'von Delft, F.'  ? 8 
# 
loop_
_entity.id 
_entity.type 
_entity.src_method 
_entity.pdbx_description 
_entity.formula_weight 
_entity.pdbx_number_of_molecules 
_entity.pdbx_ec 
_entity.pdbx_mutation 
_entity.pdbx_fragment 
_entity.details 
1 polymer     man 'PH-interacting protein'                                                        17627.859 1   ? ? ? ? 
2 non-polymer syn 'N-{[(2S)-oxolan-2-yl]methyl}-4-(thiophene-2-carbonyl)piperazine-1-carboxamide' 323.411   1   ? ? ? ? 
3 water       nat water                                                                           18.015    201 ? ? ? ? 
# 
_entity_name_com.entity_id   1 
_entity_name_com.name        
'PHIP,DDB1- and CUL4-associated factor 14,IRS-1 PH domain-binding protein,WD repeat-containing protein 11' 
# 
_entity_poly.entity_id                      1 
_entity_poly.type                           'polypeptide(L)' 
_entity_poly.nstd_linkage                   no 
_entity_poly.nstd_monomer                   no 
_entity_poly.pdbx_seq_one_letter_code       
;MHHHHHHSSGVDLGTENLYFQSMSYDIQAWKKQCEELLNLIFQCEDSEPFRQPVDLLEYPDYRDIIDTPMDFATVRETLE
AGNYESPMELCKDVRLIFSNSKAYTPSKRSRIYSMSLRLSAFFEEHISSVLSDYKSALRFHKRNTITKR
;
_entity_poly.pdbx_seq_one_letter_code_can   
;MHHHHHHSSGVDLGTENLYFQSMSYDIQAWKKQCEELLNLIFQCEDSEPFRQPVDLLEYPDYRDIIDTPMDFATVRETLE
AGNYESPMELCKDVRLIFSNSKAYTPSKRSRIYSMSLRLSAFFEEHISSVLSDYKSALRFHKRNTITKR
;
_entity_poly.pdbx_strand_id                 A 
_entity_poly.pdbx_target_identifier         ? 
# 
loop_
_pdbx_entity_nonpoly.entity_id 
_pdbx_entity_nonpoly.name 
_pdbx_entity_nonpoly.comp_id 
2 'N-{[(2S)-oxolan-2-yl]methyl}-4-(thiophene-2-carbonyl)piperazine-1-carboxamide' ZJE 
3 water                                                                           HOH 
# 
loop_
_entity_poly_seq.entity_id 
_entity_poly_seq.num 
_entity_poly_seq.mon_id 
_entity_poly_seq.hetero 
1 1   MET n 
1 2   HIS n 
1 3   HIS n 
1 4   HIS n 
1 5   HIS n 
1 6   HIS n 
1 7   HIS n 
1 8   SER n 
1 9   SER n 
1 10  GLY n 
1 11  VAL n 
1 12  ASP n 
1 13  LEU n 
1 14  GLY n 
1 15  THR n 
1 16  GLU n 
1 17  ASN n 
1 18  LEU n 
1 19  TYR n 
1 20  PHE n 
1 21  GLN n 
1 22  SER n 
1 23  MET n 
1 24  SER n 
1 25  TYR n 
1 26  ASP n 
1 27  ILE n 
1 28  GLN n 
1 29  ALA n 
1 30  TRP n 
1 31  LYS n 
1 32  LYS n 
1 33  GLN n 
1 34  CYS n 
1 35  GLU n 
1 36  GLU n 
1 37  LEU n 
1 38  LEU n 
1 39  ASN n 
1 40  LEU n 
1 41  ILE n 
1 42  PHE n 
1 43  GLN n 
1 44  CYS n 
1 45  GLU n 
1 46  ASP n 
1 47  SER n 
1 48  GLU n 
1 49  PRO n 
1 50  PHE n 
1 51  ARG n 
1 52  GLN n 
1 53  PRO n 
1 54  VAL n 
1 55  ASP n 
1 56  LEU n 
1 57  LEU n 
1 58  GLU n 
1 59  TYR n 
1 60  PRO n 
1 61  ASP n 
1 62  TYR n 
1 63  ARG n 
1 64  ASP n 
1 65  ILE n 
1 66  ILE n 
1 67  ASP n 
1 68  THR n 
1 69  PRO n 
1 70  MET n 
1 71  ASP n 
1 72  PHE n 
1 73  ALA n 
1 74  THR n 
1 75  VAL n 
1 76  ARG n 
1 77  GLU n 
1 78  THR n 
1 79  LEU n 
1 80  GLU n 
1 81  ALA n 
1 82  GLY n 
1 83  ASN n 
1 84  TYR n 
1 85  GLU n 
1 86  SER n 
1 87  PRO n 
1 88  MET n 
1 89  GLU n 
1 90  LEU n 
1 91  CYS n 
1 92  LYS n 
1 93  ASP n 
1 94  VAL n 
1 95  ARG n 
1 96  LEU n 
1 97  ILE n 
1 98  PHE n 
1 99  SER n 
1 100 ASN n 
1 101 SER n 
1 102 LYS n 
1 103 ALA n 
1 104 TYR n 
1 105 THR n 
1 106 PRO n 
1 107 SER n 
1 108 LYS n 
1 109 ARG n 
1 110 SER n 
1 111 ARG n 
1 112 ILE n 
1 113 TYR n 
1 114 SER n 
1 115 MET n 
1 116 SER n 
1 117 LEU n 
1 118 ARG n 
1 119 LEU n 
1 120 SER n 
1 121 ALA n 
1 122 PHE n 
1 123 PHE n 
1 124 GLU n 
1 125 GLU n 
1 126 HIS n 
1 127 ILE n 
1 128 SER n 
1 129 SER n 
1 130 VAL n 
1 131 LEU n 
1 132 SER n 
1 133 ASP n 
1 134 TYR n 
1 135 LYS n 
1 136 SER n 
1 137 ALA n 
1 138 LEU n 
1 139 ARG n 
1 140 PHE n 
1 141 HIS n 
1 142 LYS n 
1 143 ARG n 
1 144 ASN n 
1 145 THR n 
1 146 ILE n 
1 147 THR n 
1 148 LYS n 
1 149 ARG n 
# 
_entity_src_gen.entity_id                          1 
_entity_src_gen.pdbx_src_id                        1 
_entity_src_gen.pdbx_alt_source_flag               sample 
_entity_src_gen.pdbx_seq_type                      'Biological sequence' 
_entity_src_gen.pdbx_beg_seq_num                   1 
_entity_src_gen.pdbx_end_seq_num                   149 
_entity_src_gen.gene_src_common_name               human 
_entity_src_gen.gene_src_genus                     ? 
_entity_src_gen.pdbx_gene_src_gene                 'PHIP, DCAF14, WDR11' 
_entity_src_gen.gene_src_species                   ? 
_entity_src_gen.gene_src_strain                    ? 
_entity_src_gen.gene_src_tissue                    ? 
_entity_src_gen.gene_src_tissue_fraction           ? 
_entity_src_gen.gene_src_details                   ? 
_entity_src_gen.pdbx_gene_src_fragment             ? 
_entity_src_gen.pdbx_gene_src_scientific_name      'Homo sapiens' 
_entity_src_gen.pdbx_gene_src_ncbi_taxonomy_id     9606 
_entity_src_gen.pdbx_gene_src_variant              ? 
_entity_src_gen.pdbx_gene_src_cell_line            ? 
_entity_src_gen.pdbx_gene_src_atcc                 ? 
_entity_src_gen.pdbx_gene_src_organ                ? 
_entity_src_gen.pdbx_gene_src_organelle            ? 
_entity_src_gen.pdbx_gene_src_cell                 ? 
_entity_src_gen.pdbx_gene_src_cellular_location    ? 
_entity_src_gen.host_org_common_name               ? 
_entity_src_gen.pdbx_host_org_scientific_name      'Escherichia coli' 
_entity_src_gen.pdbx_host_org_ncbi_taxonomy_id     562 
_entity_src_gen.host_org_genus                     ? 
_entity_src_gen.pdbx_host_org_gene                 ? 
_entity_src_gen.pdbx_host_org_organ                ? 
_entity_src_gen.host_org_species                   ? 
_entity_src_gen.pdbx_host_org_tissue               ? 
_entity_src_gen.pdbx_host_org_tissue_fraction      ? 
_entity_src_gen.pdbx_host_org_strain               ? 
_entity_src_gen.pdbx_host_org_variant              ? 
_entity_src_gen.pdbx_host_org_cell_line            ? 
_entity_src_gen.pdbx_host_org_atcc                 ? 
_entity_src_gen.pdbx_host_org_culture_collection   ? 
_entity_src_gen.pdbx_host_org_cell                 ? 
_entity_src_gen.pdbx_host_org_organelle            ? 
_entity_src_gen.pdbx_host_org_cellular_location    ? 
_entity_src_gen.pdbx_host_org_vector_type          ? 
_entity_src_gen.pdbx_host_org_vector               ? 
_entity_src_gen.host_org_details                   ? 
_entity_src_gen.expression_system_id               ? 
_entity_src_gen.plasmid_name                       ? 
_entity_src_gen.plasmid_details                    ? 
_entity_src_gen.pdbx_description                   ? 
# 
loop_
_chem_comp.id 
_chem_comp.type 
_chem_comp.mon_nstd_flag 
_chem_comp.name 
_chem_comp.pdbx_synonyms 
_chem_comp.formula 
_chem_comp.formula_weight 
ALA 'L-peptide linking' y ALANINE                                                                         ? 'C3 H7 N O2'      
89.093  
ARG 'L-peptide linking' y ARGININE                                                                        ? 'C6 H15 N4 O2 1'  
175.209 
ASN 'L-peptide linking' y ASPARAGINE                                                                      ? 'C4 H8 N2 O3'     
132.118 
ASP 'L-peptide linking' y 'ASPARTIC ACID'                                                                 ? 'C4 H7 N O4'      
133.103 
CYS 'L-peptide linking' y CYSTEINE                                                                        ? 'C3 H7 N O2 S'    
121.158 
GLN 'L-peptide linking' y GLUTAMINE                                                                       ? 'C5 H10 N2 O3'    
146.144 
GLU 'L-peptide linking' y 'GLUTAMIC ACID'                                                                 ? 'C5 H9 N O4'      
147.129 
GLY 'peptide linking'   y GLYCINE                                                                         ? 'C2 H5 N O2'      
75.067  
HIS 'L-peptide linking' y HISTIDINE                                                                       ? 'C6 H10 N3 O2 1'  
156.162 
HOH non-polymer         . WATER                                                                           ? 'H2 O'            
18.015  
ILE 'L-peptide linking' y ISOLEUCINE                                                                      ? 'C6 H13 N O2'     
131.173 
LEU 'L-peptide linking' y LEUCINE                                                                         ? 'C6 H13 N O2'     
131.173 
LYS 'L-peptide linking' y LYSINE                                                                          ? 'C6 H15 N2 O2 1'  
147.195 
MET 'L-peptide linking' y METHIONINE                                                                      ? 'C5 H11 N O2 S'   
149.211 
PHE 'L-peptide linking' y PHENYLALANINE                                                                   ? 'C9 H11 N O2'     
165.189 
PRO 'L-peptide linking' y PROLINE                                                                         ? 'C5 H9 N O2'      
115.130 
SER 'L-peptide linking' y SERINE                                                                          ? 'C3 H7 N O3'      
105.093 
THR 'L-peptide linking' y THREONINE                                                                       ? 'C4 H9 N O3'      
119.119 
TRP 'L-peptide linking' y TRYPTOPHAN                                                                      ? 'C11 H12 N2 O2'   
204.225 
TYR 'L-peptide linking' y TYROSINE                                                                        ? 'C9 H11 N O3'     
181.189 
VAL 'L-peptide linking' y VALINE                                                                          ? 'C5 H11 N O2'     
117.146 
ZJE non-polymer         . 'N-{[(2S)-oxolan-2-yl]methyl}-4-(thiophene-2-carbonyl)piperazine-1-carboxamide' ? 'C15 H21 N3 O3 S' 
323.411 
# 
loop_
_pdbx_poly_seq_scheme.asym_id 
_pdbx_poly_seq_scheme.entity_id 
_pdbx_poly_seq_scheme.seq_id 
_pdbx_poly_seq_scheme.mon_id 
_pdbx_poly_seq_scheme.ndb_seq_num 
_pdbx_poly_seq_scheme.pdb_seq_num 
_pdbx_poly_seq_scheme.auth_seq_num 
_pdbx_poly_seq_scheme.pdb_mon_id 
_pdbx_poly_seq_scheme.auth_mon_id 
_pdbx_poly_seq_scheme.pdb_strand_id 
_pdbx_poly_seq_scheme.pdb_ins_code 
_pdbx_poly_seq_scheme.hetero 
A 1 1   MET 1   1292 ?    ?   ?   A . n 
A 1 2   HIS 2   1293 ?    ?   ?   A . n 
A 1 3   HIS 3   1294 ?    ?   ?   A . n 
A 1 4   HIS 4   1295 ?    ?   ?   A . n 
A 1 5   HIS 5   1296 ?    ?   ?   A . n 
A 1 6   HIS 6   1297 ?    ?   ?   A . n 
A 1 7   HIS 7   1298 ?    ?   ?   A . n 
A 1 8   SER 8   1299 ?    ?   ?   A . n 
A 1 9   SER 9   1300 ?    ?   ?   A . n 
A 1 10  GLY 10  1301 ?    ?   ?   A . n 
A 1 11  VAL 11  1302 ?    ?   ?   A . n 
A 1 12  ASP 12  1303 ?    ?   ?   A . n 
A 1 13  LEU 13  1304 ?    ?   ?   A . n 
A 1 14  GLY 14  1305 ?    ?   ?   A . n 
A 1 15  THR 15  1306 ?    ?   ?   A . n 
A 1 16  GLU 16  1307 ?    ?   ?   A . n 
A 1 17  ASN 17  1308 ?    ?   ?   A . n 
A 1 18  LEU 18  1309 ?    ?   ?   A . n 
A 1 19  TYR 19  1310 ?    ?   ?   A . n 
A 1 20  PHE 20  1311 ?    ?   ?   A . n 
A 1 21  GLN 21  1312 ?    ?   ?   A . n 
A 1 22  SER 22  1313 ?    ?   ?   A . n 
A 1 23  MET 23  1314 ?    ?   ?   A . n 
A 1 24  SER 24  1315 1315 SER SER A . n 
A 1 25  TYR 25  1316 1316 TYR TYR A . n 
A 1 26  ASP 26  1317 1317 ASP ASP A . n 
A 1 27  ILE 27  1318 1318 ILE ILE A . n 
A 1 28  GLN 28  1319 1319 GLN GLN A . n 
A 1 29  ALA 29  1320 1320 ALA ALA A . n 
A 1 30  TRP 30  1321 1321 TRP TRP A . n 
A 1 31  LYS 31  1322 1322 LYS LYS A . n 
A 1 32  LYS 32  1323 1323 LYS LYS A . n 
A 1 33  GLN 33  1324 1324 GLN GLN A . n 
A 1 34  CYS 34  1325 1325 CYS CYS A . n 
A 1 35  GLU 35  1326 1326 GLU GLU A . n 
A 1 36  GLU 36  1327 1327 GLU GLU A . n 
A 1 37  LEU 37  1328 1328 LEU LEU A . n 
A 1 38  LEU 38  1329 1329 LEU LEU A . n 
A 1 39  ASN 39  1330 1330 ASN ASN A . n 
A 1 40  LEU 40  1331 1331 LEU LEU A . n 
A 1 41  ILE 41  1332 1332 ILE ILE A . n 
A 1 42  PHE 42  1333 1333 PHE PHE A . n 
A 1 43  GLN 43  1334 1334 GLN GLN A . n 
A 1 44  CYS 44  1335 1335 CYS CYS A . n 
A 1 45  GLU 45  1336 1336 GLU GLU A . n 
A 1 46  ASP 46  1337 1337 ASP ASP A . n 
A 1 47  SER 47  1338 1338 SER SER A . n 
A 1 48  GLU 48  1339 1339 GLU GLU A . n 
A 1 49  PRO 49  1340 1340 PRO PRO A . n 
A 1 50  PHE 50  1341 1341 PHE PHE A . n 
A 1 51  ARG 51  1342 1342 ARG ARG A . n 
A 1 52  GLN 52  1343 1343 GLN GLN A . n 
A 1 53  PRO 53  1344 1344 PRO PRO A . n 
A 1 54  VAL 54  1345 1345 VAL VAL A . n 
A 1 55  ASP 55  1346 1346 ASP ASP A . n 
A 1 56  LEU 56  1347 1347 LEU LEU A . n 
A 1 57  LEU 57  1348 1348 LEU LEU A . n 
A 1 58  GLU 58  1349 1349 GLU GLU A . n 
A 1 59  TYR 59  1350 1350 TYR TYR A . n 
A 1 60  PRO 60  1351 1351 PRO PRO A . n 
A 1 61  ASP 61  1352 1352 ASP ASP A . n 
A 1 62  TYR 62  1353 1353 TYR TYR A . n 
A 1 63  ARG 63  1354 1354 ARG ARG A . n 
A 1 64  ASP 64  1355 1355 ASP ASP A . n 
A 1 65  ILE 65  1356 1356 ILE ILE A . n 
A 1 66  ILE 66  1357 1357 ILE ILE A . n 
A 1 67  ASP 67  1358 1358 ASP ASP A . n 
A 1 68  THR 68  1359 1359 THR THR A . n 
A 1 69  PRO 69  1360 1360 PRO PRO A . n 
A 1 70  MET 70  1361 1361 MET MET A . n 
A 1 71  ASP 71  1362 1362 ASP ASP A . n 
A 1 72  PHE 72  1363 1363 PHE PHE A . n 
A 1 73  ALA 73  1364 1364 ALA ALA A . n 
A 1 74  THR 74  1365 1365 THR THR A . n 
A 1 75  VAL 75  1366 1366 VAL VAL A . n 
A 1 76  ARG 76  1367 1367 ARG ARG A . n 
A 1 77  GLU 77  1368 1368 GLU GLU A . n 
A 1 78  THR 78  1369 1369 THR THR A . n 
A 1 79  LEU 79  1370 1370 LEU LEU A . n 
A 1 80  GLU 80  1371 1371 GLU GLU A . n 
A 1 81  ALA 81  1372 1372 ALA ALA A . n 
A 1 82  GLY 82  1373 1373 GLY GLY A . n 
A 1 83  ASN 83  1374 1374 ASN ASN A . n 
A 1 84  TYR 84  1375 1375 TYR TYR A . n 
A 1 85  GLU 85  1376 1376 GLU GLU A . n 
A 1 86  SER 86  1377 1377 SER SER A . n 
A 1 87  PRO 87  1378 1378 PRO PRO A . n 
A 1 88  MET 88  1379 1379 MET MET A . n 
A 1 89  GLU 89  1380 1380 GLU GLU A . n 
A 1 90  LEU 90  1381 1381 LEU LEU A . n 
A 1 91  CYS 91  1382 1382 CYS CYS A . n 
A 1 92  LYS 92  1383 1383 LYS LYS A . n 
A 1 93  ASP 93  1384 1384 ASP ASP A . n 
A 1 94  VAL 94  1385 1385 VAL VAL A . n 
A 1 95  ARG 95  1386 1386 ARG ARG A . n 
A 1 96  LEU 96  1387 1387 LEU LEU A . n 
A 1 97  ILE 97  1388 1388 ILE ILE A . n 
A 1 98  PHE 98  1389 1389 PHE PHE A . n 
A 1 99  SER 99  1390 1390 SER SER A . n 
A 1 100 ASN 100 1391 1391 ASN ASN A . n 
A 1 101 SER 101 1392 1392 SER SER A . n 
A 1 102 LYS 102 1393 1393 LYS LYS A . n 
A 1 103 ALA 103 1394 1394 ALA ALA A . n 
A 1 104 TYR 104 1395 1395 TYR TYR A . n 
A 1 105 THR 105 1396 1396 THR THR A . n 
A 1 106 PRO 106 1397 1397 PRO PRO A . n 
A 1 107 SER 107 1398 1398 SER SER A . n 
A 1 108 LYS 108 1399 1399 LYS LYS A . n 
A 1 109 ARG 109 1400 1400 ARG ARG A . n 
A 1 110 SER 110 1401 1401 SER SER A . n 
A 1 111 ARG 111 1402 1402 ARG ARG A . n 
A 1 112 ILE 112 1403 1403 ILE ILE A . n 
A 1 113 TYR 113 1404 1404 TYR TYR A . n 
A 1 114 SER 114 1405 1405 SER SER A . n 
A 1 115 MET 115 1406 1406 MET MET A . n 
A 1 116 SER 116 1407 1407 SER SER A . n 
A 1 117 LEU 117 1408 1408 LEU LEU A . n 
A 1 118 ARG 118 1409 1409 ARG ARG A . n 
A 1 119 LEU 119 1410 1410 LEU LEU A . n 
A 1 120 SER 120 1411 1411 SER SER A . n 
A 1 121 ALA 121 1412 1412 ALA ALA A . n 
A 1 122 PHE 122 1413 1413 PHE PHE A . n 
A 1 123 PHE 123 1414 1414 PHE PHE A . n 
A 1 124 GLU 124 1415 1415 GLU GLU A . n 
A 1 125 GLU 125 1416 1416 GLU GLU A . n 
A 1 126 HIS 126 1417 1417 HIS HIS A . n 
A 1 127 ILE 127 1418 1418 ILE ILE A . n 
A 1 128 SER 128 1419 1419 SER SER A . n 
A 1 129 SER 129 1420 1420 SER SER A . n 
A 1 130 VAL 130 1421 1421 VAL VAL A . n 
A 1 131 LEU 131 1422 1422 LEU LEU A . n 
A 1 132 SER 132 1423 1423 SER SER A . n 
A 1 133 ASP 133 1424 1424 ASP ASP A . n 
A 1 134 TYR 134 1425 1425 TYR TYR A . n 
A 1 135 LYS 135 1426 1426 LYS LYS A . n 
A 1 136 SER 136 1427 1427 SER SER A . n 
A 1 137 ALA 137 1428 1428 ALA ALA A . n 
A 1 138 LEU 138 1429 1429 LEU LEU A . n 
A 1 139 ARG 139 1430 1430 ARG ARG A . n 
A 1 140 PHE 140 1431 1431 PHE PHE A . n 
A 1 141 HIS 141 1432 1432 HIS HIS A . n 
A 1 142 LYS 142 1433 1433 LYS LYS A . n 
A 1 143 ARG 143 1434 1434 ARG ARG A . n 
A 1 144 ASN 144 1435 1435 ASN ASN A . n 
A 1 145 THR 145 1436 ?    ?   ?   A . n 
A 1 146 ILE 146 1437 ?    ?   ?   A . n 
A 1 147 THR 147 1438 ?    ?   ?   A . n 
A 1 148 LYS 148 1439 ?    ?   ?   A . n 
A 1 149 ARG 149 1440 ?    ?   ?   A . n 
# 
loop_
_pdbx_nonpoly_scheme.asym_id 
_pdbx_nonpoly_scheme.entity_id 
_pdbx_nonpoly_scheme.mon_id 
_pdbx_nonpoly_scheme.ndb_seq_num 
_pdbx_nonpoly_scheme.pdb_seq_num 
_pdbx_nonpoly_scheme.auth_seq_num 
_pdbx_nonpoly_scheme.pdb_mon_id 
_pdbx_nonpoly_scheme.auth_mon_id 
_pdbx_nonpoly_scheme.pdb_strand_id 
_pdbx_nonpoly_scheme.pdb_ins_code 
B 2 ZJE 1   1901 1901 ZJE LIG A . 
C 3 HOH 1   2001 1662 HOH HOH A . 
C 3 HOH 2   2002 25   HOH HOH A . 
C 3 HOH 3   2003 1610 HOH HOH A . 
C 3 HOH 4   2004 1757 HOH HOH A . 
C 3 HOH 5   2005 1670 HOH HOH A . 
C 3 HOH 6   2006 2    HOH HOH A . 
C 3 HOH 7   2007 1712 HOH HOH A . 
C 3 HOH 8   2008 1609 HOH HOH A . 
C 3 HOH 9   2009 1695 HOH HOH A . 
C 3 HOH 10  2010 1607 HOH HOH A . 
C 3 HOH 11  2011 1750 HOH HOH A . 
C 3 HOH 12  2012 15   HOH HOH A . 
C 3 HOH 13  2013 1603 HOH HOH A . 
C 3 HOH 14  2014 1605 HOH HOH A . 
C 3 HOH 15  2015 1638 HOH HOH A . 
C 3 HOH 16  2016 1739 HOH HOH A . 
C 3 HOH 17  2017 1642 HOH HOH A . 
C 3 HOH 18  2018 1643 HOH HOH A . 
C 3 HOH 19  2019 1622 HOH HOH A . 
C 3 HOH 20  2020 1648 HOH HOH A . 
C 3 HOH 21  2021 1676 HOH HOH A . 
C 3 HOH 22  2022 1767 HOH HOH A . 
C 3 HOH 23  2023 1624 HOH HOH A . 
C 3 HOH 24  2024 1602 HOH HOH A . 
C 3 HOH 25  2025 1625 HOH HOH A . 
C 3 HOH 26  2026 22   HOH HOH A . 
C 3 HOH 27  2027 1629 HOH HOH A . 
C 3 HOH 28  2028 1612 HOH HOH A . 
C 3 HOH 29  2029 1630 HOH HOH A . 
C 3 HOH 30  2030 1732 HOH HOH A . 
C 3 HOH 31  2031 1615 HOH HOH A . 
C 3 HOH 32  2032 1608 HOH HOH A . 
C 3 HOH 33  2033 1692 HOH HOH A . 
C 3 HOH 34  2034 1632 HOH HOH A . 
C 3 HOH 35  2035 1616 HOH HOH A . 
C 3 HOH 36  2036 1627 HOH HOH A . 
C 3 HOH 37  2037 1644 HOH HOH A . 
C 3 HOH 38  2038 1633 HOH HOH A . 
C 3 HOH 39  2039 1658 HOH HOH A . 
C 3 HOH 40  2040 1664 HOH HOH A . 
C 3 HOH 41  2041 1617 HOH HOH A . 
C 3 HOH 42  2042 1684 HOH HOH A . 
C 3 HOH 43  2043 1620 HOH HOH A . 
C 3 HOH 44  2044 1641 HOH HOH A . 
C 3 HOH 45  2045 1653 HOH HOH A . 
C 3 HOH 46  2046 1649 HOH HOH A . 
C 3 HOH 47  2047 1626 HOH HOH A . 
C 3 HOH 48  2048 1671 HOH HOH A . 
C 3 HOH 49  2049 1673 HOH HOH A . 
C 3 HOH 50  2050 1655 HOH HOH A . 
C 3 HOH 51  2051 14   HOH HOH A . 
C 3 HOH 52  2052 5    HOH HOH A . 
C 3 HOH 53  2053 1619 HOH HOH A . 
C 3 HOH 54  2054 1628 HOH HOH A . 
C 3 HOH 55  2055 1645 HOH HOH A . 
C 3 HOH 56  2056 17   HOH HOH A . 
C 3 HOH 57  2057 1647 HOH HOH A . 
C 3 HOH 58  2058 6    HOH HOH A . 
C 3 HOH 59  2059 1672 HOH HOH A . 
C 3 HOH 60  2060 8    HOH HOH A . 
C 3 HOH 61  2061 1650 HOH HOH A . 
C 3 HOH 62  2062 1666 HOH HOH A . 
C 3 HOH 63  2063 1646 HOH HOH A . 
C 3 HOH 64  2064 1674 HOH HOH A . 
C 3 HOH 65  2065 1637 HOH HOH A . 
C 3 HOH 66  2066 1690 HOH HOH A . 
C 3 HOH 67  2067 1689 HOH HOH A . 
C 3 HOH 68  2068 1682 HOH HOH A . 
C 3 HOH 69  2069 16   HOH HOH A . 
C 3 HOH 70  2070 1665 HOH HOH A . 
C 3 HOH 71  2071 1634 HOH HOH A . 
C 3 HOH 72  2072 21   HOH HOH A . 
C 3 HOH 73  2073 1741 HOH HOH A . 
C 3 HOH 74  2074 1687 HOH HOH A . 
C 3 HOH 75  2075 1668 HOH HOH A . 
C 3 HOH 76  2076 27   HOH HOH A . 
C 3 HOH 77  2077 1693 HOH HOH A . 
C 3 HOH 78  2078 1723 HOH HOH A . 
C 3 HOH 79  2079 1716 HOH HOH A . 
C 3 HOH 80  2080 1700 HOH HOH A . 
C 3 HOH 81  2081 1651 HOH HOH A . 
C 3 HOH 82  2082 1683 HOH HOH A . 
C 3 HOH 83  2083 1680 HOH HOH A . 
C 3 HOH 84  2084 1621 HOH HOH A . 
C 3 HOH 85  2085 1677 HOH HOH A . 
C 3 HOH 86  2086 1613 HOH HOH A . 
C 3 HOH 87  2087 1699 HOH HOH A . 
C 3 HOH 88  2088 20   HOH HOH A . 
C 3 HOH 89  2089 1652 HOH HOH A . 
C 3 HOH 90  2090 1675 HOH HOH A . 
C 3 HOH 91  2091 1740 HOH HOH A . 
C 3 HOH 92  2092 1719 HOH HOH A . 
C 3 HOH 93  2093 1681 HOH HOH A . 
C 3 HOH 94  2094 1663 HOH HOH A . 
C 3 HOH 95  2095 1688 HOH HOH A . 
C 3 HOH 96  2096 4    HOH HOH A . 
C 3 HOH 97  2097 1661 HOH HOH A . 
C 3 HOH 98  2098 1601 HOH HOH A . 
C 3 HOH 99  2099 1720 HOH HOH A . 
C 3 HOH 100 2100 1708 HOH HOH A . 
C 3 HOH 101 2101 1733 HOH HOH A . 
C 3 HOH 102 2102 1696 HOH HOH A . 
C 3 HOH 103 2103 1686 HOH HOH A . 
C 3 HOH 104 2104 1611 HOH HOH A . 
C 3 HOH 105 2105 1701 HOH HOH A . 
C 3 HOH 106 2106 1685 HOH HOH A . 
C 3 HOH 107 2107 1721 HOH HOH A . 
C 3 HOH 108 2108 1709 HOH HOH A . 
C 3 HOH 109 2109 1714 HOH HOH A . 
C 3 HOH 110 2110 26   HOH HOH A . 
C 3 HOH 111 2111 1725 HOH HOH A . 
C 3 HOH 112 2112 1631 HOH HOH A . 
C 3 HOH 113 2113 13   HOH HOH A . 
C 3 HOH 114 2114 1678 HOH HOH A . 
C 3 HOH 115 2115 1640 HOH HOH A . 
C 3 HOH 116 2116 1623 HOH HOH A . 
C 3 HOH 117 2117 23   HOH HOH A . 
C 3 HOH 118 2118 1711 HOH HOH A . 
C 3 HOH 119 2119 1704 HOH HOH A . 
C 3 HOH 120 2120 1734 HOH HOH A . 
C 3 HOH 121 2121 1694 HOH HOH A . 
C 3 HOH 122 2122 1728 HOH HOH A . 
C 3 HOH 123 2123 1697 HOH HOH A . 
C 3 HOH 124 2124 1735 HOH HOH A . 
C 3 HOH 125 2125 1713 HOH HOH A . 
C 3 HOH 126 2126 1801 HOH HOH A . 
C 3 HOH 127 2127 1715 HOH HOH A . 
C 3 HOH 128 2128 1736 HOH HOH A . 
C 3 HOH 129 2129 1706 HOH HOH A . 
C 3 HOH 130 2130 1710 HOH HOH A . 
C 3 HOH 131 2131 1737 HOH HOH A . 
C 3 HOH 132 2132 1667 HOH HOH A . 
C 3 HOH 133 2133 1724 HOH HOH A . 
C 3 HOH 134 2134 1729 HOH HOH A . 
C 3 HOH 135 2135 1746 HOH HOH A . 
C 3 HOH 136 2136 1772 HOH HOH A . 
C 3 HOH 137 2137 1722 HOH HOH A . 
C 3 HOH 138 2138 1726 HOH HOH A . 
C 3 HOH 139 2139 1731 HOH HOH A . 
C 3 HOH 140 2140 1744 HOH HOH A . 
C 3 HOH 141 2141 1727 HOH HOH A . 
C 3 HOH 142 2142 7    HOH HOH A . 
C 3 HOH 143 2143 1656 HOH HOH A . 
C 3 HOH 144 2144 1703 HOH HOH A . 
C 3 HOH 145 2145 1747 HOH HOH A . 
C 3 HOH 146 2146 1679 HOH HOH A . 
C 3 HOH 147 2147 1756 HOH HOH A . 
C 3 HOH 148 2148 1751 HOH HOH A . 
C 3 HOH 149 2149 1753 HOH HOH A . 
C 3 HOH 150 2150 1755 HOH HOH A . 
C 3 HOH 151 2151 1752 HOH HOH A . 
C 3 HOH 152 2152 1754 HOH HOH A . 
C 3 HOH 153 2153 3    HOH HOH A . 
C 3 HOH 154 2154 1759 HOH HOH A . 
C 3 HOH 155 2155 1766 HOH HOH A . 
C 3 HOH 156 2156 1763 HOH HOH A . 
C 3 HOH 157 2157 1769 HOH HOH A . 
C 3 HOH 158 2158 1773 HOH HOH A . 
C 3 HOH 159 2159 1768 HOH HOH A . 
C 3 HOH 160 2160 1795 HOH HOH A . 
C 3 HOH 161 2161 1742 HOH HOH A . 
C 3 HOH 162 2162 1794 HOH HOH A . 
C 3 HOH 163 2163 1748 HOH HOH A . 
C 3 HOH 164 2164 1762 HOH HOH A . 
C 3 HOH 165 2165 1765 HOH HOH A . 
C 3 HOH 166 2166 1776 HOH HOH A . 
C 3 HOH 167 2167 1758 HOH HOH A . 
C 3 HOH 168 2168 1779 HOH HOH A . 
C 3 HOH 169 2169 1777 HOH HOH A . 
C 3 HOH 170 2170 10   HOH HOH A . 
C 3 HOH 171 2171 1783 HOH HOH A . 
C 3 HOH 172 2172 1770 HOH HOH A . 
C 3 HOH 173 2173 1796 HOH HOH A . 
C 3 HOH 174 2174 1784 HOH HOH A . 
C 3 HOH 175 2175 1786 HOH HOH A . 
C 3 HOH 176 2176 1764 HOH HOH A . 
C 3 HOH 177 2177 12   HOH HOH A . 
C 3 HOH 178 2178 1774 HOH HOH A . 
C 3 HOH 179 2179 1781 HOH HOH A . 
C 3 HOH 180 2180 1743 HOH HOH A . 
C 3 HOH 181 2181 1780 HOH HOH A . 
C 3 HOH 182 2182 1778 HOH HOH A . 
C 3 HOH 183 2183 1775 HOH HOH A . 
C 3 HOH 184 2184 1760 HOH HOH A . 
C 3 HOH 185 2185 1782 HOH HOH A . 
C 3 HOH 186 2186 19   HOH HOH A . 
C 3 HOH 187 2187 1789 HOH HOH A . 
C 3 HOH 188 2188 1785 HOH HOH A . 
C 3 HOH 189 2189 1787 HOH HOH A . 
C 3 HOH 190 2190 1791 HOH HOH A . 
C 3 HOH 191 2191 1792 HOH HOH A . 
C 3 HOH 192 2192 1790 HOH HOH A . 
C 3 HOH 193 2193 1654 HOH HOH A . 
C 3 HOH 194 2194 18   HOH HOH A . 
C 3 HOH 195 2195 9    HOH HOH A . 
C 3 HOH 196 2196 1798 HOH HOH A . 
C 3 HOH 197 2197 24   HOH HOH A . 
C 3 HOH 198 2198 1797 HOH HOH A . 
C 3 HOH 199 2199 1761 HOH HOH A . 
C 3 HOH 200 2200 1799 HOH HOH A . 
C 3 HOH 201 2201 1800 HOH HOH A . 
# 
loop_
_pdbx_unobs_or_zero_occ_atoms.id 
_pdbx_unobs_or_zero_occ_atoms.PDB_model_num 
_pdbx_unobs_or_zero_occ_atoms.polymer_flag 
_pdbx_unobs_or_zero_occ_atoms.occupancy_flag 
_pdbx_unobs_or_zero_occ_atoms.auth_asym_id 
_pdbx_unobs_or_zero_occ_atoms.auth_comp_id 
_pdbx_unobs_or_zero_occ_atoms.auth_seq_id 
_pdbx_unobs_or_zero_occ_atoms.PDB_ins_code 
_pdbx_unobs_or_zero_occ_atoms.auth_atom_id 
_pdbx_unobs_or_zero_occ_atoms.label_alt_id 
_pdbx_unobs_or_zero_occ_atoms.label_asym_id 
_pdbx_unobs_or_zero_occ_atoms.label_comp_id 
_pdbx_unobs_or_zero_occ_atoms.label_seq_id 
_pdbx_unobs_or_zero_occ_atoms.label_atom_id 
1 1 Y 1 A GLN 1334 ? CD  ? A GLN 43 CD  
2 1 Y 1 A GLN 1334 ? OE1 ? A GLN 43 OE1 
3 1 Y 1 A GLN 1334 ? NE2 ? A GLN 43 NE2 
# 
loop_
_software.pdbx_ordinal 
_software.name 
_software.version 
_software.date 
_software.type 
_software.contact_author 
_software.contact_author_email 
_software.classification 
_software.location 
_software.language 
_software.citation_id 
1 REFMAC      5.8.0267 ?               program 'Garib N. Murshudov' garib@ysbl.york.ac.uk    refinement        
http://www.ccp4.ac.uk/dist/html/refmac5.html        Fortran_77 ? 
2 Aimless     0.7.7    23/04/21        program 'Phil Evans'         ?                        'data scaling'    
http://www.mrc-lmb.cam.ac.uk/harry/pre/aimless.html ?          ? 
3 PDB_EXTRACT 3.23     'SEP. 23, 2016' package PDB                  deposit@deposit.rcsb.org 'data extraction' 
http://sw-tools.pdb.org/apps/PDB_EXTRACT/           C++        ? 
4 XDS         .        ?               program ?                    ?                        'data reduction'  ? ?          ? 
5 REFMAC      .        ?               program ?                    ?                        phasing           ? ?          ? 
# 
_cell.entry_id           7FUU 
_cell.length_a           81.919 
_cell.length_b           27.404 
_cell.length_c           56.400 
_cell.angle_alpha        90.000 
_cell.angle_beta         99.830 
_cell.angle_gamma        90.000 
_cell.Z_PDB              4 
_cell.pdbx_unique_axis   ? 
# 
_symmetry.entry_id                         7FUU 
_symmetry.space_group_name_H-M             'C 1 2 1' 
_symmetry.pdbx_full_space_group_name_H-M   ? 
_symmetry.cell_setting                     ? 
_symmetry.Int_Tables_number                5 
# 
_exptl.crystals_number   1 
_exptl.entry_id          7FUU 
_exptl.method            'X-RAY DIFFRACTION' 
# 
_exptl_crystal.id                    1 
_exptl_crystal.pdbx_mosaicity        0.000 
_exptl_crystal.pdbx_mosaicity_esd    ? 
_exptl_crystal.density_Matthews      1.77 
_exptl_crystal.density_diffrn        ? 
_exptl_crystal.density_meas          ? 
_exptl_crystal.density_meas_temp     ? 
_exptl_crystal.density_percent_sol   30.48 
_exptl_crystal.size_max              ? 
_exptl_crystal.size_mid              ? 
_exptl_crystal.size_min              ? 
_exptl_crystal.size_rad              ? 
_exptl_crystal.description           ? 
# 
_exptl_crystal_grow.crystal_id      1 
_exptl_crystal_grow.method          'VAPOR DIFFUSION, SITTING DROP' 
_exptl_crystal_grow.pH              5.6 
_exptl_crystal_grow.temp            277 
_exptl_crystal_grow.pdbx_details    '20% PEG 8000, 0.04M potassium phosphate' 
_exptl_crystal_grow.temp_details    ? 
_exptl_crystal_grow.pdbx_pH_range   ? 
# 
_diffrn.id                     1 
_diffrn.ambient_temp           100 
_diffrn.crystal_id             1 
_diffrn.ambient_temp_details   ? 
# 
_diffrn_detector.detector               PIXEL 
_diffrn_detector.type                   'DECTRIS PILATUS 6M' 
_diffrn_detector.pdbx_collection_date   2022-09-23 
_diffrn_detector.diffrn_id              1 
_diffrn_detector.details                ? 
# 
_diffrn_radiation.diffrn_id                        1 
_diffrn_radiation.wavelength_id                    1 
_diffrn_radiation.pdbx_diffrn_protocol             'SINGLE WAVELENGTH' 
_diffrn_radiation.pdbx_monochromatic_or_laue_m_l   ? 
_diffrn_radiation.monochromator                    ? 
_diffrn_radiation.pdbx_scattering_type             x-ray 
# 
_diffrn_radiation_wavelength.id           1 
_diffrn_radiation_wavelength.wavelength   0.92124 
_diffrn_radiation_wavelength.wt           1.0 
# 
_diffrn_source.diffrn_id                   1 
_diffrn_source.source                      SYNCHROTRON 
_diffrn_source.type                        'DIAMOND BEAMLINE I04-1' 
_diffrn_source.pdbx_wavelength_list        0.92124 
_diffrn_source.pdbx_synchrotron_site       Diamond 
_diffrn_source.pdbx_synchrotron_beamline   I04-1 
_diffrn_source.pdbx_wavelength             ? 
# 
_reflns.entry_id                     7FUU 
_reflns.pdbx_diffrn_id               1 
_reflns.pdbx_ordinal                 1 
_reflns.observed_criterion_sigma_I   ? 
_reflns.observed_criterion_sigma_F   ? 
_reflns.d_resolution_low             55.600 
_reflns.d_resolution_high            1.150 
_reflns.number_obs                   34010 
_reflns.number_all                   ? 
_reflns.percent_possible_obs         76.800 
_reflns.pdbx_Rmerge_I_obs            0.068 
_reflns.pdbx_Rsym_value              ? 
_reflns.pdbx_netI_over_sigmaI        17.300 
_reflns.B_iso_Wilson_estimate        ? 
_reflns.pdbx_redundancy              5.100 
_reflns.pdbx_Rrim_I_all              0.075 
_reflns.pdbx_Rpim_I_all              0.031 
_reflns.pdbx_CC_half                 0.989 
_reflns.pdbx_netI_over_av_sigmaI     ? 
_reflns.pdbx_number_measured_all     173819 
_reflns.pdbx_scaling_rejects         0 
_reflns.pdbx_chi_squared             ? 
_reflns.Rmerge_F_all                 ? 
_reflns.Rmerge_F_obs                 ? 
_reflns.observed_criterion_F_max     ? 
_reflns.observed_criterion_F_min     ? 
_reflns.observed_criterion_I_max     ? 
_reflns.observed_criterion_I_min     ? 
_reflns.pdbx_d_res_high_opt          ? 
_reflns.pdbx_d_res_low_opt           ? 
_reflns.details                      ? 
# 
loop_
_reflns_shell.pdbx_diffrn_id 
_reflns_shell.pdbx_ordinal 
_reflns_shell.d_res_high 
_reflns_shell.d_res_low 
_reflns_shell.number_measured_obs 
_reflns_shell.number_measured_all 
_reflns_shell.number_unique_obs 
_reflns_shell.pdbx_rejects 
_reflns_shell.Rmerge_I_obs 
_reflns_shell.meanI_over_sigI_obs 
_reflns_shell.pdbx_Rsym_value 
_reflns_shell.pdbx_chi_squared 
_reflns_shell.pdbx_redundancy 
_reflns_shell.percent_possible_obs 
_reflns_shell.pdbx_netI_over_sigmaI_obs 
_reflns_shell.number_possible 
_reflns_shell.number_unique_all 
_reflns_shell.Rmerge_F_all 
_reflns_shell.Rmerge_F_obs 
_reflns_shell.Rmerge_I_all 
_reflns_shell.meanI_over_sigI_all 
_reflns_shell.percent_possible_all 
_reflns_shell.pdbx_Rrim_I_all 
_reflns_shell.pdbx_Rpim_I_all 
_reflns_shell.pdbx_CC_half 
1 1 1.150 1.170  ? 125  ? ? ?     ? ? ? 1.000 ? 0.300  ? 125 ? ? ? ? 5.500  ?     ?     ?     
1 2 6.200 55.600 ? 1914 ? ? 0.057 ? ? ? 5.900 ? 61.700 ? 324 ? ? ? ? 99.800 0.064 0.028 0.991 
# 
_refine.entry_id                                 7FUU 
_refine.pdbx_refine_id                           'X-RAY DIFFRACTION' 
_refine.ls_d_res_high                            1.1600 
_refine.ls_d_res_low                             55.5700 
_refine.pdbx_ls_sigma_F                          0.000 
_refine.pdbx_data_cutoff_high_absF               ? 
_refine.pdbx_data_cutoff_low_absF                ? 
_refine.ls_percent_reflns_obs                    75.9000 
_refine.ls_number_reflns_obs                     31460 
_refine.ls_number_reflns_all                     ? 
_refine.pdbx_ls_cross_valid_method               THROUGHOUT 
_refine.ls_matrix_type                           ? 
_refine.pdbx_R_Free_selection_details            RANDOM 
_refine.details                                  
'HYDROGENS HAVE BEEN ADDED IN THE RIDING POSITIONS U VALUES      : REFINED INDIVIDUALLY' 
_refine.ls_R_factor_all                          ? 
_refine.ls_R_factor_obs                          0.1818 
_refine.ls_R_factor_R_work                       0.1807 
_refine.ls_wR_factor_R_work                      ? 
_refine.ls_R_factor_R_free                       0.2041 
_refine.ls_wR_factor_R_free                      ? 
_refine.ls_percent_reflns_R_free                 5.0000 
_refine.ls_number_reflns_R_free                  1652 
_refine.ls_number_reflns_R_work                  ? 
_refine.ls_R_factor_R_free_error                 ? 
_refine.B_iso_mean                               20.2400 
_refine.solvent_model_param_bsol                 ? 
_refine.solvent_model_param_ksol                 ? 
_refine.pdbx_isotropic_thermal_model             ? 
_refine.aniso_B[1][1]                            0.0000 
_refine.aniso_B[2][2]                            0.8000 
_refine.aniso_B[3][3]                            -0.9200 
_refine.aniso_B[1][2]                            -0.0000 
_refine.aniso_B[1][3]                            0.5100 
_refine.aniso_B[2][3]                            0.0000 
_refine.correlation_coeff_Fo_to_Fc               0.9670 
_refine.correlation_coeff_Fo_to_Fc_free          0.9570 
_refine.overall_SU_R_Cruickshank_DPI             ? 
_refine.pdbx_overall_SU_R_free_Cruickshank_DPI   ? 
_refine.pdbx_overall_SU_R_Blow_DPI               ? 
_refine.pdbx_overall_SU_R_free_Blow_DPI          ? 
_refine.overall_SU_R_free                        ? 
_refine.pdbx_overall_ESU_R                       0.0730 
_refine.pdbx_overall_ESU_R_Free                  0.0700 
_refine.overall_SU_ML                            0.0620 
_refine.overall_SU_B                             1.5340 
_refine.solvent_model_details                    MASK 
_refine.pdbx_solvent_vdw_probe_radii             1.2000 
_refine.pdbx_solvent_ion_probe_radii             0.8000 
_refine.pdbx_solvent_shrinkage_radii             0.8000 
_refine.ls_number_parameters                     ? 
_refine.ls_number_restraints                     ? 
_refine.pdbx_starting_model                      7av9 
_refine.pdbx_method_to_determine_struct          'FOURIER SYNTHESIS' 
_refine.pdbx_stereochemistry_target_values       'MAXIMUM LIKELIHOOD' 
_refine.pdbx_stereochem_target_val_spec_case     ? 
_refine.overall_FOM_work_R_set                   ? 
_refine.B_iso_max                                747.770 
_refine.B_iso_min                                10.270 
_refine.pdbx_overall_phase_error                 ? 
_refine.occupancy_max                            ? 
_refine.occupancy_min                            ? 
_refine.pdbx_diffrn_id                           1 
_refine.pdbx_TLS_residual_ADP_flag               ? 
_refine.pdbx_ls_sigma_I                          ? 
_refine.pdbx_data_cutoff_high_rms_absF           ? 
_refine.ls_R_factor_R_free_error_details         ? 
# 
_refine_hist.cycle_id                         final 
_refine_hist.pdbx_refine_id                   'X-RAY DIFFRACTION' 
_refine_hist.d_res_high                       1.1600 
_refine_hist.d_res_low                        55.5700 
_refine_hist.pdbx_number_atoms_ligand         22 
_refine_hist.number_atoms_solvent             201 
_refine_hist.number_atoms_total               1226 
_refine_hist.pdbx_number_residues_total       121 
_refine_hist.pdbx_B_iso_mean_ligand           21.21 
_refine_hist.pdbx_B_iso_mean_solvent          32.27 
_refine_hist.pdbx_number_atoms_protein        1003 
_refine_hist.pdbx_number_atoms_nucleic_acid   0 
# 
loop_
_refine_ls_restr.pdbx_refine_id 
_refine_ls_restr.type 
_refine_ls_restr.number 
_refine_ls_restr.dev_ideal 
_refine_ls_restr.dev_ideal_target 
_refine_ls_restr.weight 
_refine_ls_restr.pdbx_restraint_function 
'X-RAY DIFFRACTION' r_bond_refined_d       2693 0.012  0.015  ? ? 
'X-RAY DIFFRACTION' r_bond_other_d         1820 0.001  0.014  ? ? 
'X-RAY DIFFRACTION' r_angle_refined_deg    2768 1.624  1.664  ? ? 
'X-RAY DIFFRACTION' r_angle_other_deg      4267 1.437  1.583  ? ? 
'X-RAY DIFFRACTION' r_dihedral_angle_1_deg 267  6.316  5.000  ? ? 
'X-RAY DIFFRACTION' r_dihedral_angle_2_deg 110  23.481 20.818 ? ? 
'X-RAY DIFFRACTION' r_dihedral_angle_3_deg 332  12.708 15.000 ? ? 
'X-RAY DIFFRACTION' r_dihedral_angle_4_deg 15   11.573 15.000 ? ? 
'X-RAY DIFFRACTION' r_chiral_restr         256  0.084  0.200  ? ? 
'X-RAY DIFFRACTION' r_gen_planes_refined   2449 0.009  0.020  ? ? 
'X-RAY DIFFRACTION' r_gen_planes_other     485  0.003  0.020  ? ? 
'X-RAY DIFFRACTION' r_mcbond_it            1301 1.584  2.027  ? ? 
'X-RAY DIFFRACTION' r_mcbond_other         1233 1.624  1.898  ? ? 
'X-RAY DIFFRACTION' r_mcangle_it           1253 3.238  2.740  ? ? 
# 
_refine_ls_shell.d_res_high                       1.1560 
_refine_ls_shell.d_res_low                        1.1860 
_refine_ls_shell.pdbx_total_number_of_bins_used   20 
_refine_ls_shell.percent_reflns_obs               9.1100 
_refine_ls_shell.number_reflns_R_work             282 
_refine_ls_shell.R_factor_all                     ? 
_refine_ls_shell.R_factor_R_work                  0.5500 
_refine_ls_shell.R_factor_R_free                  0.6360 
_refine_ls_shell.percent_reflns_R_free            ? 
_refine_ls_shell.number_reflns_R_free             9 
_refine_ls_shell.R_factor_R_free_error            ? 
_refine_ls_shell.number_reflns_all                291 
_refine_ls_shell.number_reflns_obs                ? 
_refine_ls_shell.pdbx_refine_id                   'X-RAY DIFFRACTION' 
# 
_struct.entry_id                  7FUU 
_struct.title                     'PanDDA analysis group deposition -- PHIP in complex with Z445977856' 
_struct.pdbx_model_details        ? 
_struct.pdbx_CASP_flag            ? 
_struct.pdbx_model_type_details   ? 
# 
_struct_keywords.entry_id        7FUU 
_struct_keywords.text            
'False negatives, ligand features, rescreening, catalogue, fragment follow-ups, automated chemistry, SIGNALING PROTEIN' 
_struct_keywords.pdbx_keywords   'SIGNALING PROTEIN' 
# 
loop_
_struct_asym.id 
_struct_asym.pdbx_blank_PDB_chainid_flag 
_struct_asym.pdbx_modified 
_struct_asym.entity_id 
_struct_asym.details 
A N N 1 ? 
B N N 2 ? 
C N N 3 ? 
# 
_struct_ref.id                         1 
_struct_ref.db_name                    UNP 
_struct_ref.db_code                    PHIP_HUMAN 
_struct_ref.pdbx_db_accession          Q8WWQ0 
_struct_ref.pdbx_db_isoform            ? 
_struct_ref.entity_id                  1 
_struct_ref.pdbx_seq_one_letter_code   
;SYDIQAWKKQCEELLNLIFQCEDSEPFRQPVDLLEYPDYRDIIDTPMDFATVRETLEAGNYESPMELCKDVRLIFSNSKA
YTPSKRSRIYSMSLRLSAFFEEHISSVLSDYKSALRFHKRNTITKR
;
_struct_ref.pdbx_align_begin           1315 
# 
_struct_ref_seq.align_id                      1 
_struct_ref_seq.ref_id                        1 
_struct_ref_seq.pdbx_PDB_id_code              7FUU 
_struct_ref_seq.pdbx_strand_id                A 
_struct_ref_seq.seq_align_beg                 24 
_struct_ref_seq.pdbx_seq_align_beg_ins_code   ? 
_struct_ref_seq.seq_align_end                 149 
_struct_ref_seq.pdbx_seq_align_end_ins_code   ? 
_struct_ref_seq.pdbx_db_accession             Q8WWQ0 
_struct_ref_seq.db_align_beg                  1315 
_struct_ref_seq.pdbx_db_align_beg_ins_code    ? 
_struct_ref_seq.db_align_end                  1440 
_struct_ref_seq.pdbx_db_align_end_ins_code    ? 
_struct_ref_seq.pdbx_auth_seq_align_beg       1315 
_struct_ref_seq.pdbx_auth_seq_align_end       1440 
# 
loop_
_struct_ref_seq_dif.align_id 
_struct_ref_seq_dif.pdbx_pdb_id_code 
_struct_ref_seq_dif.mon_id 
_struct_ref_seq_dif.pdbx_pdb_strand_id 
_struct_ref_seq_dif.seq_num 
_struct_ref_seq_dif.pdbx_pdb_ins_code 
_struct_ref_seq_dif.pdbx_seq_db_name 
_struct_ref_seq_dif.pdbx_seq_db_accession_code 
_struct_ref_seq_dif.db_mon_id 
_struct_ref_seq_dif.pdbx_seq_db_seq_num 
_struct_ref_seq_dif.details 
_struct_ref_seq_dif.pdbx_auth_seq_num 
_struct_ref_seq_dif.pdbx_ordinal 
1 7FUU MET A 1  ? UNP Q8WWQ0 ? ? 'initiating methionine' 1292 1  
1 7FUU HIS A 2  ? UNP Q8WWQ0 ? ? 'expression tag'        1293 2  
1 7FUU HIS A 3  ? UNP Q8WWQ0 ? ? 'expression tag'        1294 3  
1 7FUU HIS A 4  ? UNP Q8WWQ0 ? ? 'expression tag'        1295 4  
1 7FUU HIS A 5  ? UNP Q8WWQ0 ? ? 'expression tag'        1296 5  
1 7FUU HIS A 6  ? UNP Q8WWQ0 ? ? 'expression tag'        1297 6  
1 7FUU HIS A 7  ? UNP Q8WWQ0 ? ? 'expression tag'        1298 7  
1 7FUU SER A 8  ? UNP Q8WWQ0 ? ? 'expression tag'        1299 8  
1 7FUU SER A 9  ? UNP Q8WWQ0 ? ? 'expression tag'        1300 9  
1 7FUU GLY A 10 ? UNP Q8WWQ0 ? ? 'expression tag'        1301 10 
1 7FUU VAL A 11 ? UNP Q8WWQ0 ? ? 'expression tag'        1302 11 
1 7FUU ASP A 12 ? UNP Q8WWQ0 ? ? 'expression tag'        1303 12 
1 7FUU LEU A 13 ? UNP Q8WWQ0 ? ? 'expression tag'        1304 13 
1 7FUU GLY A 14 ? UNP Q8WWQ0 ? ? 'expression tag'        1305 14 
1 7FUU THR A 15 ? UNP Q8WWQ0 ? ? 'expression tag'        1306 15 
1 7FUU GLU A 16 ? UNP Q8WWQ0 ? ? 'expression tag'        1307 16 
1 7FUU ASN A 17 ? UNP Q8WWQ0 ? ? 'expression tag'        1308 17 
1 7FUU LEU A 18 ? UNP Q8WWQ0 ? ? 'expression tag'        1309 18 
1 7FUU TYR A 19 ? UNP Q8WWQ0 ? ? 'expression tag'        1310 19 
1 7FUU PHE A 20 ? UNP Q8WWQ0 ? ? 'expression tag'        1311 20 
1 7FUU GLN A 21 ? UNP Q8WWQ0 ? ? 'expression tag'        1312 21 
1 7FUU SER A 22 ? UNP Q8WWQ0 ? ? 'expression tag'        1313 22 
1 7FUU MET A 23 ? UNP Q8WWQ0 ? ? 'expression tag'        1314 23 
# 
_pdbx_struct_assembly.id                   1 
_pdbx_struct_assembly.details              author_and_software_defined_assembly 
_pdbx_struct_assembly.method_details       PISA 
_pdbx_struct_assembly.oligomeric_details   monomeric 
_pdbx_struct_assembly.oligomeric_count     1 
# 
_pdbx_struct_assembly_gen.assembly_id       1 
_pdbx_struct_assembly_gen.oper_expression   1 
_pdbx_struct_assembly_gen.asym_id_list      A,B,C 
# 
_pdbx_struct_oper_list.id                   1 
_pdbx_struct_oper_list.type                 'identity operation' 
_pdbx_struct_oper_list.name                 1_555 
_pdbx_struct_oper_list.symmetry_operation   x,y,z 
_pdbx_struct_oper_list.matrix[1][1]         1.0000000000 
_pdbx_struct_oper_list.matrix[1][2]         0.0000000000 
_pdbx_struct_oper_list.matrix[1][3]         0.0000000000 
_pdbx_struct_oper_list.vector[1]            0.0000000000 
_pdbx_struct_oper_list.matrix[2][1]         0.0000000000 
_pdbx_struct_oper_list.matrix[2][2]         1.0000000000 
_pdbx_struct_oper_list.matrix[2][3]         0.0000000000 
_pdbx_struct_oper_list.vector[2]            0.0000000000 
_pdbx_struct_oper_list.matrix[3][1]         0.0000000000 
_pdbx_struct_oper_list.matrix[3][2]         0.0000000000 
_pdbx_struct_oper_list.matrix[3][3]         1.0000000000 
_pdbx_struct_oper_list.vector[3]            0.0000000000 
# 
loop_
_struct_conf.conf_type_id 
_struct_conf.id 
_struct_conf.pdbx_PDB_helix_id 
_struct_conf.beg_label_comp_id 
_struct_conf.beg_label_asym_id 
_struct_conf.beg_label_seq_id 
_struct_conf.pdbx_beg_PDB_ins_code 
_struct_conf.end_label_comp_id 
_struct_conf.end_label_asym_id 
_struct_conf.end_label_seq_id 
_struct_conf.pdbx_end_PDB_ins_code 
_struct_conf.beg_auth_comp_id 
_struct_conf.beg_auth_asym_id 
_struct_conf.beg_auth_seq_id 
_struct_conf.end_auth_comp_id 
_struct_conf.end_auth_asym_id 
_struct_conf.end_auth_seq_id 
_struct_conf.pdbx_PDB_helix_class 
_struct_conf.details 
_struct_conf.pdbx_PDB_helix_length 
HELX_P HELX_P1 AA1 ALA A 29  ? CYS A 44  ? ALA A 1320 CYS A 1335 1 ? 16 
HELX_P HELX_P2 AA2 GLU A 45  ? ARG A 51  ? GLU A 1336 ARG A 1342 5 ? 7  
HELX_P HELX_P3 AA3 ASP A 61  ? ILE A 66  ? ASP A 1352 ILE A 1357 1 ? 6  
HELX_P HELX_P4 AA4 ASP A 71  ? ALA A 81  ? ASP A 1362 ALA A 1372 1 ? 11 
HELX_P HELX_P5 AA5 SER A 86  ? THR A 105 ? SER A 1377 THR A 1396 1 ? 20 
HELX_P HELX_P6 AA6 SER A 110 ? ARG A 143 ? SER A 1401 ARG A 1434 1 ? 34 
# 
_struct_conf_type.id          HELX_P 
_struct_conf_type.criteria    ? 
_struct_conf_type.reference   ? 
# 
_pdbx_validate_close_contact.id               1 
_pdbx_validate_close_contact.PDB_model_num    1 
_pdbx_validate_close_contact.auth_atom_id_1   OD1 
_pdbx_validate_close_contact.auth_asym_id_1   A 
_pdbx_validate_close_contact.auth_comp_id_1   ASP 
_pdbx_validate_close_contact.auth_seq_id_1    1355 
_pdbx_validate_close_contact.PDB_ins_code_1   ? 
_pdbx_validate_close_contact.label_alt_id_1   ? 
_pdbx_validate_close_contact.auth_atom_id_2   O 
_pdbx_validate_close_contact.auth_asym_id_2   A 
_pdbx_validate_close_contact.auth_comp_id_2   HOH 
_pdbx_validate_close_contact.auth_seq_id_2    2001 
_pdbx_validate_close_contact.PDB_ins_code_2   ? 
_pdbx_validate_close_contact.label_alt_id_2   ? 
_pdbx_validate_close_contact.dist             2.19 
# 
_pdbx_validate_symm_contact.id                1 
_pdbx_validate_symm_contact.PDB_model_num     1 
_pdbx_validate_symm_contact.auth_atom_id_1    O 
_pdbx_validate_symm_contact.auth_asym_id_1    A 
_pdbx_validate_symm_contact.auth_comp_id_1    HOH 
_pdbx_validate_symm_contact.auth_seq_id_1     2155 
_pdbx_validate_symm_contact.PDB_ins_code_1    ? 
_pdbx_validate_symm_contact.label_alt_id_1    ? 
_pdbx_validate_symm_contact.site_symmetry_1   1_555 
_pdbx_validate_symm_contact.auth_atom_id_2    O 
_pdbx_validate_symm_contact.auth_asym_id_2    A 
_pdbx_validate_symm_contact.auth_comp_id_2    HOH 
_pdbx_validate_symm_contact.auth_seq_id_2     2178 
_pdbx_validate_symm_contact.PDB_ins_code_2    ? 
_pdbx_validate_symm_contact.label_alt_id_2    ? 
_pdbx_validate_symm_contact.site_symmetry_2   4_445 
_pdbx_validate_symm_contact.dist              2.13 
# 
loop_
_pdbx_validate_rmsd_bond.id 
_pdbx_validate_rmsd_bond.PDB_model_num 
_pdbx_validate_rmsd_bond.auth_atom_id_1 
_pdbx_validate_rmsd_bond.auth_asym_id_1 
_pdbx_validate_rmsd_bond.auth_comp_id_1 
_pdbx_validate_rmsd_bond.auth_seq_id_1 
_pdbx_validate_rmsd_bond.PDB_ins_code_1 
_pdbx_validate_rmsd_bond.label_alt_id_1 
_pdbx_validate_rmsd_bond.auth_atom_id_2 
_pdbx_validate_rmsd_bond.auth_asym_id_2 
_pdbx_validate_rmsd_bond.auth_comp_id_2 
_pdbx_validate_rmsd_bond.auth_seq_id_2 
_pdbx_validate_rmsd_bond.PDB_ins_code_2 
_pdbx_validate_rmsd_bond.label_alt_id_2 
_pdbx_validate_rmsd_bond.bond_value 
_pdbx_validate_rmsd_bond.bond_target_value 
_pdbx_validate_rmsd_bond.bond_deviation 
_pdbx_validate_rmsd_bond.bond_standard_deviation 
_pdbx_validate_rmsd_bond.linker_flag 
1 1 CD A GLU 1371 ? ? OE2 A GLU 1371 ? ? 1.325 1.252 0.073 0.011 N 
2 1 C  A SER 1419 ? A O   A SER 1419 ? A 1.419 1.229 0.190 0.019 N 
# 
loop_
_pdbx_struct_special_symmetry.id 
_pdbx_struct_special_symmetry.PDB_model_num 
_pdbx_struct_special_symmetry.auth_asym_id 
_pdbx_struct_special_symmetry.auth_comp_id 
_pdbx_struct_special_symmetry.auth_seq_id 
_pdbx_struct_special_symmetry.PDB_ins_code 
_pdbx_struct_special_symmetry.label_asym_id 
_pdbx_struct_special_symmetry.label_comp_id 
_pdbx_struct_special_symmetry.label_seq_id 
1 1 A HOH 2124 ? C HOH . 
2 1 A HOH 2192 ? C HOH . 
# 
_phasing.method   MR 
# 
_pdbx_entry_details.entry_id                 7FUU 
_pdbx_entry_details.compound_details         ? 
_pdbx_entry_details.source_details           ? 
_pdbx_entry_details.nonpolymer_details       ? 
_pdbx_entry_details.sequence_details         ? 
_pdbx_entry_details.has_ligand_of_interest   Y 
# 
loop_
_pdbx_unobs_or_zero_occ_residues.id 
_pdbx_unobs_or_zero_occ_residues.PDB_model_num 
_pdbx_unobs_or_zero_occ_residues.polymer_flag 
_pdbx_unobs_or_zero_occ_residues.occupancy_flag 
_pdbx_unobs_or_zero_occ_residues.auth_asym_id 
_pdbx_unobs_or_zero_occ_residues.auth_comp_id 
_pdbx_unobs_or_zero_occ_residues.auth_seq_id 
_pdbx_unobs_or_zero_occ_residues.PDB_ins_code 
_pdbx_unobs_or_zero_occ_residues.label_asym_id 
_pdbx_unobs_or_zero_occ_residues.label_comp_id 
_pdbx_unobs_or_zero_occ_residues.label_seq_id 
1  1 Y 1 A MET 1292 ? A MET 1   
2  1 Y 1 A HIS 1293 ? A HIS 2   
3  1 Y 1 A HIS 1294 ? A HIS 3   
4  1 Y 1 A HIS 1295 ? A HIS 4   
5  1 Y 1 A HIS 1296 ? A HIS 5   
6  1 Y 1 A HIS 1297 ? A HIS 6   
7  1 Y 1 A HIS 1298 ? A HIS 7   
8  1 Y 1 A SER 1299 ? A SER 8   
9  1 Y 1 A SER 1300 ? A SER 9   
10 1 Y 1 A GLY 1301 ? A GLY 10  
11 1 Y 1 A VAL 1302 ? A VAL 11  
12 1 Y 1 A ASP 1303 ? A ASP 12  
13 1 Y 1 A LEU 1304 ? A LEU 13  
14 1 Y 1 A GLY 1305 ? A GLY 14  
15 1 Y 1 A THR 1306 ? A THR 15  
16 1 Y 1 A GLU 1307 ? A GLU 16  
17 1 Y 1 A ASN 1308 ? A ASN 17  
18 1 Y 1 A LEU 1309 ? A LEU 18  
19 1 Y 1 A TYR 1310 ? A TYR 19  
20 1 Y 1 A PHE 1311 ? A PHE 20  
21 1 Y 1 A GLN 1312 ? A GLN 21  
22 1 Y 1 A SER 1313 ? A SER 22  
23 1 Y 1 A MET 1314 ? A MET 23  
24 1 Y 1 A THR 1436 ? A THR 145 
25 1 Y 1 A ILE 1437 ? A ILE 146 
26 1 Y 1 A THR 1438 ? A THR 147 
27 1 Y 1 A LYS 1439 ? A LYS 148 
28 1 Y 1 A ARG 1440 ? A ARG 149 
# 
loop_
_chem_comp_atom.comp_id 
_chem_comp_atom.atom_id 
_chem_comp_atom.type_symbol 
_chem_comp_atom.pdbx_aromatic_flag 
_chem_comp_atom.pdbx_stereo_config 
_chem_comp_atom.pdbx_ordinal 
ALA N    N N N 1   
ALA CA   C N S 2   
ALA C    C N N 3   
ALA O    O N N 4   
ALA CB   C N N 5   
ALA OXT  O N N 6   
ALA H    H N N 7   
ALA H2   H N N 8   
ALA HA   H N N 9   
ALA HB1  H N N 10  
ALA HB2  H N N 11  
ALA HB3  H N N 12  
ALA HXT  H N N 13  
ARG N    N N N 14  
ARG CA   C N S 15  
ARG C    C N N 16  
ARG O    O N N 17  
ARG CB   C N N 18  
ARG CG   C N N 19  
ARG CD   C N N 20  
ARG NE   N N N 21  
ARG CZ   C N N 22  
ARG NH1  N N N 23  
ARG NH2  N N N 24  
ARG OXT  O N N 25  
ARG H    H N N 26  
ARG H2   H N N 27  
ARG HA   H N N 28  
ARG HB2  H N N 29  
ARG HB3  H N N 30  
ARG HG2  H N N 31  
ARG HG3  H N N 32  
ARG HD2  H N N 33  
ARG HD3  H N N 34  
ARG HE   H N N 35  
ARG HH11 H N N 36  
ARG HH12 H N N 37  
ARG HH21 H N N 38  
ARG HH22 H N N 39  
ARG HXT  H N N 40  
ASN N    N N N 41  
ASN CA   C N S 42  
ASN C    C N N 43  
ASN O    O N N 44  
ASN CB   C N N 45  
ASN CG   C N N 46  
ASN OD1  O N N 47  
ASN ND2  N N N 48  
ASN OXT  O N N 49  
ASN H    H N N 50  
ASN H2   H N N 51  
ASN HA   H N N 52  
ASN HB2  H N N 53  
ASN HB3  H N N 54  
ASN HD21 H N N 55  
ASN HD22 H N N 56  
ASN HXT  H N N 57  
ASP N    N N N 58  
ASP CA   C N S 59  
ASP C    C N N 60  
ASP O    O N N 61  
ASP CB   C N N 62  
ASP CG   C N N 63  
ASP OD1  O N N 64  
ASP OD2  O N N 65  
ASP OXT  O N N 66  
ASP H    H N N 67  
ASP H2   H N N 68  
ASP HA   H N N 69  
ASP HB2  H N N 70  
ASP HB3  H N N 71  
ASP HD2  H N N 72  
ASP HXT  H N N 73  
CYS N    N N N 74  
CYS CA   C N R 75  
CYS C    C N N 76  
CYS O    O N N 77  
CYS CB   C N N 78  
CYS SG   S N N 79  
CYS OXT  O N N 80  
CYS H    H N N 81  
CYS H2   H N N 82  
CYS HA   H N N 83  
CYS HB2  H N N 84  
CYS HB3  H N N 85  
CYS HG   H N N 86  
CYS HXT  H N N 87  
GLN N    N N N 88  
GLN CA   C N S 89  
GLN C    C N N 90  
GLN O    O N N 91  
GLN CB   C N N 92  
GLN CG   C N N 93  
GLN CD   C N N 94  
GLN OE1  O N N 95  
GLN NE2  N N N 96  
GLN OXT  O N N 97  
GLN H    H N N 98  
GLN H2   H N N 99  
GLN HA   H N N 100 
GLN HB2  H N N 101 
GLN HB3  H N N 102 
GLN HG2  H N N 103 
GLN HG3  H N N 104 
GLN HE21 H N N 105 
GLN HE22 H N N 106 
GLN HXT  H N N 107 
GLU N    N N N 108 
GLU CA   C N S 109 
GLU C    C N N 110 
GLU O    O N N 111 
GLU CB   C N N 112 
GLU CG   C N N 113 
GLU CD   C N N 114 
GLU OE1  O N N 115 
GLU OE2  O N N 116 
GLU OXT  O N N 117 
GLU H    H N N 118 
GLU H2   H N N 119 
GLU HA   H N N 120 
GLU HB2  H N N 121 
GLU HB3  H N N 122 
GLU HG2  H N N 123 
GLU HG3  H N N 124 
GLU HE2  H N N 125 
GLU HXT  H N N 126 
GLY N    N N N 127 
GLY CA   C N N 128 
GLY C    C N N 129 
GLY O    O N N 130 
GLY OXT  O N N 131 
GLY H    H N N 132 
GLY H2   H N N 133 
GLY HA2  H N N 134 
GLY HA3  H N N 135 
GLY HXT  H N N 136 
HIS N    N N N 137 
HIS CA   C N S 138 
HIS C    C N N 139 
HIS O    O N N 140 
HIS CB   C N N 141 
HIS CG   C Y N 142 
HIS ND1  N Y N 143 
HIS CD2  C Y N 144 
HIS CE1  C Y N 145 
HIS NE2  N Y N 146 
HIS OXT  O N N 147 
HIS H    H N N 148 
HIS H2   H N N 149 
HIS HA   H N N 150 
HIS HB2  H N N 151 
HIS HB3  H N N 152 
HIS HD1  H N N 153 
HIS HD2  H N N 154 
HIS HE1  H N N 155 
HIS HE2  H N N 156 
HIS HXT  H N N 157 
HOH O    O N N 158 
HOH H1   H N N 159 
HOH H2   H N N 160 
ILE N    N N N 161 
ILE CA   C N S 162 
ILE C    C N N 163 
ILE O    O N N 164 
ILE CB   C N S 165 
ILE CG1  C N N 166 
ILE CG2  C N N 167 
ILE CD1  C N N 168 
ILE OXT  O N N 169 
ILE H    H N N 170 
ILE H2   H N N 171 
ILE HA   H N N 172 
ILE HB   H N N 173 
ILE HG12 H N N 174 
ILE HG13 H N N 175 
ILE HG21 H N N 176 
ILE HG22 H N N 177 
ILE HG23 H N N 178 
ILE HD11 H N N 179 
ILE HD12 H N N 180 
ILE HD13 H N N 181 
ILE HXT  H N N 182 
LEU N    N N N 183 
LEU CA   C N S 184 
LEU C    C N N 185 
LEU O    O N N 186 
LEU CB   C N N 187 
LEU CG   C N N 188 
LEU CD1  C N N 189 
LEU CD2  C N N 190 
LEU OXT  O N N 191 
LEU H    H N N 192 
LEU H2   H N N 193 
LEU HA   H N N 194 
LEU HB2  H N N 195 
LEU HB3  H N N 196 
LEU HG   H N N 197 
LEU HD11 H N N 198 
LEU HD12 H N N 199 
LEU HD13 H N N 200 
LEU HD21 H N N 201 
LEU HD22 H N N 202 
LEU HD23 H N N 203 
LEU HXT  H N N 204 
LYS N    N N N 205 
LYS CA   C N S 206 
LYS C    C N N 207 
LYS O    O N N 208 
LYS CB   C N N 209 
LYS CG   C N N 210 
LYS CD   C N N 211 
LYS CE   C N N 212 
LYS NZ   N N N 213 
LYS OXT  O N N 214 
LYS H    H N N 215 
LYS H2   H N N 216 
LYS HA   H N N 217 
LYS HB2  H N N 218 
LYS HB3  H N N 219 
LYS HG2  H N N 220 
LYS HG3  H N N 221 
LYS HD2  H N N 222 
LYS HD3  H N N 223 
LYS HE2  H N N 224 
LYS HE3  H N N 225 
LYS HZ1  H N N 226 
LYS HZ2  H N N 227 
LYS HZ3  H N N 228 
LYS HXT  H N N 229 
MET N    N N N 230 
MET CA   C N S 231 
MET C    C N N 232 
MET O    O N N 233 
MET CB   C N N 234 
MET CG   C N N 235 
MET SD   S N N 236 
MET CE   C N N 237 
MET OXT  O N N 238 
MET H    H N N 239 
MET H2   H N N 240 
MET HA   H N N 241 
MET HB2  H N N 242 
MET HB3  H N N 243 
MET HG2  H N N 244 
MET HG3  H N N 245 
MET HE1  H N N 246 
MET HE2  H N N 247 
MET HE3  H N N 248 
MET HXT  H N N 249 
PHE N    N N N 250 
PHE CA   C N S 251 
PHE C    C N N 252 
PHE O    O N N 253 
PHE CB   C N N 254 
PHE CG   C Y N 255 
PHE CD1  C Y N 256 
PHE CD2  C Y N 257 
PHE CE1  C Y N 258 
PHE CE2  C Y N 259 
PHE CZ   C Y N 260 
PHE OXT  O N N 261 
PHE H    H N N 262 
PHE H2   H N N 263 
PHE HA   H N N 264 
PHE HB2  H N N 265 
PHE HB3  H N N 266 
PHE HD1  H N N 267 
PHE HD2  H N N 268 
PHE HE1  H N N 269 
PHE HE2  H N N 270 
PHE HZ   H N N 271 
PHE HXT  H N N 272 
PRO N    N N N 273 
PRO CA   C N S 274 
PRO C    C N N 275 
PRO O    O N N 276 
PRO CB   C N N 277 
PRO CG   C N N 278 
PRO CD   C N N 279 
PRO OXT  O N N 280 
PRO H    H N N 281 
PRO HA   H N N 282 
PRO HB2  H N N 283 
PRO HB3  H N N 284 
PRO HG2  H N N 285 
PRO HG3  H N N 286 
PRO HD2  H N N 287 
PRO HD3  H N N 288 
PRO HXT  H N N 289 
SER N    N N N 290 
SER CA   C N S 291 
SER C    C N N 292 
SER O    O N N 293 
SER CB   C N N 294 
SER OG   O N N 295 
SER OXT  O N N 296 
SER H    H N N 297 
SER H2   H N N 298 
SER HA   H N N 299 
SER HB2  H N N 300 
SER HB3  H N N 301 
SER HG   H N N 302 
SER HXT  H N N 303 
THR N    N N N 304 
THR CA   C N S 305 
THR C    C N N 306 
THR O    O N N 307 
THR CB   C N R 308 
THR OG1  O N N 309 
THR CG2  C N N 310 
THR OXT  O N N 311 
THR H    H N N 312 
THR H2   H N N 313 
THR HA   H N N 314 
THR HB   H N N 315 
THR HG1  H N N 316 
THR HG21 H N N 317 
THR HG22 H N N 318 
THR HG23 H N N 319 
THR HXT  H N N 320 
TRP N    N N N 321 
TRP CA   C N S 322 
TRP C    C N N 323 
TRP O    O N N 324 
TRP CB   C N N 325 
TRP CG   C Y N 326 
TRP CD1  C Y N 327 
TRP CD2  C Y N 328 
TRP NE1  N Y N 329 
TRP CE2  C Y N 330 
TRP CE3  C Y N 331 
TRP CZ2  C Y N 332 
TRP CZ3  C Y N 333 
TRP CH2  C Y N 334 
TRP OXT  O N N 335 
TRP H    H N N 336 
TRP H2   H N N 337 
TRP HA   H N N 338 
TRP HB2  H N N 339 
TRP HB3  H N N 340 
TRP HD1  H N N 341 
TRP HE1  H N N 342 
TRP HE3  H N N 343 
TRP HZ2  H N N 344 
TRP HZ3  H N N 345 
TRP HH2  H N N 346 
TRP HXT  H N N 347 
TYR N    N N N 348 
TYR CA   C N S 349 
TYR C    C N N 350 
TYR O    O N N 351 
TYR CB   C N N 352 
TYR CG   C Y N 353 
TYR CD1  C Y N 354 
TYR CD2  C Y N 355 
TYR CE1  C Y N 356 
TYR CE2  C Y N 357 
TYR CZ   C Y N 358 
TYR OH   O N N 359 
TYR OXT  O N N 360 
TYR H    H N N 361 
TYR H2   H N N 362 
TYR HA   H N N 363 
TYR HB2  H N N 364 
TYR HB3  H N N 365 
TYR HD1  H N N 366 
TYR HD2  H N N 367 
TYR HE1  H N N 368 
TYR HE2  H N N 369 
TYR HH   H N N 370 
TYR HXT  H N N 371 
VAL N    N N N 372 
VAL CA   C N S 373 
VAL C    C N N 374 
VAL O    O N N 375 
VAL CB   C N N 376 
VAL CG1  C N N 377 
VAL CG2  C N N 378 
VAL OXT  O N N 379 
VAL H    H N N 380 
VAL H2   H N N 381 
VAL HA   H N N 382 
VAL HB   H N N 383 
VAL HG11 H N N 384 
VAL HG12 H N N 385 
VAL HG13 H N N 386 
VAL HG21 H N N 387 
VAL HG22 H N N 388 
VAL HG23 H N N 389 
VAL HXT  H N N 390 
ZJE N1   N N N 391 
ZJE N3   N N N 392 
ZJE C4   C N N 393 
ZJE C5   C N N 394 
ZJE C6   C N N 395 
ZJE C7   C N N 396 
ZJE C8   C N N 397 
ZJE C10  C N N 398 
ZJE C13  C Y N 399 
ZJE C15  C Y N 400 
ZJE C1   C N N 401 
ZJE C11  C N N 402 
ZJE C12  C Y N 403 
ZJE C14  C Y N 404 
ZJE C2   C N N 405 
ZJE C3   C N R 406 
ZJE C9   C N N 407 
ZJE N2   N N N 408 
ZJE O1   O N N 409 
ZJE O2   O N N 410 
ZJE O3   O N N 411 
ZJE S1   S Y N 412 
ZJE H1   H N N 413 
ZJE H5   H N N 414 
ZJE H6   H N N 415 
ZJE H7   H N N 416 
ZJE H8   H N N 417 
ZJE H9   H N N 418 
ZJE H10  H N N 419 
ZJE H11  H N N 420 
ZJE H12  H N N 421 
ZJE H13  H N N 422 
ZJE H14  H N N 423 
ZJE H17  H N N 424 
ZJE H18  H N N 425 
ZJE H19  H N N 426 
ZJE H21  H N N 427 
ZJE H20  H N N 428 
ZJE H2   H N N 429 
ZJE H3   H N N 430 
ZJE H4   H N N 431 
ZJE H15  H N N 432 
ZJE H16  H N N 433 
# 
loop_
_chem_comp_bond.comp_id 
_chem_comp_bond.atom_id_1 
_chem_comp_bond.atom_id_2 
_chem_comp_bond.value_order 
_chem_comp_bond.pdbx_aromatic_flag 
_chem_comp_bond.pdbx_stereo_config 
_chem_comp_bond.pdbx_ordinal 
ALA N   CA   sing N N 1   
ALA N   H    sing N N 2   
ALA N   H2   sing N N 3   
ALA CA  C    sing N N 4   
ALA CA  CB   sing N N 5   
ALA CA  HA   sing N N 6   
ALA C   O    doub N N 7   
ALA C   OXT  sing N N 8   
ALA CB  HB1  sing N N 9   
ALA CB  HB2  sing N N 10  
ALA CB  HB3  sing N N 11  
ALA OXT HXT  sing N N 12  
ARG N   CA   sing N N 13  
ARG N   H    sing N N 14  
ARG N   H2   sing N N 15  
ARG CA  C    sing N N 16  
ARG CA  CB   sing N N 17  
ARG CA  HA   sing N N 18  
ARG C   O    doub N N 19  
ARG C   OXT  sing N N 20  
ARG CB  CG   sing N N 21  
ARG CB  HB2  sing N N 22  
ARG CB  HB3  sing N N 23  
ARG CG  CD   sing N N 24  
ARG CG  HG2  sing N N 25  
ARG CG  HG3  sing N N 26  
ARG CD  NE   sing N N 27  
ARG CD  HD2  sing N N 28  
ARG CD  HD3  sing N N 29  
ARG NE  CZ   sing N N 30  
ARG NE  HE   sing N N 31  
ARG CZ  NH1  sing N N 32  
ARG CZ  NH2  doub N N 33  
ARG NH1 HH11 sing N N 34  
ARG NH1 HH12 sing N N 35  
ARG NH2 HH21 sing N N 36  
ARG NH2 HH22 sing N N 37  
ARG OXT HXT  sing N N 38  
ASN N   CA   sing N N 39  
ASN N   H    sing N N 40  
ASN N   H2   sing N N 41  
ASN CA  C    sing N N 42  
ASN CA  CB   sing N N 43  
ASN CA  HA   sing N N 44  
ASN C   O    doub N N 45  
ASN C   OXT  sing N N 46  
ASN CB  CG   sing N N 47  
ASN CB  HB2  sing N N 48  
ASN CB  HB3  sing N N 49  
ASN CG  OD1  doub N N 50  
ASN CG  ND2  sing N N 51  
ASN ND2 HD21 sing N N 52  
ASN ND2 HD22 sing N N 53  
ASN OXT HXT  sing N N 54  
ASP N   CA   sing N N 55  
ASP N   H    sing N N 56  
ASP N   H2   sing N N 57  
ASP CA  C    sing N N 58  
ASP CA  CB   sing N N 59  
ASP CA  HA   sing N N 60  
ASP C   O    doub N N 61  
ASP C   OXT  sing N N 62  
ASP CB  CG   sing N N 63  
ASP CB  HB2  sing N N 64  
ASP CB  HB3  sing N N 65  
ASP CG  OD1  doub N N 66  
ASP CG  OD2  sing N N 67  
ASP OD2 HD2  sing N N 68  
ASP OXT HXT  sing N N 69  
CYS N   CA   sing N N 70  
CYS N   H    sing N N 71  
CYS N   H2   sing N N 72  
CYS CA  C    sing N N 73  
CYS CA  CB   sing N N 74  
CYS CA  HA   sing N N 75  
CYS C   O    doub N N 76  
CYS C   OXT  sing N N 77  
CYS CB  SG   sing N N 78  
CYS CB  HB2  sing N N 79  
CYS CB  HB3  sing N N 80  
CYS SG  HG   sing N N 81  
CYS OXT HXT  sing N N 82  
GLN N   CA   sing N N 83  
GLN N   H    sing N N 84  
GLN N   H2   sing N N 85  
GLN CA  C    sing N N 86  
GLN CA  CB   sing N N 87  
GLN CA  HA   sing N N 88  
GLN C   O    doub N N 89  
GLN C   OXT  sing N N 90  
GLN CB  CG   sing N N 91  
GLN CB  HB2  sing N N 92  
GLN CB  HB3  sing N N 93  
GLN CG  CD   sing N N 94  
GLN CG  HG2  sing N N 95  
GLN CG  HG3  sing N N 96  
GLN CD  OE1  doub N N 97  
GLN CD  NE2  sing N N 98  
GLN NE2 HE21 sing N N 99  
GLN NE2 HE22 sing N N 100 
GLN OXT HXT  sing N N 101 
GLU N   CA   sing N N 102 
GLU N   H    sing N N 103 
GLU N   H2   sing N N 104 
GLU CA  C    sing N N 105 
GLU CA  CB   sing N N 106 
GLU CA  HA   sing N N 107 
GLU C   O    doub N N 108 
GLU C   OXT  sing N N 109 
GLU CB  CG   sing N N 110 
GLU CB  HB2  sing N N 111 
GLU CB  HB3  sing N N 112 
GLU CG  CD   sing N N 113 
GLU CG  HG2  sing N N 114 
GLU CG  HG3  sing N N 115 
GLU CD  OE1  doub N N 116 
GLU CD  OE2  sing N N 117 
GLU OE2 HE2  sing N N 118 
GLU OXT HXT  sing N N 119 
GLY N   CA   sing N N 120 
GLY N   H    sing N N 121 
GLY N   H2   sing N N 122 
GLY CA  C    sing N N 123 
GLY CA  HA2  sing N N 124 
GLY CA  HA3  sing N N 125 
GLY C   O    doub N N 126 
GLY C   OXT  sing N N 127 
GLY OXT HXT  sing N N 128 
HIS N   CA   sing N N 129 
HIS N   H    sing N N 130 
HIS N   H2   sing N N 131 
HIS CA  C    sing N N 132 
HIS CA  CB   sing N N 133 
HIS CA  HA   sing N N 134 
HIS C   O    doub N N 135 
HIS C   OXT  sing N N 136 
HIS CB  CG   sing N N 137 
HIS CB  HB2  sing N N 138 
HIS CB  HB3  sing N N 139 
HIS CG  ND1  sing Y N 140 
HIS CG  CD2  doub Y N 141 
HIS ND1 CE1  doub Y N 142 
HIS ND1 HD1  sing N N 143 
HIS CD2 NE2  sing Y N 144 
HIS CD2 HD2  sing N N 145 
HIS CE1 NE2  sing Y N 146 
HIS CE1 HE1  sing N N 147 
HIS NE2 HE2  sing N N 148 
HIS OXT HXT  sing N N 149 
HOH O   H1   sing N N 150 
HOH O   H2   sing N N 151 
ILE N   CA   sing N N 152 
ILE N   H    sing N N 153 
ILE N   H2   sing N N 154 
ILE CA  C    sing N N 155 
ILE CA  CB   sing N N 156 
ILE CA  HA   sing N N 157 
ILE C   O    doub N N 158 
ILE C   OXT  sing N N 159 
ILE CB  CG1  sing N N 160 
ILE CB  CG2  sing N N 161 
ILE CB  HB   sing N N 162 
ILE CG1 CD1  sing N N 163 
ILE CG1 HG12 sing N N 164 
ILE CG1 HG13 sing N N 165 
ILE CG2 HG21 sing N N 166 
ILE CG2 HG22 sing N N 167 
ILE CG2 HG23 sing N N 168 
ILE CD1 HD11 sing N N 169 
ILE CD1 HD12 sing N N 170 
ILE CD1 HD13 sing N N 171 
ILE OXT HXT  sing N N 172 
LEU N   CA   sing N N 173 
LEU N   H    sing N N 174 
LEU N   H2   sing N N 175 
LEU CA  C    sing N N 176 
LEU CA  CB   sing N N 177 
LEU CA  HA   sing N N 178 
LEU C   O    doub N N 179 
LEU C   OXT  sing N N 180 
LEU CB  CG   sing N N 181 
LEU CB  HB2  sing N N 182 
LEU CB  HB3  sing N N 183 
LEU CG  CD1  sing N N 184 
LEU CG  CD2  sing N N 185 
LEU CG  HG   sing N N 186 
LEU CD1 HD11 sing N N 187 
LEU CD1 HD12 sing N N 188 
LEU CD1 HD13 sing N N 189 
LEU CD2 HD21 sing N N 190 
LEU CD2 HD22 sing N N 191 
LEU CD2 HD23 sing N N 192 
LEU OXT HXT  sing N N 193 
LYS N   CA   sing N N 194 
LYS N   H    sing N N 195 
LYS N   H2   sing N N 196 
LYS CA  C    sing N N 197 
LYS CA  CB   sing N N 198 
LYS CA  HA   sing N N 199 
LYS C   O    doub N N 200 
LYS C   OXT  sing N N 201 
LYS CB  CG   sing N N 202 
LYS CB  HB2  sing N N 203 
LYS CB  HB3  sing N N 204 
LYS CG  CD   sing N N 205 
LYS CG  HG2  sing N N 206 
LYS CG  HG3  sing N N 207 
LYS CD  CE   sing N N 208 
LYS CD  HD2  sing N N 209 
LYS CD  HD3  sing N N 210 
LYS CE  NZ   sing N N 211 
LYS CE  HE2  sing N N 212 
LYS CE  HE3  sing N N 213 
LYS NZ  HZ1  sing N N 214 
LYS NZ  HZ2  sing N N 215 
LYS NZ  HZ3  sing N N 216 
LYS OXT HXT  sing N N 217 
MET N   CA   sing N N 218 
MET N   H    sing N N 219 
MET N   H2   sing N N 220 
MET CA  C    sing N N 221 
MET CA  CB   sing N N 222 
MET CA  HA   sing N N 223 
MET C   O    doub N N 224 
MET C   OXT  sing N N 225 
MET CB  CG   sing N N 226 
MET CB  HB2  sing N N 227 
MET CB  HB3  sing N N 228 
MET CG  SD   sing N N 229 
MET CG  HG2  sing N N 230 
MET CG  HG3  sing N N 231 
MET SD  CE   sing N N 232 
MET CE  HE1  sing N N 233 
MET CE  HE2  sing N N 234 
MET CE  HE3  sing N N 235 
MET OXT HXT  sing N N 236 
PHE N   CA   sing N N 237 
PHE N   H    sing N N 238 
PHE N   H2   sing N N 239 
PHE CA  C    sing N N 240 
PHE CA  CB   sing N N 241 
PHE CA  HA   sing N N 242 
PHE C   O    doub N N 243 
PHE C   OXT  sing N N 244 
PHE CB  CG   sing N N 245 
PHE CB  HB2  sing N N 246 
PHE CB  HB3  sing N N 247 
PHE CG  CD1  doub Y N 248 
PHE CG  CD2  sing Y N 249 
PHE CD1 CE1  sing Y N 250 
PHE CD1 HD1  sing N N 251 
PHE CD2 CE2  doub Y N 252 
PHE CD2 HD2  sing N N 253 
PHE CE1 CZ   doub Y N 254 
PHE CE1 HE1  sing N N 255 
PHE CE2 CZ   sing Y N 256 
PHE CE2 HE2  sing N N 257 
PHE CZ  HZ   sing N N 258 
PHE OXT HXT  sing N N 259 
PRO N   CA   sing N N 260 
PRO N   CD   sing N N 261 
PRO N   H    sing N N 262 
PRO CA  C    sing N N 263 
PRO CA  CB   sing N N 264 
PRO CA  HA   sing N N 265 
PRO C   O    doub N N 266 
PRO C   OXT  sing N N 267 
PRO CB  CG   sing N N 268 
PRO CB  HB2  sing N N 269 
PRO CB  HB3  sing N N 270 
PRO CG  CD   sing N N 271 
PRO CG  HG2  sing N N 272 
PRO CG  HG3  sing N N 273 
PRO CD  HD2  sing N N 274 
PRO CD  HD3  sing N N 275 
PRO OXT HXT  sing N N 276 
SER N   CA   sing N N 277 
SER N   H    sing N N 278 
SER N   H2   sing N N 279 
SER CA  C    sing N N 280 
SER CA  CB   sing N N 281 
SER CA  HA   sing N N 282 
SER C   O    doub N N 283 
SER C   OXT  sing N N 284 
SER CB  OG   sing N N 285 
SER CB  HB2  sing N N 286 
SER CB  HB3  sing N N 287 
SER OG  HG   sing N N 288 
SER OXT HXT  sing N N 289 
THR N   CA   sing N N 290 
THR N   H    sing N N 291 
THR N   H2   sing N N 292 
THR CA  C    sing N N 293 
THR CA  CB   sing N N 294 
THR CA  HA   sing N N 295 
THR C   O    doub N N 296 
THR C   OXT  sing N N 297 
THR CB  OG1  sing N N 298 
THR CB  CG2  sing N N 299 
THR CB  HB   sing N N 300 
THR OG1 HG1  sing N N 301 
THR CG2 HG21 sing N N 302 
THR CG2 HG22 sing N N 303 
THR CG2 HG23 sing N N 304 
THR OXT HXT  sing N N 305 
TRP N   CA   sing N N 306 
TRP N   H    sing N N 307 
TRP N   H2   sing N N 308 
TRP CA  C    sing N N 309 
TRP CA  CB   sing N N 310 
TRP CA  HA   sing N N 311 
TRP C   O    doub N N 312 
TRP C   OXT  sing N N 313 
TRP CB  CG   sing N N 314 
TRP CB  HB2  sing N N 315 
TRP CB  HB3  sing N N 316 
TRP CG  CD1  doub Y N 317 
TRP CG  CD2  sing Y N 318 
TRP CD1 NE1  sing Y N 319 
TRP CD1 HD1  sing N N 320 
TRP CD2 CE2  doub Y N 321 
TRP CD2 CE3  sing Y N 322 
TRP NE1 CE2  sing Y N 323 
TRP NE1 HE1  sing N N 324 
TRP CE2 CZ2  sing Y N 325 
TRP CE3 CZ3  doub Y N 326 
TRP CE3 HE3  sing N N 327 
TRP CZ2 CH2  doub Y N 328 
TRP CZ2 HZ2  sing N N 329 
TRP CZ3 CH2  sing Y N 330 
TRP CZ3 HZ3  sing N N 331 
TRP CH2 HH2  sing N N 332 
TRP OXT HXT  sing N N 333 
TYR N   CA   sing N N 334 
TYR N   H    sing N N 335 
TYR N   H2   sing N N 336 
TYR CA  C    sing N N 337 
TYR CA  CB   sing N N 338 
TYR CA  HA   sing N N 339 
TYR C   O    doub N N 340 
TYR C   OXT  sing N N 341 
TYR CB  CG   sing N N 342 
TYR CB  HB2  sing N N 343 
TYR CB  HB3  sing N N 344 
TYR CG  CD1  doub Y N 345 
TYR CG  CD2  sing Y N 346 
TYR CD1 CE1  sing Y N 347 
TYR CD1 HD1  sing N N 348 
TYR CD2 CE2  doub Y N 349 
TYR CD2 HD2  sing N N 350 
TYR CE1 CZ   doub Y N 351 
TYR CE1 HE1  sing N N 352 
TYR CE2 CZ   sing Y N 353 
TYR CE2 HE2  sing N N 354 
TYR CZ  OH   sing N N 355 
TYR OH  HH   sing N N 356 
TYR OXT HXT  sing N N 357 
VAL N   CA   sing N N 358 
VAL N   H    sing N N 359 
VAL N   H2   sing N N 360 
VAL CA  C    sing N N 361 
VAL CA  CB   sing N N 362 
VAL CA  HA   sing N N 363 
VAL C   O    doub N N 364 
VAL C   OXT  sing N N 365 
VAL CB  CG1  sing N N 366 
VAL CB  CG2  sing N N 367 
VAL CB  HB   sing N N 368 
VAL CG1 HG11 sing N N 369 
VAL CG1 HG12 sing N N 370 
VAL CG1 HG13 sing N N 371 
VAL CG2 HG21 sing N N 372 
VAL CG2 HG22 sing N N 373 
VAL CG2 HG23 sing N N 374 
VAL OXT HXT  sing N N 375 
ZJE O1  C1   doub N N 376 
ZJE C1  N1   sing N N 377 
ZJE N1  C2   sing N N 378 
ZJE C2  C3   sing N N 379 
ZJE C3  C4   sing N N 380 
ZJE C4  C5   sing N N 381 
ZJE C5  C6   sing N N 382 
ZJE C6  O2   sing N N 383 
ZJE C1  N2   sing N N 384 
ZJE N2  C7   sing N N 385 
ZJE C7  C8   sing N N 386 
ZJE C8  N3   sing N N 387 
ZJE N3  C9   sing N N 388 
ZJE C9  C10  sing N N 389 
ZJE N3  C11  sing N N 390 
ZJE C11 O3   doub N N 391 
ZJE C11 C12  sing N N 392 
ZJE C12 C13  doub Y N 393 
ZJE C13 C14  sing Y N 394 
ZJE C14 C15  doub Y N 395 
ZJE C15 S1   sing Y N 396 
ZJE C3  O2   sing N N 397 
ZJE N2  C10  sing N N 398 
ZJE C12 S1   sing Y N 399 
ZJE N1  H1   sing N N 400 
ZJE C4  H5   sing N N 401 
ZJE C4  H6   sing N N 402 
ZJE C5  H7   sing N N 403 
ZJE C5  H8   sing N N 404 
ZJE C6  H9   sing N N 405 
ZJE C6  H10  sing N N 406 
ZJE C7  H11  sing N N 407 
ZJE C7  H12  sing N N 408 
ZJE C8  H13  sing N N 409 
ZJE C8  H14  sing N N 410 
ZJE C10 H17  sing N N 411 
ZJE C10 H18  sing N N 412 
ZJE C13 H19  sing N N 413 
ZJE C15 H21  sing N N 414 
ZJE C14 H20  sing N N 415 
ZJE C2  H2   sing N N 416 
ZJE C2  H3   sing N N 417 
ZJE C3  H4   sing N N 418 
ZJE C9  H15  sing N N 419 
ZJE C9  H16  sing N N 420 
# 
_pdbx_audit_support.ordinal                1 
_pdbx_audit_support.funding_organization   'Wellcome Trust' 
_pdbx_audit_support.grant_number           None 
_pdbx_audit_support.country                'United Kingdom' 
# 
_pdbx_deposit_group.group_id            G_1002265 
_pdbx_deposit_group.group_description   
;XDomainX of XOrganismX PHIP screened against predicted false negatives and catalogue compounds by X-ray Crystallography at the XChem facility of Diamond Light Source beamline I04-1
;
_pdbx_deposit_group.group_title         'PanDDA analysis group deposition' 
_pdbx_deposit_group.group_type          'changed state' 
# 
_pdbx_entity_instance_feature.ordinal        1 
_pdbx_entity_instance_feature.comp_id        ZJE 
_pdbx_entity_instance_feature.asym_id        ? 
_pdbx_entity_instance_feature.seq_num        ? 
_pdbx_entity_instance_feature.auth_comp_id   ZJE 
_pdbx_entity_instance_feature.auth_asym_id   ? 
_pdbx_entity_instance_feature.auth_seq_num   ? 
_pdbx_entity_instance_feature.feature_type   'SUBJECT OF INVESTIGATION' 
_pdbx_entity_instance_feature.details        ? 
# 
_atom_sites.entry_id                    7FUU 
_atom_sites.fract_transf_matrix[1][1]   -0.00963304 
_atom_sites.fract_transf_matrix[1][2]   0.00769856 
_atom_sites.fract_transf_matrix[1][3]   -0.00119375 
_atom_sites.fract_transf_matrix[2][1]   0.00397131 
_atom_sites.fract_transf_matrix[2][2]   0.01035970 
_atom_sites.fract_transf_matrix[2][3]   0.03476346 
_atom_sites.fract_transf_matrix[3][1]   0.00859145 
_atom_sites.fract_transf_matrix[3][2]   0.01485760 
_atom_sites.fract_transf_matrix[3][3]   -0.00540912 
_atom_sites.fract_transf_vector[1]      -0.146436 
_atom_sites.fract_transf_vector[2]      0.449470 
_atom_sites.fract_transf_vector[3]      0.214900 
# 
loop_
_atom_type.symbol 
C 
N 
O 
S 
# 
loop_
_atom_site.group_PDB 
_atom_site.id 
_atom_site.type_symbol 
_atom_site.label_atom_id 
_atom_site.label_alt_id 
_atom_site.label_comp_id 
_atom_site.label_asym_id 
_atom_site.label_entity_id 
_atom_site.label_seq_id 
_atom_site.pdbx_PDB_ins_code 
_atom_site.Cartn_x 
_atom_site.Cartn_y 
_atom_site.Cartn_z 
_atom_site.occupancy 
_atom_site.B_iso_or_equiv 
_atom_site.pdbx_formal_charge 
_atom_site.auth_seq_id 
_atom_site.auth_comp_id 
_atom_site.auth_asym_id 
_atom_site.auth_atom_id 
_atom_site.pdbx_PDB_model_num 
ATOM   1    N N   . SER A 1 24  ? -14.430 -18.386 7.443   1.00 25.70  ? 1315 SER A N   1 
ATOM   2    C CA  . SER A 1 24  ? -14.205 -16.935 7.786   1.00 26.23  ? 1315 SER A CA  1 
ATOM   3    C C   . SER A 1 24  ? -14.696 -16.061 6.623   1.00 22.38  ? 1315 SER A C   1 
ATOM   4    O O   . SER A 1 24  ? -13.839 -15.555 5.859   1.00 21.49  ? 1315 SER A O   1 
ATOM   5    C CB  . SER A 1 24  ? -12.749 -16.689 8.108   1.00 27.60  ? 1315 SER A CB  1 
ATOM   6    O OG  . SER A 1 24  ? -12.548 -15.371 8.615   1.00 32.25  ? 1315 SER A OG  1 
ATOM   7    N N   . TYR A 1 25  ? -16.021 -15.907 6.466   1.00 19.73  ? 1316 TYR A N   1 
ATOM   8    C CA  . TYR A 1 25  ? -16.627 -15.495 5.172   1.00 16.56  ? 1316 TYR A CA  1 
ATOM   9    C C   . TYR A 1 25  ? -17.189 -14.067 5.272   1.00 15.39  ? 1316 TYR A C   1 
ATOM   10   O O   . TYR A 1 25  ? -18.084 -13.716 4.493   1.00 14.39  ? 1316 TYR A O   1 
ATOM   11   C CB  . TYR A 1 25  ? -17.680 -16.497 4.699   1.00 16.37  ? 1316 TYR A CB  1 
ATOM   12   C CG  . TYR A 1 25  ? -17.206 -17.923 4.541   1.00 15.39  ? 1316 TYR A CG  1 
ATOM   13   C CD1 . TYR A 1 25  ? -16.179 -18.261 3.676   1.00 15.42  ? 1316 TYR A CD1 1 
ATOM   14   C CD2 . TYR A 1 25  ? -17.854 -18.952 5.199   1.00 15.50  ? 1316 TYR A CD2 1 
ATOM   15   C CE1 . TYR A 1 25  ? -15.757 -19.575 3.537   1.00 14.66  ? 1316 TYR A CE1 1 
ATOM   16   C CE2 . TYR A 1 25  ? -17.468 -20.275 5.047   1.00 15.16  ? 1316 TYR A CE2 1 
ATOM   17   C CZ  . TYR A 1 25  ? -16.417 -20.587 4.207   1.00 15.30  ? 1316 TYR A CZ  1 
ATOM   18   O OH  . TYR A 1 25  ? -16.028 -21.893 4.021   1.00 16.78  ? 1316 TYR A OH  1 
ATOM   19   N N   . ASP A 1 26  ? -16.609 -13.243 6.145   1.00 14.79  ? 1317 ASP A N   1 
ATOM   20   C CA  . ASP A 1 26  ? -17.032 -11.816 6.283   1.00 13.86  ? 1317 ASP A CA  1 
ATOM   21   C C   . ASP A 1 26  ? -16.449 -11.001 5.129   1.00 13.89  ? 1317 ASP A C   1 
ATOM   22   O O   . ASP A 1 26  ? -15.227 -10.744 5.109   1.00 14.05  ? 1317 ASP A O   1 
ATOM   23   C CB  . ASP A 1 26  ? -16.601 -11.277 7.633   1.00 14.28  ? 1317 ASP A CB  1 
ATOM   24   C CG  . ASP A 1 26  ? -16.982 -9.831  7.923   1.00 13.53  ? 1317 ASP A CG  1 
ATOM   25   O OD1 . ASP A 1 26  ? -17.371 -9.099  6.997   1.00 15.32  ? 1317 ASP A OD1 1 
ATOM   26   O OD2 . ASP A 1 26  ? -16.948 -9.467  9.148   1.00 17.98  ? 1317 ASP A OD2 1 
ATOM   27   N N   A ILE A 1 27  ? -17.333 -10.544 4.235   0.25 11.94  ? 1318 ILE A N   1 
ATOM   28   N N   B ILE A 1 27  ? -17.291 -10.522 4.222   0.25 13.65  ? 1318 ILE A N   1 
ATOM   29   C CA  A ILE A 1 27  ? -17.027 -9.784  2.988   0.25 11.37  ? 1318 ILE A CA  1 
ATOM   30   C CA  B ILE A 1 27  ? -16.796 -9.832  3.002   0.25 14.40  ? 1318 ILE A CA  1 
ATOM   31   C C   A ILE A 1 27  ? -16.400 -8.434  3.363   0.25 12.03  ? 1318 ILE A C   1 
ATOM   32   C C   B ILE A 1 27  ? -16.427 -8.383  3.329   0.25 14.00  ? 1318 ILE A C   1 
ATOM   33   O O   A ILE A 1 27  ? -15.550 -7.967  2.592   0.25 12.19  ? 1318 ILE A O   1 
ATOM   34   O O   B ILE A 1 27  ? -15.783 -7.774  2.457   0.25 16.29  ? 1318 ILE A O   1 
ATOM   35   C CB  A ILE A 1 27  ? -18.308 -9.628  2.142   0.25 10.51  ? 1318 ILE A CB  1 
ATOM   36   C CB  B ILE A 1 27  ? -17.789 -9.952  1.840   0.25 15.47  ? 1318 ILE A CB  1 
ATOM   37   C CG1 A ILE A 1 27  ? -18.847 -10.998 1.713   0.25 10.27  ? 1318 ILE A CG1 1 
ATOM   38   C CG1 B ILE A 1 27  ? -19.140 -9.313  2.139   0.25 16.90  ? 1318 ILE A CG1 1 
ATOM   39   C CG2 A ILE A 1 27  ? -18.078 -8.702  0.953   0.25 10.35  ? 1318 ILE A CG2 1 
ATOM   40   C CG2 B ILE A 1 27  ? -17.949 -11.407 1.432   0.25 16.34  ? 1318 ILE A CG2 1 
ATOM   41   C CD1 A ILE A 1 27  ? -20.264 -10.998 1.226   0.25 10.66  ? 1318 ILE A CD1 1 
ATOM   42   C CD1 B ILE A 1 27  ? -20.180 -9.706  1.129   0.25 17.58  ? 1318 ILE A CD1 1 
ATOM   43   N N   . GLN A 1 28  ? -16.754 -7.883  4.535   1.00 12.29  ? 1319 GLN A N   1 
ATOM   44   C CA  . GLN A 1 28  ? -16.332 -6.505  4.960   1.00 12.55  ? 1319 GLN A CA  1 
ATOM   45   C C   . GLN A 1 28  ? -15.048 -6.496  5.778   1.00 12.57  ? 1319 GLN A C   1 
ATOM   46   O O   . GLN A 1 28  ? -14.531 -5.415  6.065   1.00 13.17  ? 1319 GLN A O   1 
ATOM   47   C CB  . GLN A 1 28  ? -17.457 -5.781  5.704   1.00 12.64  ? 1319 GLN A CB  1 
ATOM   48   C CG  . GLN A 1 28  ? -18.565 -5.286  4.780   1.00 13.41  ? 1319 GLN A CG  1 
ATOM   49   C CD  . GLN A 1 28  ? -19.706 -6.272  4.610   1.00 11.79  ? 1319 GLN A CD  1 
ATOM   50   O OE1 . GLN A 1 28  ? -20.284 -6.759  5.577   1.00 13.44  ? 1319 GLN A OE1 1 
ATOM   51   N NE2 . GLN A 1 28  ? -20.102 -6.477  3.395   1.00 13.37  ? 1319 GLN A NE2 1 
ATOM   52   N N   . ALA A 1 29  ? -14.528 -7.670  6.212   1.00 12.30  ? 1320 ALA A N   1 
ATOM   53   C CA  . ALA A 1 29  ? -13.499 -7.700  7.277   1.00 12.07  ? 1320 ALA A CA  1 
ATOM   54   C C   . ALA A 1 29  ? -12.159 -7.077  6.783   1.00 11.42  ? 1320 ALA A C   1 
ATOM   55   O O   . ALA A 1 29  ? -11.370 -6.614  7.610   1.00 12.43  ? 1320 ALA A O   1 
ATOM   56   C CB  . ALA A 1 29  ? -13.264 -9.110  7.782   1.00 12.98  ? 1320 ALA A CB  1 
ATOM   57   N N   . TRP A 1 30  ? -11.932 -7.065  5.484   1.00 11.70  ? 1321 TRP A N   1 
ATOM   58   C CA  . TRP A 1 30  ? -10.671 -6.536  4.893   1.00 11.58  ? 1321 TRP A CA  1 
ATOM   59   C C   . TRP A 1 30  ? -10.439 -5.085  5.356   1.00 12.71  ? 1321 TRP A C   1 
ATOM   60   O O   . TRP A 1 30  ? -9.282  -4.661  5.467   1.00 12.68  ? 1321 TRP A O   1 
ATOM   61   C CB  . TRP A 1 30  ? -10.711 -6.630  3.360   1.00 11.90  ? 1321 TRP A CB  1 
ATOM   62   C CG  . TRP A 1 30  ? -11.781 -5.761  2.759   1.00 11.66  ? 1321 TRP A CG  1 
ATOM   63   C CD1 . TRP A 1 30  ? -13.067 -6.134  2.530   1.00 12.18  ? 1321 TRP A CD1 1 
ATOM   64   C CD2 . TRP A 1 30  ? -11.632 -4.390  2.296   1.00 11.70  ? 1321 TRP A CD2 1 
ATOM   65   N NE1 . TRP A 1 30  ? -13.765 -5.062  1.996   1.00 12.79  ? 1321 TRP A NE1 1 
ATOM   66   C CE2 . TRP A 1 30  ? -12.898 -4.029  1.799   1.00 11.94  ? 1321 TRP A CE2 1 
ATOM   67   C CE3 . TRP A 1 30  ? -10.555 -3.516  2.149   1.00 12.07  ? 1321 TRP A CE3 1 
ATOM   68   C CZ2 . TRP A 1 30  ? -13.153 -2.757  1.274   1.00 13.91  ? 1321 TRP A CZ2 1 
ATOM   69   C CZ3 . TRP A 1 30  ? -10.797 -2.267  1.604   1.00 12.37  ? 1321 TRP A CZ3 1 
ATOM   70   C CH2 . TRP A 1 30  ? -12.088 -1.893  1.192   1.00 15.12  ? 1321 TRP A CH2 1 
ATOM   71   N N   . LYS A 1 31  ? -11.499 -4.309  5.585   1.00 12.16  ? 1322 LYS A N   1 
ATOM   72   C CA  . LYS A 1 31  ? -11.313 -2.856  5.794   1.00 12.39  ? 1322 LYS A CA  1 
ATOM   73   C C   . LYS A 1 31  ? -10.553 -2.582  7.097   1.00 12.61  ? 1322 LYS A C   1 
ATOM   74   O O   . LYS A 1 31  ? -9.515  -1.897  7.093   1.00 13.17  ? 1322 LYS A O   1 
ATOM   75   C CB  . LYS A 1 31  ? -12.632 -2.101  5.604   1.00 12.43  ? 1322 LYS A CB  1 
ATOM   76   C CG  . LYS A 1 31  ? -12.512 -0.599  5.842   1.00 13.72  ? 1322 LYS A CG  1 
ATOM   77   C CD  . LYS A 1 31  ? -13.765 0.136   5.521   1.00 14.16  ? 1322 LYS A CD  1 
ATOM   78   C CE  . LYS A 1 31  ? -13.657 1.656   5.597   1.00 15.08  ? 1322 LYS A CE  1 
ATOM   79   N NZ  . LYS A 1 31  ? -14.962 2.258   5.234   1.00 15.35  ? 1322 LYS A NZ  1 
ATOM   80   N N   . LYS A 1 32  ? -11.018 -3.149  8.194   1.00 13.45  ? 1323 LYS A N   1 
ATOM   81   C CA  . LYS A 1 32  ? -10.343 -2.988  9.496   1.00 13.63  ? 1323 LYS A CA  1 
ATOM   82   C C   . LYS A 1 32  ? -8.968  -3.693  9.456   1.00 12.75  ? 1323 LYS A C   1 
ATOM   83   O O   . LYS A 1 32  ? -8.009  -3.175  10.020  1.00 14.40  ? 1323 LYS A O   1 
ATOM   84   C CB  . LYS A 1 32  ? -11.203 -3.539  10.637  1.00 16.79  ? 1323 LYS A CB  1 
ATOM   85   C CG  . LYS A 1 32  ? -10.647 -3.252  12.016  1.00 24.47  ? 1323 LYS A CG  1 
ATOM   86   C CD  . LYS A 1 32  ? -11.679 -3.367  13.178  1.00 29.99  ? 1323 LYS A CD  1 
ATOM   87   C CE  . LYS A 1 32  ? -10.992 -3.291  14.532  1.00 37.00  ? 1323 LYS A CE  1 
ATOM   88   N NZ  . LYS A 1 32  ? -11.642 -2.337  15.466  1.00 42.36  ? 1323 LYS A NZ  1 
ATOM   89   N N   . GLN A 1 33  ? -8.843  -4.788  8.724   1.00 12.53  ? 1324 GLN A N   1 
ATOM   90   C CA  . GLN A 1 33  ? -7.537  -5.483  8.596   1.00 13.42  ? 1324 GLN A CA  1 
ATOM   91   C C   . GLN A 1 33  ? -6.554  -4.531  7.891   1.00 12.67  ? 1324 GLN A C   1 
ATOM   92   O O   . GLN A 1 33  ? -5.398  -4.413  8.337   1.00 13.72  ? 1324 GLN A O   1 
ATOM   93   C CB  . GLN A 1 33  ? -7.674  -6.791  7.817   1.00 14.12  ? 1324 GLN A CB  1 
ATOM   94   C CG  . GLN A 1 33  ? -8.387  -7.874  8.646   1.00 14.26  ? 1324 GLN A CG  1 
ATOM   95   C CD  . GLN A 1 33  ? -8.906  -9.000  7.810   1.00 15.88  ? 1324 GLN A CD  1 
ATOM   96   O OE1 . GLN A 1 33  ? -8.772  -9.057  6.594   1.00 17.09  ? 1324 GLN A OE1 1 
ATOM   97   N NE2 . GLN A 1 33  ? -9.609  -9.910  8.474   1.00 17.26  ? 1324 GLN A NE2 1 
ATOM   98   N N   . CYS A 1 34  ? -6.994  -3.809  6.865   1.00 12.16  ? 1325 CYS A N   1 
ATOM   99   C CA  . CYS A 1 34  ? -6.118  -2.844  6.175   1.00 12.63  ? 1325 CYS A CA  1 
ATOM   100  C C   . CYS A 1 34  ? -5.850  -1.624  7.053   1.00 13.41  ? 1325 CYS A C   1 
ATOM   101  O O   . CYS A 1 34  ? -4.704  -1.094  7.062   1.00 12.54  ? 1325 CYS A O   1 
ATOM   102  C CB  . CYS A 1 34  ? -6.708  -2.423  4.846   1.00 12.76  ? 1325 CYS A CB  1 
ATOM   103  S SG  . CYS A 1 34  ? -6.674  -3.700  3.564   1.00 13.43  ? 1325 CYS A SG  1 
ATOM   104  N N   . GLU A 1 35  ? -6.814  -1.153  7.830   1.00 13.24  ? 1326 GLU A N   1 
ATOM   105  C CA  . GLU A 1 35  ? -6.568  -0.051  8.801   1.00 14.35  ? 1326 GLU A CA  1 
ATOM   106  C C   . GLU A 1 35  ? -5.459  -0.434  9.779   1.00 13.81  ? 1326 GLU A C   1 
ATOM   107  O O   . GLU A 1 35  ? -4.522  0.373   10.050  1.00 15.07  ? 1326 GLU A O   1 
ATOM   108  C CB  . GLU A 1 35  ? -7.844  0.265   9.573   1.00 16.09  ? 1326 GLU A CB  1 
ATOM   109  C CG  . GLU A 1 35  ? -8.941  0.981   8.815   1.00 18.58  ? 1326 GLU A CG  1 
ATOM   110  C CD  . GLU A 1 35  ? -10.299 1.030   9.516   1.00 21.76  ? 1326 GLU A CD  1 
ATOM   111  O OE1 . GLU A 1 35  ? -10.405 0.539   10.683  1.00 25.28  ? 1326 GLU A OE1 1 
ATOM   112  O OE2 . GLU A 1 35  ? -11.277 1.522   8.869   1.00 23.36  ? 1326 GLU A OE2 1 
ATOM   113  N N   . GLU A 1 36  ? -5.516  -1.652  10.299  1.00 14.30  ? 1327 GLU A N   1 
ATOM   114  C CA  . GLU A 1 36  ? -4.525  -2.155  11.267  1.00 16.57  ? 1327 GLU A CA  1 
ATOM   115  C C   . GLU A 1 36  ? -3.160  -2.292  10.596  1.00 13.84  ? 1327 GLU A C   1 
ATOM   116  O O   . GLU A 1 36  ? -2.133  -1.882  11.241  1.00 15.71  ? 1327 GLU A O   1 
ATOM   117  C CB  . GLU A 1 36  ? -5.033  -3.448  11.915  1.00 20.26  ? 1327 GLU A CB  1 
ATOM   118  C CG  . GLU A 1 36  ? -6.212  -3.160  12.835  1.00 28.34  ? 1327 GLU A CG  1 
ATOM   119  C CD  . GLU A 1 36  ? -7.002  -4.368  13.330  1.00 36.49  ? 1327 GLU A CD  1 
ATOM   120  O OE1 . GLU A 1 36  ? -6.591  -5.528  13.047  1.00 44.49  ? 1327 GLU A OE1 1 
ATOM   121  O OE2 . GLU A 1 36  ? -8.039  -4.139  13.981  1.00 45.03  ? 1327 GLU A OE2 1 
ATOM   122  N N   . LEU A 1 37  ? -3.103  -2.800  9.361   1.00 13.51  ? 1328 LEU A N   1 
ATOM   123  C CA  . LEU A 1 37  ? -1.805  -2.946  8.657   1.00 12.79  ? 1328 LEU A CA  1 
ATOM   124  C C   . LEU A 1 37  ? -1.224  -1.553  8.374   1.00 12.10  ? 1328 LEU A C   1 
ATOM   125  O O   . LEU A 1 37  ? 0.004   -1.336  8.556   1.00 12.79  ? 1328 LEU A O   1 
ATOM   126  C CB  . LEU A 1 37  ? -1.965  -3.798  7.409   1.00 13.58  ? 1328 LEU A CB  1 
ATOM   127  C CG  . LEU A 1 37  ? -0.725  -3.915  6.529   1.00 13.42  ? 1328 LEU A CG  1 
ATOM   128  C CD1 . LEU A 1 37  ? 0.459   -4.447  7.325   1.00 14.50  ? 1328 LEU A CD1 1 
ATOM   129  C CD2 . LEU A 1 37  ? -1.055  -4.787  5.358   1.00 13.78  ? 1328 LEU A CD2 1 
ATOM   130  N N   . LEU A 1 38  ? -2.052  -0.559  8.037   1.00 13.12  ? 1329 LEU A N   1 
ATOM   131  C CA  . LEU A 1 38  ? -1.534  0.816   7.822   1.00 13.16  ? 1329 LEU A CA  1 
ATOM   132  C C   . LEU A 1 38  ? -1.000  1.367   9.143   1.00 14.68  ? 1329 LEU A C   1 
ATOM   133  O O   . LEU A 1 38  ? 0.042   2.067   9.141   1.00 16.21  ? 1329 LEU A O   1 
ATOM   134  C CB  . LEU A 1 38  ? -2.624  1.712   7.222   1.00 13.99  ? 1329 LEU A CB  1 
ATOM   135  C CG  . LEU A 1 38  ? -3.005  1.414   5.779   1.00 14.41  ? 1329 LEU A CG  1 
ATOM   136  C CD1 . LEU A 1 38  ? -4.311  2.111   5.439   1.00 16.25  ? 1329 LEU A CD1 1 
ATOM   137  C CD2 . LEU A 1 38  ? -1.907  1.848   4.828   1.00 16.96  ? 1329 LEU A CD2 1 
ATOM   138  N N   . ASN A 1 39  ? -1.647  1.113   10.266  1.00 15.34  ? 1330 ASN A N   1 
ATOM   139  C CA  . ASN A 1 39  ? -1.100  1.542   11.584  1.00 17.79  ? 1330 ASN A CA  1 
ATOM   140  C C   . ASN A 1 39  ? 0.292   0.928   11.815  1.00 16.22  ? 1330 ASN A C   1 
ATOM   141  O O   . ASN A 1 39  ? 1.266   1.664   12.224  1.00 18.95  ? 1330 ASN A O   1 
ATOM   142  C CB  . ASN A 1 39  ? -2.071  1.197   12.725  1.00 20.15  ? 1330 ASN A CB  1 
ATOM   143  C CG  . ASN A 1 39  ? -3.321  2.063   12.754  1.00 24.26  ? 1330 ASN A CG  1 
ATOM   144  O OD1 . ASN A 1 39  ? -3.346  3.148   12.176  1.00 28.86  ? 1330 ASN A OD1 1 
ATOM   145  N ND2 . ASN A 1 39  ? -4.375  1.596   13.423  1.00 25.31  ? 1330 ASN A ND2 1 
ATOM   146  N N   . LEU A 1 40  ? 0.476   -0.342  11.525  1.00 15.89  ? 1331 LEU A N   1 
ATOM   147  C CA  . LEU A 1 40  ? 1.800   -1.010  11.646  1.00 17.28  ? 1331 LEU A CA  1 
ATOM   148  C C   . LEU A 1 40  ? 2.824   -0.346  10.721  1.00 15.36  ? 1331 LEU A C   1 
ATOM   149  O O   . LEU A 1 40  ? 3.986   -0.046  11.168  1.00 17.51  ? 1331 LEU A O   1 
ATOM   150  C CB  . LEU A 1 40  ? 1.664   -2.493  11.316  1.00 16.66  ? 1331 LEU A CB  1 
ATOM   151  C CG  . LEU A 1 40  ? 0.947   -3.358  12.355  1.00 17.41  ? 1331 LEU A CG  1 
ATOM   152  C CD1 . LEU A 1 40  ? 0.912   -4.783  11.857  1.00 21.38  ? 1331 LEU A CD1 1 
ATOM   153  C CD2 . LEU A 1 40  ? 1.578   -3.291  13.756  1.00 21.76  ? 1331 LEU A CD2 1 
ATOM   154  N N   . ILE A 1 41  ? 2.428   0.005   9.500   1.00 14.44  ? 1332 ILE A N   1 
ATOM   155  C CA  . ILE A 1 41  ? 3.356   0.629   8.518   1.00 14.05  ? 1332 ILE A CA  1 
ATOM   156  C C   . ILE A 1 41  ? 3.750   2.027   9.040   1.00 15.58  ? 1332 ILE A C   1 
ATOM   157  O O   . ILE A 1 41  ? 4.961   2.359   9.001   1.00 14.94  ? 1332 ILE A O   1 
ATOM   158  C CB  . ILE A 1 41  ? 2.686   0.677   7.139   1.00 13.99  ? 1332 ILE A CB  1 
ATOM   159  C CG1 . ILE A 1 41  ? 2.676   -0.729  6.537   1.00 15.06  ? 1332 ILE A CG1 1 
ATOM   160  C CG2 . ILE A 1 41  ? 3.337   1.716   6.240   1.00 13.66  ? 1332 ILE A CG2 1 
ATOM   161  C CD1 . ILE A 1 41  ? 1.805   -0.857  5.344   1.00 16.51  ? 1332 ILE A CD1 1 
ATOM   162  N N   . PHE A 1 42  ? 2.829   2.798   9.617   1.00 15.80  ? 1333 PHE A N   1 
ATOM   163  C CA  . PHE A 1 42  ? 3.141   4.132   10.209  1.00 18.96  ? 1333 PHE A CA  1 
ATOM   164  C C   . PHE A 1 42  ? 4.074   4.000   11.426  1.00 20.23  ? 1333 PHE A C   1 
ATOM   165  O O   . PHE A 1 42  ? 4.930   4.923   11.566  1.00 25.51  ? 1333 PHE A O   1 
ATOM   166  C CB  . PHE A 1 42  ? 1.853   4.921   10.452  1.00 19.33  ? 1333 PHE A CB  1 
ATOM   167  C CG  . PHE A 1 42  ? 1.340   5.681   9.249   1.00 19.15  ? 1333 PHE A CG  1 
ATOM   168  C CD1 . PHE A 1 42  ? 1.694   7.003   9.035   1.00 19.78  ? 1333 PHE A CD1 1 
ATOM   169  C CD2 . PHE A 1 42  ? 0.488   5.095   8.332   1.00 20.50  ? 1333 PHE A CD2 1 
ATOM   170  C CE1 . PHE A 1 42  ? 1.194   7.717   7.948   1.00 21.86  ? 1333 PHE A CE1 1 
ATOM   171  C CE2 . PHE A 1 42  ? -0.007  5.816   7.250   1.00 20.08  ? 1333 PHE A CE2 1 
ATOM   172  C CZ  . PHE A 1 42  ? 0.367   7.115   7.042   1.00 20.80  ? 1333 PHE A CZ  1 
ATOM   173  N N   . GLN A 1 43  ? 4.128   2.856   12.113  1.00 19.98  ? 1334 GLN A N   1 
ATOM   174  C CA  . GLN A 1 43  ? 5.087   2.646   13.251  1.00 19.77  ? 1334 GLN A CA  1 
ATOM   175  C C   . GLN A 1 43  ? 6.488   2.250   12.766  1.00 21.22  ? 1334 GLN A C   1 
ATOM   176  O O   . GLN A 1 43  ? 7.492   2.438   13.531  1.00 23.23  ? 1334 GLN A O   1 
ATOM   177  C CB  . GLN A 1 43  ? 4.507   1.564   14.169  1.00 22.78  ? 1334 GLN A CB  1 
ATOM   178  C CG  . GLN A 1 43  ? 3.247   1.990   14.897  1.00 23.76  ? 1334 GLN A CG  1 
ATOM   179  N N   A CYS A 1 44  ? 6.574   1.697   11.559  0.34 19.38  ? 1335 CYS A N   1 
ATOM   180  N N   B CYS A 1 44  ? 6.593   1.704   11.549  0.32 18.90  ? 1335 CYS A N   1 
ATOM   181  C CA  A CYS A 1 44  ? 7.851   1.316   10.915  0.34 19.20  ? 1335 CYS A CA  1 
ATOM   182  C CA  B CYS A 1 44  ? 7.868   1.254   10.926  0.32 18.39  ? 1335 CYS A CA  1 
ATOM   183  C C   A CYS A 1 44  ? 8.656   2.592   10.640  0.34 18.40  ? 1335 CYS A C   1 
ATOM   184  C C   B CYS A 1 44  ? 8.699   2.492   10.543  0.32 17.59  ? 1335 CYS A C   1 
ATOM   185  O O   A CYS A 1 44  ? 8.110   3.548   10.037  0.34 17.59  ? 1335 CYS A O   1 
ATOM   186  O O   B CYS A 1 44  ? 8.242   3.299   9.708   0.32 15.42  ? 1335 CYS A O   1 
ATOM   187  C CB  A CYS A 1 44  ? 7.615   0.522   9.637   0.34 18.54  ? 1335 CYS A CB  1 
ATOM   188  C CB  B CYS A 1 44  ? 7.630   0.382   9.693   0.32 17.80  ? 1335 CYS A CB  1 
ATOM   189  S SG  A CYS A 1 44  ? 6.931   -1.118  9.977   0.34 20.35  ? 1335 CYS A SG  1 
ATOM   190  S SG  B CYS A 1 44  ? 9.085   -0.570  9.166   0.32 19.11  ? 1335 CYS A SG  1 
ATOM   191  N N   . GLU A 1 45  ? 9.919   2.640   11.079  1.00 18.56  ? 1336 GLU A N   1 
ATOM   192  C CA  . GLU A 1 45  ? 10.811  3.770   10.675  1.00 17.12  ? 1336 GLU A CA  1 
ATOM   193  C C   . GLU A 1 45  ? 11.004  3.783   9.149   1.00 15.85  ? 1336 GLU A C   1 
ATOM   194  O O   . GLU A 1 45  ? 11.158  4.860   8.545   1.00 16.29  ? 1336 GLU A O   1 
ATOM   195  C CB  . GLU A 1 45  ? 12.167  3.682   11.371  1.00 18.60  ? 1336 GLU A CB  1 
ATOM   196  C CG  . GLU A 1 45  ? 12.037  3.880   12.870  1.00 21.31  ? 1336 GLU A CG  1 
ATOM   197  C CD  . GLU A 1 45  ? 13.321  3.821   13.679  1.00 23.51  ? 1336 GLU A CD  1 
ATOM   198  O OE1 . GLU A 1 45  ? 14.395  3.551   13.071  1.00 24.62  ? 1336 GLU A OE1 1 
ATOM   199  O OE2 . GLU A 1 45  ? 13.228  4.067   14.920  1.00 24.70  ? 1336 GLU A OE2 1 
ATOM   200  N N   . ASP A 1 46  ? 10.959  2.614   8.534   1.00 16.01  ? 1337 ASP A N   1 
ATOM   201  C CA  . ASP A 1 46  ? 11.129  2.520   7.050   1.00 15.64  ? 1337 ASP A CA  1 
ATOM   202  C C   . ASP A 1 46  ? 9.984   3.198   6.269   1.00 14.68  ? 1337 ASP A C   1 
ATOM   203  O O   . ASP A 1 46  ? 10.186  3.422   5.060   1.00 14.51  ? 1337 ASP A O   1 
ATOM   204  C CB  . ASP A 1 46  ? 11.254  1.085   6.550   1.00 16.09  ? 1337 ASP A CB  1 
ATOM   205  C CG  . ASP A 1 46  ? 12.581  0.414   6.929   1.00 18.20  ? 1337 ASP A CG  1 
ATOM   206  O OD1 . ASP A 1 46  ? 13.572  1.162   7.170   1.00 18.98  ? 1337 ASP A OD1 1 
ATOM   207  O OD2 . ASP A 1 46  ? 12.650  -0.811  6.866   1.00 17.96  ? 1337 ASP A OD2 1 
ATOM   208  N N   . SER A 1 47  ? 8.833   3.531   6.859   1.00 13.78  ? 1338 SER A N   1 
ATOM   209  C CA  . SER A 1 47  ? 7.799   4.281   6.109   1.00 13.34  ? 1338 SER A CA  1 
ATOM   210  C C   . SER A 1 47  ? 8.017   5.791   6.094   1.00 13.50  ? 1338 SER A C   1 
ATOM   211  O O   . SER A 1 47  ? 7.295   6.468   5.378   1.00 13.47  ? 1338 SER A O   1 
ATOM   212  C CB  . SER A 1 47  ? 6.417   3.996   6.630   1.00 13.74  ? 1338 SER A CB  1 
ATOM   213  O OG  . SER A 1 47  ? 6.168   4.515   7.947   1.00 14.69  ? 1338 SER A OG  1 
ATOM   214  N N   . GLU A 1 48  ? 9.005   6.313   6.826   1.00 14.76  ? 1339 GLU A N   1 
ATOM   215  C CA  . GLU A 1 48  ? 9.165   7.779   6.942   1.00 16.36  ? 1339 GLU A CA  1 
ATOM   216  C C   . GLU A 1 48  ? 9.115   8.518   5.593   1.00 13.66  ? 1339 GLU A C   1 
ATOM   217  O O   . GLU A 1 48  ? 8.415   9.543   5.484   1.00 16.15  ? 1339 GLU A O   1 
ATOM   218  C CB  . GLU A 1 48  ? 10.433  8.090   7.760   1.00 21.33  ? 1339 GLU A CB  1 
ATOM   219  C CG  . GLU A 1 48  ? 10.415  9.526   8.222   1.00 28.91  ? 1339 GLU A CG  1 
ATOM   220  C CD  . GLU A 1 48  ? 10.791  10.554  7.173   1.00 35.03  ? 1339 GLU A CD  1 
ATOM   221  O OE1 . GLU A 1 48  ? 11.298  10.152  6.104   1.00 47.43  ? 1339 GLU A OE1 1 
ATOM   222  O OE2 . GLU A 1 48  ? 10.594  11.763  7.453   1.00 53.36  ? 1339 GLU A OE2 1 
ATOM   223  N N   . PRO A 1 49  ? 9.846   8.080   4.538   1.00 13.77  ? 1340 PRO A N   1 
ATOM   224  C CA  . PRO A 1 49  ? 9.819   8.799   3.260   1.00 13.20  ? 1340 PRO A CA  1 
ATOM   225  C C   . PRO A 1 49  ? 8.471   8.770   2.515   1.00 12.49  ? 1340 PRO A C   1 
ATOM   226  O O   . PRO A 1 49  ? 8.258   9.579   1.615   1.00 12.36  ? 1340 PRO A O   1 
ATOM   227  C CB  . PRO A 1 49  ? 10.868  8.048   2.410   1.00 13.55  ? 1340 PRO A CB  1 
ATOM   228  C CG  . PRO A 1 49  ? 11.746  7.343   3.410   1.00 14.17  ? 1340 PRO A CG  1 
ATOM   229  C CD  . PRO A 1 49  ? 10.780  6.941   4.511   1.00 13.68  ? 1340 PRO A CD  1 
ATOM   230  N N   . PHE A 1 50  ? 7.591   7.858   2.926   1.00 12.94  ? 1341 PHE A N   1 
ATOM   231  C CA  . PHE A 1 50  ? 6.367   7.487   2.167   1.00 12.71  ? 1341 PHE A CA  1 
ATOM   232  C C   . PHE A 1 50  ? 5.060   7.883   2.873   1.00 13.77  ? 1341 PHE A C   1 
ATOM   233  O O   . PHE A 1 50  ? 4.004   7.480   2.425   1.00 14.46  ? 1341 PHE A O   1 
ATOM   234  C CB  . PHE A 1 50  ? 6.428   5.977   1.853   1.00 11.73  ? 1341 PHE A CB  1 
ATOM   235  C CG  . PHE A 1 50  ? 7.765   5.524   1.321   1.00 11.76  ? 1341 PHE A CG  1 
ATOM   236  C CD1 . PHE A 1 50  ? 8.167   5.950   0.070   1.00 13.30  ? 1341 PHE A CD1 1 
ATOM   237  C CD2 . PHE A 1 50  ? 8.632   4.755   2.080   1.00 12.68  ? 1341 PHE A CD2 1 
ATOM   238  C CE1 . PHE A 1 50  ? 9.405   5.593   -0.435  1.00 13.81  ? 1341 PHE A CE1 1 
ATOM   239  C CE2 . PHE A 1 50  ? 9.866   4.403   1.564   1.00 12.37  ? 1341 PHE A CE2 1 
ATOM   240  C CZ  . PHE A 1 50  ? 10.250  4.831   0.322   1.00 13.16  ? 1341 PHE A CZ  1 
ATOM   241  N N   . ARG A 1 51  ? 5.136   8.705   3.919   1.00 14.88  ? 1342 ARG A N   1 
ATOM   242  C CA  . ARG A 1 51  ? 3.996   9.020   4.819   1.00 16.09  ? 1342 ARG A CA  1 
ATOM   243  C C   . ARG A 1 51  ? 3.185   10.208  4.307   1.00 16.58  ? 1342 ARG A C   1 
ATOM   244  O O   . ARG A 1 51  ? 2.093   10.437  4.890   1.00 17.93  ? 1342 ARG A O   1 
ATOM   245  C CB  . ARG A 1 51  ? 4.485   9.341   6.234   1.00 16.93  ? 1342 ARG A CB  1 
ATOM   246  C CG  . ARG A 1 51  ? 4.910   8.115   7.026   1.00 17.18  ? 1342 ARG A CG  1 
ATOM   247  C CD  . ARG A 1 51  ? 5.664   8.475   8.291   1.00 18.15  ? 1342 ARG A CD  1 
ATOM   248  N NE  . ARG A 1 51  ? 6.143   7.262   8.936   1.00 19.18  ? 1342 ARG A NE  1 
ATOM   249  C CZ  . ARG A 1 51  ? 7.105   7.183   9.852   1.00 20.46  ? 1342 ARG A CZ  1 
ATOM   250  N NH1 . ARG A 1 51  ? 7.753   8.261   10.273  1.00 23.23  ? 1342 ARG A NH1 1 
ATOM   251  N NH2 . ARG A 1 51  ? 7.433   6.002   10.336  1.00 21.03  ? 1342 ARG A NH2 1 
ATOM   252  N N   . GLN A 1 52  ? 3.701   10.969  3.329   1.00 17.41  ? 1343 GLN A N   1 
ATOM   253  C CA  . GLN A 1 52  ? 3.010   12.148  2.754   1.00 19.22  ? 1343 GLN A CA  1 
ATOM   254  C C   . GLN A 1 52  ? 3.511   12.357  1.331   1.00 19.36  ? 1343 GLN A C   1 
ATOM   255  O O   . GLN A 1 52  ? 4.613   11.916  0.984   1.00 18.96  ? 1343 GLN A O   1 
ATOM   256  C CB  . GLN A 1 52  ? 3.194   13.383  3.647   1.00 21.45  ? 1343 GLN A CB  1 
ATOM   257  C CG  . GLN A 1 52  ? 4.631   13.862  3.774   1.00 24.04  ? 1343 GLN A CG  1 
ATOM   258  C CD  . GLN A 1 52  ? 4.735   15.224  4.424   1.00 26.17  ? 1343 GLN A CD  1 
ATOM   259  O OE1 . GLN A 1 52  ? 4.208   16.216  3.922   1.00 29.70  ? 1343 GLN A OE1 1 
ATOM   260  N NE2 . GLN A 1 52  ? 5.448   15.292  5.536   1.00 28.36  ? 1343 GLN A NE2 1 
ATOM   261  N N   . PRO A 1 53  ? 2.702   12.999  0.455   1.00 20.76  ? 1344 PRO A N   1 
ATOM   262  C CA  . PRO A 1 53  ? 3.095   13.215  -0.935  1.00 20.61  ? 1344 PRO A CA  1 
ATOM   263  C C   . PRO A 1 53  ? 4.468   13.903  -0.983  1.00 21.71  ? 1344 PRO A C   1 
ATOM   264  O O   . PRO A 1 53  ? 4.750   14.731  -0.118  1.00 23.00  ? 1344 PRO A O   1 
ATOM   265  C CB  . PRO A 1 53  ? 2.001   14.126  -1.522  1.00 19.53  ? 1344 PRO A CB  1 
ATOM   266  C CG  . PRO A 1 53  ? 0.819   13.947  -0.598  1.00 20.53  ? 1344 PRO A CG  1 
ATOM   267  C CD  . PRO A 1 53  ? 1.388   13.593  0.756   1.00 19.93  ? 1344 PRO A CD  1 
ATOM   268  N N   . VAL A 1 54  ? 5.292   13.526  -1.959  1.00 22.77  ? 1345 VAL A N   1 
ATOM   269  C CA  . VAL A 1 54  ? 6.630   14.135  -2.215  1.00 23.53  ? 1345 VAL A CA  1 
ATOM   270  C C   . VAL A 1 54  ? 6.466   15.646  -2.443  1.00 26.59  ? 1345 VAL A C   1 
ATOM   271  O O   . VAL A 1 54  ? 5.412   16.060  -2.982  1.00 25.71  ? 1345 VAL A O   1 
ATOM   272  C CB  . VAL A 1 54  ? 7.345   13.447  -3.396  1.00 23.77  ? 1345 VAL A CB  1 
ATOM   273  C CG1 . VAL A 1 54  ? 8.600   14.191  -3.824  1.00 23.97  ? 1345 VAL A CG1 1 
ATOM   274  C CG2 . VAL A 1 54  ? 7.677   11.998  -3.078  1.00 24.41  ? 1345 VAL A CG2 1 
ATOM   275  N N   . ASP A 1 55  ? 7.479   16.420  -2.024  1.00 28.74  ? 1346 ASP A N   1 
ATOM   276  C CA  . ASP A 1 55  ? 7.573   17.903  -2.120  1.00 31.29  ? 1346 ASP A CA  1 
ATOM   277  C C   . ASP A 1 55  ? 8.439   18.260  -3.335  1.00 30.65  ? 1346 ASP A C   1 
ATOM   278  O O   . ASP A 1 55  ? 9.612   17.842  -3.372  1.00 27.47  ? 1346 ASP A O   1 
ATOM   279  C CB  . ASP A 1 55  ? 8.171   18.497  -0.838  1.00 33.39  ? 1346 ASP A CB  1 
ATOM   280  C CG  . ASP A 1 55  ? 8.122   20.013  -0.734  1.00 35.72  ? 1346 ASP A CG  1 
ATOM   281  O OD1 . ASP A 1 55  ? 7.651   20.660  -1.689  1.00 36.77  ? 1346 ASP A OD1 1 
ATOM   282  O OD2 . ASP A 1 55  ? 8.566   20.536  0.309   1.00 39.36  ? 1346 ASP A OD2 1 
ATOM   283  N N   . LEU A 1 56  ? 7.893   19.031  -4.276  1.00 33.57  ? 1347 LEU A N   1 
ATOM   284  C CA  . LEU A 1 56  ? 8.567   19.335  -5.567  1.00 35.47  ? 1347 LEU A CA  1 
ATOM   285  C C   . LEU A 1 56  ? 9.685   20.373  -5.366  1.00 35.01  ? 1347 LEU A C   1 
ATOM   286  O O   . LEU A 1 56  ? 10.584  20.435  -6.222  1.00 36.40  ? 1347 LEU A O   1 
ATOM   287  C CB  . LEU A 1 56  ? 7.516   19.784  -6.587  1.00 35.63  ? 1347 LEU A CB  1 
ATOM   288  C CG  . LEU A 1 56  ? 6.362   18.800  -6.813  1.00 37.35  ? 1347 LEU A CG  1 
ATOM   289  C CD1 . LEU A 1 56  ? 5.488   19.245  -7.974  1.00 38.97  ? 1347 LEU A CD1 1 
ATOM   290  C CD2 . LEU A 1 56  ? 6.866   17.383  -7.050  1.00 38.99  ? 1347 LEU A CD2 1 
ATOM   291  N N   . LEU A 1 57  ? 9.684   21.136  -4.268  1.00 35.47  ? 1348 LEU A N   1 
ATOM   292  C CA  . LEU A 1 57  ? 10.786  22.099  -3.990  1.00 34.69  ? 1348 LEU A CA  1 
ATOM   293  C C   . LEU A 1 57  ? 12.103  21.332  -3.808  1.00 34.30  ? 1348 LEU A C   1 
ATOM   294  O O   . LEU A 1 57  ? 13.132  21.779  -4.352  1.00 33.12  ? 1348 LEU A O   1 
ATOM   295  C CB  . LEU A 1 57  ? 10.464  22.941  -2.751  1.00 36.81  ? 1348 LEU A CB  1 
ATOM   296  C CG  . LEU A 1 57  ? 9.634   24.198  -3.011  1.00 38.55  ? 1348 LEU A CG  1 
ATOM   297  C CD1 . LEU A 1 57  ? 9.142   24.795  -1.700  1.00 39.64  ? 1348 LEU A CD1 1 
ATOM   298  C CD2 . LEU A 1 57  ? 10.431  25.228  -3.800  1.00 39.85  ? 1348 LEU A CD2 1 
ATOM   299  N N   . GLU A 1 58  ? 12.070  20.226  -3.064  1.00 30.64  ? 1349 GLU A N   1 
ATOM   300  C CA  . GLU A 1 58  ? 13.276  19.422  -2.725  1.00 31.11  ? 1349 GLU A CA  1 
ATOM   301  C C   . GLU A 1 58  ? 13.638  18.504  -3.898  1.00 27.60  ? 1349 GLU A C   1 
ATOM   302  O O   . GLU A 1 58  ? 14.846  18.218  -4.077  1.00 28.50  ? 1349 GLU A O   1 
ATOM   303  C CB  . GLU A 1 58  ? 13.023  18.608  -1.456  1.00 31.86  ? 1349 GLU A CB  1 
ATOM   304  C CG  . GLU A 1 58  ? 12.930  19.452  -0.195  1.00 34.04  ? 1349 GLU A CG  1 
ATOM   305  C CD  . GLU A 1 58  ? 12.251  18.775  0.987   1.00 37.57  ? 1349 GLU A CD  1 
ATOM   306  O OE1 . GLU A 1 58  ? 11.704  17.661  0.805   1.00 39.98  ? 1349 GLU A OE1 1 
ATOM   307  O OE2 . GLU A 1 58  ? 12.267  19.359  2.096   1.00 39.91  ? 1349 GLU A OE2 1 
ATOM   308  N N   . TYR A 1 59  ? 12.633  18.042  -4.651  1.00 27.61  ? 1350 TYR A N   1 
ATOM   309  C CA  . TYR A 1 59  ? 12.782  17.104  -5.798  1.00 25.82  ? 1350 TYR A CA  1 
ATOM   310  C C   . TYR A 1 59  ? 12.132  17.730  -7.032  1.00 25.26  ? 1350 TYR A C   1 
ATOM   311  O O   . TYR A 1 59  ? 11.083  17.286  -7.489  1.00 24.42  ? 1350 TYR A O   1 
ATOM   312  C CB  . TYR A 1 59  ? 12.212  15.740  -5.398  1.00 25.52  ? 1350 TYR A CB  1 
ATOM   313  C CG  . TYR A 1 59  ? 12.983  15.063  -4.292  1.00 24.90  ? 1350 TYR A CG  1 
ATOM   314  C CD1 . TYR A 1 59  ? 14.103  14.301  -4.575  1.00 24.34  ? 1350 TYR A CD1 1 
ATOM   315  C CD2 . TYR A 1 59  ? 12.613  15.199  -2.961  1.00 25.45  ? 1350 TYR A CD2 1 
ATOM   316  C CE1 . TYR A 1 59  ? 14.828  13.681  -3.572  1.00 25.13  ? 1350 TYR A CE1 1 
ATOM   317  C CE2 . TYR A 1 59  ? 13.340  14.600  -1.940  1.00 24.18  ? 1350 TYR A CE2 1 
ATOM   318  C CZ  . TYR A 1 59  ? 14.441  13.822  -2.252  1.00 25.42  ? 1350 TYR A CZ  1 
ATOM   319  O OH  . TYR A 1 59  ? 15.163  13.184  -1.281  1.00 25.67  ? 1350 TYR A OH  1 
ATOM   320  N N   . PRO A 1 60  ? 12.752  18.790  -7.606  1.00 25.00  ? 1351 PRO A N   1 
ATOM   321  C CA  . PRO A 1 60  ? 12.101  19.603  -8.639  1.00 23.99  ? 1351 PRO A CA  1 
ATOM   322  C C   . PRO A 1 60  ? 11.628  18.846  -9.898  1.00 23.45  ? 1351 PRO A C   1 
ATOM   323  O O   . PRO A 1 60  ? 10.665  19.254  -10.517 1.00 24.13  ? 1351 PRO A O   1 
ATOM   324  C CB  . PRO A 1 60  ? 13.195  20.627  -9.013  1.00 24.70  ? 1351 PRO A CB  1 
ATOM   325  C CG  . PRO A 1 60  ? 14.105  20.688  -7.809  1.00 26.26  ? 1351 PRO A CG  1 
ATOM   326  C CD  . PRO A 1 60  ? 14.098  19.281  -7.254  1.00 26.58  ? 1351 PRO A CD  1 
ATOM   327  N N   . ASP A 1 61  ? 12.296  17.743  -10.226 1.00 22.09  ? 1352 ASP A N   1 
ATOM   328  C CA  . ASP A 1 61  ? 12.047  16.944  -11.455 1.00 21.07  ? 1352 ASP A CA  1 
ATOM   329  C C   . ASP A 1 61  ? 11.115  15.760  -11.148 1.00 19.13  ? 1352 ASP A C   1 
ATOM   330  O O   . ASP A 1 61  ? 10.839  14.970  -12.063 1.00 18.14  ? 1352 ASP A O   1 
ATOM   331  C CB  . ASP A 1 61  ? 13.366  16.413  -12.020 1.00 22.92  ? 1352 ASP A CB  1 
ATOM   332  C CG  . ASP A 1 61  ? 14.069  15.455  -11.080 1.00 24.41  ? 1352 ASP A CG  1 
ATOM   333  O OD1 . ASP A 1 61  ? 13.794  15.528  -9.854  1.00 28.21  ? 1352 ASP A OD1 1 
ATOM   334  O OD2 . ASP A 1 61  ? 14.892  14.654  -11.570 1.00 30.26  ? 1352 ASP A OD2 1 
ATOM   335  N N   . TYR A 1 62  ? 10.617  15.654  -9.915  1.00 16.95  ? 1353 TYR A N   1 
ATOM   336  C CA  . TYR A 1 62  ? 9.904   14.422  -9.491  1.00 15.78  ? 1353 TYR A CA  1 
ATOM   337  C C   . TYR A 1 62  ? 8.778   14.119  -10.491 1.00 15.80  ? 1353 TYR A C   1 
ATOM   338  O O   . TYR A 1 62  ? 8.679   12.975  -10.977 1.00 15.29  ? 1353 TYR A O   1 
ATOM   339  C CB  . TYR A 1 62  ? 9.421   14.548  -8.048  1.00 14.65  ? 1353 TYR A CB  1 
ATOM   340  C CG  . TYR A 1 62  ? 8.831   13.266  -7.508  1.00 13.91  ? 1353 TYR A CG  1 
ATOM   341  C CD1 . TYR A 1 62  ? 9.664   12.220  -7.151  1.00 14.08  ? 1353 TYR A CD1 1 
ATOM   342  C CD2 . TYR A 1 62  ? 7.457   13.087  -7.387  1.00 13.96  ? 1353 TYR A CD2 1 
ATOM   343  C CE1 . TYR A 1 62  ? 9.148   11.018  -6.701  1.00 13.32  ? 1353 TYR A CE1 1 
ATOM   344  C CE2 . TYR A 1 62  ? 6.922   11.903  -6.897  1.00 13.00  ? 1353 TYR A CE2 1 
ATOM   345  C CZ  . TYR A 1 62  ? 7.773   10.857  -6.582  1.00 13.21  ? 1353 TYR A CZ  1 
ATOM   346  O OH  . TYR A 1 62  ? 7.243   9.683   -6.109  1.00 12.74  ? 1353 TYR A OH  1 
ATOM   347  N N   . ARG A 1 63  ? 7.965   15.119  -10.843 1.00 15.72  ? 1354 ARG A N   1 
ATOM   348  C CA  . ARG A 1 63  ? 6.784   14.927  -11.723 1.00 16.26  ? 1354 ARG A CA  1 
ATOM   349  C C   . ARG A 1 63  ? 7.191   14.781  -13.199 1.00 15.29  ? 1354 ARG A C   1 
ATOM   350  O O   . ARG A 1 63  ? 6.326   14.395  -13.991 1.00 17.30  ? 1354 ARG A O   1 
ATOM   351  C CB  . ARG A 1 63  ? 5.770   16.052  -11.523 1.00 17.73  ? 1354 ARG A CB  1 
ATOM   352  C CG  . ARG A 1 63  ? 5.174   16.095  -10.122 1.00 20.17  ? 1354 ARG A CG  1 
ATOM   353  C CD  . ARG A 1 63  ? 4.503   14.805  -9.691  1.00 21.25  ? 1354 ARG A CD  1 
ATOM   354  N NE  . ARG A 1 63  ? 3.468   14.371  -10.622 1.00 22.90  ? 1354 ARG A NE  1 
ATOM   355  C CZ  . ARG A 1 63  ? 2.215   14.826  -10.645 1.00 24.70  ? 1354 ARG A CZ  1 
ATOM   356  N NH1 . ARG A 1 63  ? 1.809   15.751  -9.789  1.00 24.71  ? 1354 ARG A NH1 1 
ATOM   357  N NH2 . ARG A 1 63  ? 1.368   14.351  -11.542 1.00 26.98  ? 1354 ARG A NH2 1 
ATOM   358  N N   . ASP A 1 64  ? 8.457   15.008  -13.555 1.00 15.89  ? 1355 ASP A N   1 
ATOM   359  C CA  . ASP A 1 64  ? 8.984   14.666  -14.904 1.00 17.26  ? 1355 ASP A CA  1 
ATOM   360  C C   . ASP A 1 64  ? 9.051   13.138  -15.025 1.00 17.51  ? 1355 ASP A C   1 
ATOM   361  O O   . ASP A 1 64  ? 8.825   12.612  -16.133 1.00 18.75  ? 1355 ASP A O   1 
ATOM   362  C CB  . ASP A 1 64  ? 10.372  15.272  -15.149 1.00 17.72  ? 1355 ASP A CB  1 
ATOM   363  C CG  . ASP A 1 64  ? 10.472  16.780  -14.962 1.00 18.39  ? 1355 ASP A CG  1 
ATOM   364  O OD1 . ASP A 1 64  ? 9.424   17.457  -15.018 1.00 20.89  ? 1355 ASP A OD1 1 
ATOM   365  O OD2 . ASP A 1 64  ? 11.605  17.273  -14.777 1.00 21.16  ? 1355 ASP A OD2 1 
ATOM   366  N N   . ILE A 1 65  ? 9.363   12.462  -13.910 1.00 15.85  ? 1356 ILE A N   1 
ATOM   367  C CA  . ILE A 1 65  ? 9.654   11.000  -13.854 1.00 14.84  ? 1356 ILE A CA  1 
ATOM   368  C C   . ILE A 1 65  ? 8.379   10.220  -13.491 1.00 15.41  ? 1356 ILE A C   1 
ATOM   369  O O   . ILE A 1 65  ? 8.190   9.131   -14.073 1.00 17.31  ? 1356 ILE A O   1 
ATOM   370  C CB  . ILE A 1 65  ? 10.814  10.719  -12.874 1.00 14.90  ? 1356 ILE A CB  1 
ATOM   371  C CG1 . ILE A 1 65  ? 12.024  11.621  -13.135 1.00 14.44  ? 1356 ILE A CG1 1 
ATOM   372  C CG2 . ILE A 1 65  ? 11.202  9.256   -12.893 1.00 14.86  ? 1356 ILE A CG2 1 
ATOM   373  C CD1 . ILE A 1 65  ? 12.543  11.607  -14.555 1.00 14.97  ? 1356 ILE A CD1 1 
ATOM   374  N N   . ILE A 1 66  ? 7.569   10.745  -12.566 1.00 15.69  ? 1357 ILE A N   1 
ATOM   375  C CA  . ILE A 1 66  ? 6.439   10.037  -11.895 1.00 16.75  ? 1357 ILE A CA  1 
ATOM   376  C C   . ILE A 1 66  ? 5.122   10.657  -12.361 1.00 16.20  ? 1357 ILE A C   1 
ATOM   377  O O   . ILE A 1 66  ? 4.835   11.790  -12.011 1.00 18.90  ? 1357 ILE A O   1 
ATOM   378  C CB  . ILE A 1 66  ? 6.641   10.104  -10.368 1.00 14.94  ? 1357 ILE A CB  1 
ATOM   379  C CG1 . ILE A 1 66  ? 7.951   9.415   -9.950  1.00 16.47  ? 1357 ILE A CG1 1 
ATOM   380  C CG2 . ILE A 1 66  ? 5.425   9.565   -9.620  1.00 16.80  ? 1357 ILE A CG2 1 
ATOM   381  C CD1 . ILE A 1 66  ? 8.097   7.997   -10.423 1.00 16.34  ? 1357 ILE A CD1 1 
ATOM   382  N N   . ASP A 1 67  ? 4.339   9.861   -13.066 1.00 19.01  ? 1358 ASP A N   1 
ATOM   383  C CA  . ASP A 1 67  ? 3.022   10.320  -13.580 1.00 21.03  ? 1358 ASP A CA  1 
ATOM   384  C C   . ASP A 1 67  ? 1.946   10.331  -12.486 1.00 19.35  ? 1358 ASP A C   1 
ATOM   385  O O   . ASP A 1 67  ? 0.992   11.105  -12.576 1.00 20.46  ? 1358 ASP A O   1 
ATOM   386  C CB  . ASP A 1 67  ? 2.490   9.364   -14.638 1.00 24.32  ? 1358 ASP A CB  1 
ATOM   387  C CG  . ASP A 1 67  ? 3.296   9.241   -15.923 1.00 32.86  ? 1358 ASP A CG  1 
ATOM   388  O OD1 . ASP A 1 67  ? 4.015   10.183  -16.276 1.00 32.47  ? 1358 ASP A OD1 1 
ATOM   389  O OD2 . ASP A 1 67  ? 3.188   8.181   -16.565 1.00 40.81  ? 1358 ASP A OD2 1 
ATOM   390  N N   . THR A 1 68  ? 2.012   9.415   -11.503 1.00 16.90  ? 1359 THR A N   1 
ATOM   391  C CA  . THR A 1 68  ? 0.930   9.281   -10.503 1.00 17.22  ? 1359 THR A CA  1 
ATOM   392  C C   . THR A 1 68  ? 1.556   9.147   -9.124  1.00 15.60  ? 1359 THR A C   1 
ATOM   393  O O   . THR A 1 68  ? 1.841   8.020   -8.683  1.00 15.98  ? 1359 THR A O   1 
ATOM   394  C CB  . THR A 1 68  ? 0.009   8.080   -10.735 1.00 19.38  ? 1359 THR A CB  1 
ATOM   395  O OG1 . THR A 1 68  ? -0.403  8.129   -12.105 1.00 22.15  ? 1359 THR A OG1 1 
ATOM   396  C CG2 . THR A 1 68  ? -1.189  8.081   -9.794  1.00 19.14  ? 1359 THR A CG2 1 
ATOM   397  N N   . PRO A 1 69  ? 1.732   10.260  -8.413  1.00 14.94  ? 1360 PRO A N   1 
ATOM   398  C CA  . PRO A 1 69  ? 2.262   10.228  -7.048  1.00 15.21  ? 1360 PRO A CA  1 
ATOM   399  C C   . PRO A 1 69  ? 1.298   9.432   -6.159  1.00 13.66  ? 1360 PRO A C   1 
ATOM   400  O O   . PRO A 1 69  ? 0.089   9.383   -6.336  1.00 15.32  ? 1360 PRO A O   1 
ATOM   401  C CB  . PRO A 1 69  ? 2.353   11.698  -6.606  1.00 16.71  ? 1360 PRO A CB  1 
ATOM   402  C CG  . PRO A 1 69  ? 2.440   12.439  -7.924  1.00 19.45  ? 1360 PRO A CG  1 
ATOM   403  C CD  . PRO A 1 69  ? 1.530   11.667  -8.871  1.00 15.97  ? 1360 PRO A CD  1 
ATOM   404  N N   . MET A 1 70  ? 1.872   8.770   -5.150  1.00 13.47  ? 1361 MET A N   1 
ATOM   405  C CA  . MET A 1 70  ? 1.060   8.042   -4.112  1.00 13.42  ? 1361 MET A CA  1 
ATOM   406  C C   . MET A 1 70  ? 1.858   7.957   -2.807  1.00 12.65  ? 1361 MET A C   1 
ATOM   407  O O   . MET A 1 70  ? 3.077   7.942   -2.853  1.00 12.68  ? 1361 MET A O   1 
ATOM   408  C CB  . MET A 1 70  ? 0.684   6.640   -4.613  1.00 13.81  ? 1361 MET A CB  1 
ATOM   409  C CG  . MET A 1 70  ? -0.322  5.905   -3.748  1.00 13.25  ? 1361 MET A CG  1 
ATOM   410  S SD  . MET A 1 70  ? -1.838  6.785   -3.358  1.00 13.78  ? 1361 MET A SD  1 
ATOM   411  C CE  . MET A 1 70  ? -2.526  7.067   -4.998  1.00 17.64  ? 1361 MET A CE  1 
ATOM   412  N N   . ASP A 1 71  ? 1.156   7.956   -1.684  1.00 12.76  ? 1362 ASP A N   1 
ATOM   413  C CA  . ASP A 1 71  ? 1.796   7.916   -0.355  1.00 12.24  ? 1362 ASP A CA  1 
ATOM   414  C C   . ASP A 1 71  ? 0.816   7.281   0.612   1.00 11.73  ? 1362 ASP A C   1 
ATOM   415  O O   . ASP A 1 71  ? -0.382  7.145   0.296   1.00 11.44  ? 1362 ASP A O   1 
ATOM   416  C CB  . ASP A 1 71  ? 2.170   9.331   0.077   1.00 14.02  ? 1362 ASP A CB  1 
ATOM   417  C CG  . ASP A 1 71  ? 0.929   10.156  0.256   1.00 15.56  ? 1362 ASP A CG  1 
ATOM   418  O OD1 . ASP A 1 71  ? 0.408   10.675  -0.786  1.00 17.76  ? 1362 ASP A OD1 1 
ATOM   419  O OD2 . ASP A 1 71  ? 0.385   10.124  1.399   1.00 14.84  ? 1362 ASP A OD2 1 
ATOM   420  N N   . PHE A 1 72  ? 1.271   6.884   1.797   1.00 11.96  ? 1363 PHE A N   1 
ATOM   421  C CA  . PHE A 1 72  ? 0.399   6.118   2.722   1.00 11.88  ? 1363 PHE A CA  1 
ATOM   422  C C   . PHE A 1 72  ? -0.687  6.979   3.356   1.00 12.49  ? 1363 PHE A C   1 
ATOM   423  O O   . PHE A 1 72  ? -1.720  6.422   3.697   1.00 12.48  ? 1363 PHE A O   1 
ATOM   424  C CB  . PHE A 1 72  ? 1.236   5.443   3.805   1.00 12.10  ? 1363 PHE A CB  1 
ATOM   425  C CG  . PHE A 1 72  ? 1.951   4.225   3.291   1.00 12.30  ? 1363 PHE A CG  1 
ATOM   426  C CD1 . PHE A 1 72  ? 1.275   3.059   3.011   1.00 12.25  ? 1363 PHE A CD1 1 
ATOM   427  C CD2 . PHE A 1 72  ? 3.311   4.243   3.064   1.00 12.74  ? 1363 PHE A CD2 1 
ATOM   428  C CE1 . PHE A 1 72  ? 1.930   1.932   2.536   1.00 13.53  ? 1363 PHE A CE1 1 
ATOM   429  C CE2 . PHE A 1 72  ? 3.975   3.120   2.627   1.00 12.32  ? 1363 PHE A CE2 1 
ATOM   430  C CZ  . PHE A 1 72  ? 3.263   2.006   2.263   1.00 12.06  ? 1363 PHE A CZ  1 
ATOM   431  N N   . ALA A 1 73  ? -0.479  8.294   3.519   1.00 12.12  ? 1364 ALA A N   1 
ATOM   432  C CA  . ALA A 1 73  ? -1.577  9.143   4.034   1.00 12.48  ? 1364 ALA A CA  1 
ATOM   433  C C   . ALA A 1 73  ? -2.726  9.206   3.017   1.00 13.10  ? 1364 ALA A C   1 
ATOM   434  O O   . ALA A 1 73  ? -3.916  9.069   3.405   1.00 13.21  ? 1364 ALA A O   1 
ATOM   435  C CB  . ALA A 1 73  ? -1.080  10.534  4.336   1.00 13.48  ? 1364 ALA A CB  1 
ATOM   436  N N   . THR A 1 74  ? -2.413  9.302   1.734   1.00 12.82  ? 1365 THR A N   1 
ATOM   437  C CA  . THR A 1 74  ? -3.436  9.266   0.659   1.00 12.47  ? 1365 THR A CA  1 
ATOM   438  C C   . THR A 1 74  ? -4.155  7.914   0.741   1.00 11.74  ? 1365 THR A C   1 
ATOM   439  O O   . THR A 1 74  ? -5.412  7.876   0.639   1.00 11.74  ? 1365 THR A O   1 
ATOM   440  C CB  . THR A 1 74  ? -2.837  9.567   -0.689  1.00 13.08  ? 1365 THR A CB  1 
ATOM   441  O OG1 . THR A 1 74  ? -2.309  10.906  -0.618  1.00 15.31  ? 1365 THR A OG1 1 
ATOM   442  C CG2 . THR A 1 74  ? -3.865  9.421   -1.789  1.00 13.47  ? 1365 THR A CG2 1 
ATOM   443  N N   . VAL A 1 75  ? -3.413  6.804   0.832   1.00 11.31  ? 1366 VAL A N   1 
ATOM   444  C CA  . VAL A 1 75  ? -4.086  5.473   0.920   1.00 12.14  ? 1366 VAL A CA  1 
ATOM   445  C C   . VAL A 1 75  ? -5.038  5.431   2.115   1.00 11.52  ? 1366 VAL A C   1 
ATOM   446  O O   . VAL A 1 75  ? -6.223  4.971   1.996   1.00 11.98  ? 1366 VAL A O   1 
ATOM   447  C CB  . VAL A 1 75  ? -3.048  4.332   0.966   1.00 12.87  ? 1366 VAL A CB  1 
ATOM   448  C CG1 . VAL A 1 75  ? -3.766  3.024   1.197   1.00 13.70  ? 1366 VAL A CG1 1 
ATOM   449  C CG2 . VAL A 1 75  ? -2.256  4.300   -0.321  1.00 13.11  ? 1366 VAL A CG2 1 
ATOM   450  N N   . ARG A 1 76  ? -4.587  5.835   3.299   1.00 11.82  ? 1367 ARG A N   1 
ATOM   451  C CA  . ARG A 1 76  ? -5.418  5.836   4.541   1.00 13.33  ? 1367 ARG A CA  1 
ATOM   452  C C   . ARG A 1 76  ? -6.660  6.726   4.360   1.00 13.63  ? 1367 ARG A C   1 
ATOM   453  O O   . ARG A 1 76  ? -7.772  6.305   4.745   1.00 13.64  ? 1367 ARG A O   1 
ATOM   454  C CB  . ARG A 1 76  ? -4.581  6.351   5.718   1.00 15.03  ? 1367 ARG A CB  1 
ATOM   455  C CG  . ARG A 1 76  ? -5.298  6.328   7.053   1.00 19.88  ? 1367 ARG A CG  1 
ATOM   456  C CD  . ARG A 1 76  ? -4.279  6.862   8.062   1.00 26.04  ? 1367 ARG A CD  1 
ATOM   457  N NE  . ARG A 1 76  ? -3.654  5.822   8.841   1.00 26.93  ? 1367 ARG A NE  1 
ATOM   458  C CZ  . ARG A 1 76  ? -2.648  5.973   9.704   1.00 26.57  ? 1367 ARG A CZ  1 
ATOM   459  N NH1 . ARG A 1 76  ? -1.992  7.116   9.798   1.00 25.29  ? 1367 ARG A NH1 1 
ATOM   460  N NH2 . ARG A 1 76  ? -2.275  4.933   10.422  1.00 30.47  ? 1367 ARG A NH2 1 
ATOM   461  N N   . GLU A 1 77  ? -6.510  7.916   3.770   1.00 13.30  ? 1368 GLU A N   1 
ATOM   462  C CA  . GLU A 1 77  ? -7.654  8.820   3.593   1.00 14.49  ? 1368 GLU A CA  1 
ATOM   463  C C   . GLU A 1 77  ? -8.642  8.170   2.625   1.00 13.02  ? 1368 GLU A C   1 
ATOM   464  O O   . GLU A 1 77  ? -9.842  8.315   2.813   1.00 13.36  ? 1368 GLU A O   1 
ATOM   465  C CB  . GLU A 1 77  ? -7.105  10.140  3.101   1.00 16.21  ? 1368 GLU A CB  1 
ATOM   466  C CG  . GLU A 1 77  ? -6.379  10.943  4.161   1.00 20.64  ? 1368 GLU A CG  1 
ATOM   467  C CD  . GLU A 1 77  ? -5.448  12.037  3.654   1.00 30.87  ? 1368 GLU A CD  1 
ATOM   468  O OE1 . GLU A 1 77  ? -5.490  12.347  2.419   1.00 36.39  ? 1368 GLU A OE1 1 
ATOM   469  O OE2 . GLU A 1 77  ? -4.671  12.566  4.507   1.00 37.20  ? 1368 GLU A OE2 1 
ATOM   470  N N   . THR A 1 78  ? -8.193  7.584   1.530   1.00 12.58  ? 1369 THR A N   1 
ATOM   471  C CA  . THR A 1 78  ? -9.084  6.940   0.527   1.00 12.77  ? 1369 THR A CA  1 
ATOM   472  C C   . THR A 1 78  ? -9.875  5.803   1.197   1.00 12.87  ? 1369 THR A C   1 
ATOM   473  O O   . THR A 1 78  ? -11.125 5.676   1.007   1.00 13.41  ? 1369 THR A O   1 
ATOM   474  C CB  . THR A 1 78  ? -8.256  6.429   -0.660  1.00 13.13  ? 1369 THR A CB  1 
ATOM   475  O OG1 . THR A 1 78  ? -7.464  7.482   -1.218  1.00 13.82  ? 1369 THR A OG1 1 
ATOM   476  C CG2 . THR A 1 78  ? -9.092  5.782   -1.736  1.00 14.09  ? 1369 THR A CG2 1 
ATOM   477  N N   . LEU A 1 79  ? -9.204  4.985   2.029   1.00 11.49  ? 1370 LEU A N   1 
ATOM   478  C CA  . LEU A 1 79  ? -9.865  3.899   2.784   1.00 12.02  ? 1370 LEU A CA  1 
ATOM   479  C C   . LEU A 1 79  ? -10.919 4.520   3.714   1.00 11.39  ? 1370 LEU A C   1 
ATOM   480  O O   . LEU A 1 79  ? -12.126 4.028   3.742   1.00 12.61  ? 1370 LEU A O   1 
ATOM   481  C CB  . LEU A 1 79  ? -8.777  3.106   3.528   1.00 11.72  ? 1370 LEU A CB  1 
ATOM   482  C CG  . LEU A 1 79  ? -9.283  1.866   4.280   1.00 12.58  ? 1370 LEU A CG  1 
ATOM   483  C CD1 . LEU A 1 79  ? -9.831  0.848   3.277   1.00 13.25  ? 1370 LEU A CD1 1 
ATOM   484  C CD2 . LEU A 1 79  ? -8.162  1.261   5.115   1.00 14.01  ? 1370 LEU A CD2 1 
ATOM   485  N N   . GLU A 1 80  ? -10.560 5.523   4.523   1.00 13.72  ? 1371 GLU A N   1 
ATOM   486  C CA  . GLU A 1 80  ? -11.484 6.104   5.539   1.00 16.09  ? 1371 GLU A CA  1 
ATOM   487  C C   . GLU A 1 80  ? -12.642 6.843   4.858   1.00 14.24  ? 1371 GLU A C   1 
ATOM   488  O O   . GLU A 1 80  ? -13.720 6.884   5.458   1.00 16.28  ? 1371 GLU A O   1 
ATOM   489  C CB  . GLU A 1 80  ? -10.675 6.925   6.540   1.00 17.19  ? 1371 GLU A CB  1 
ATOM   490  C CG  . GLU A 1 80  ? -9.683  6.031   7.329   1.00 24.45  ? 1371 GLU A CG  1 
ATOM   491  C CD  . GLU A 1 80  ? -10.336 4.833   8.052   1.00 32.00  ? 1371 GLU A CD  1 
ATOM   492  O OE1 . GLU A 1 80  ? -10.785 5.093   9.200   1.00 41.58  ? 1371 GLU A OE1 1 
ATOM   493  O OE2 . GLU A 1 80  ? -10.471 3.654   7.463   1.00 25.31  ? 1371 GLU A OE2 1 
ATOM   494  N N   . ALA A 1 81  ? -12.468 7.355   3.645   1.00 13.77  ? 1372 ALA A N   1 
ATOM   495  C CA  . ALA A 1 81  ? -13.570 8.009   2.878   1.00 14.11  ? 1372 ALA A CA  1 
ATOM   496  C C   . ALA A 1 81  ? -14.575 6.982   2.344   1.00 13.76  ? 1372 ALA A C   1 
ATOM   497  O O   . ALA A 1 81  ? -15.615 7.336   1.747   1.00 15.09  ? 1372 ALA A O   1 
ATOM   498  C CB  . ALA A 1 81  ? -12.988 8.800   1.735   1.00 15.33  ? 1372 ALA A CB  1 
ATOM   499  N N   . GLY A 1 82  ? -14.269 5.683   2.423   1.00 13.40  ? 1373 GLY A N   1 
ATOM   500  C CA  . GLY A 1 82  ? -15.082 4.684   1.742   1.00 12.62  ? 1373 GLY A CA  1 
ATOM   501  C C   . GLY A 1 82  ? -14.942 4.698   0.257   1.00 11.97  ? 1373 GLY A C   1 
ATOM   502  O O   . GLY A 1 82  ? -15.928 4.483   -0.460  1.00 13.09  ? 1373 GLY A O   1 
ATOM   503  N N   . ASN A 1 83  ? -13.718 4.927   -0.234  1.00 12.46  ? 1374 ASN A N   1 
ATOM   504  C CA  . ASN A 1 83  ? -13.439 5.096   -1.685  1.00 12.82  ? 1374 ASN A CA  1 
ATOM   505  C C   . ASN A 1 83  ? -12.624 3.906   -2.246  1.00 12.28  ? 1374 ASN A C   1 
ATOM   506  O O   . ASN A 1 83  ? -12.264 3.946   -3.443  1.00 12.55  ? 1374 ASN A O   1 
ATOM   507  C CB  . ASN A 1 83  ? -12.804 6.466   -1.940  1.00 13.53  ? 1374 ASN A CB  1 
ATOM   508  C CG  . ASN A 1 83  ? -13.762 7.638   -1.833  1.00 14.47  ? 1374 ASN A CG  1 
ATOM   509  O OD1 . ASN A 1 83  ? -13.317 8.779   -1.663  1.00 14.30  ? 1374 ASN A OD1 1 
ATOM   510  N ND2 . ASN A 1 83  ? -15.059 7.382   -1.942  1.00 14.00  ? 1374 ASN A ND2 1 
ATOM   511  N N   . TYR A 1 84  ? -12.395 2.851   -1.447  1.00 12.79  ? 1375 TYR A N   1 
ATOM   512  C CA  . TYR A 1 84  ? -11.920 1.545   -1.947  1.00 12.87  ? 1375 TYR A CA  1 
ATOM   513  C C   . TYR A 1 84  ? -13.113 0.569   -1.864  1.00 12.88  ? 1375 TYR A C   1 
ATOM   514  O O   . TYR A 1 84  ? -13.775 0.488   -0.824  1.00 13.42  ? 1375 TYR A O   1 
ATOM   515  C CB  . TYR A 1 84  ? -10.735 0.981   -1.166  1.00 12.50  ? 1375 TYR A CB  1 
ATOM   516  C CG  . TYR A 1 84  ? -9.439  1.728   -1.347  1.00 12.12  ? 1375 TYR A CG  1 
ATOM   517  C CD1 . TYR A 1 84  ? -8.913  1.963   -2.603  1.00 12.60  ? 1375 TYR A CD1 1 
ATOM   518  C CD2 . TYR A 1 84  ? -8.711  2.155   -0.261  1.00 11.20  ? 1375 TYR A CD2 1 
ATOM   519  C CE1 . TYR A 1 84  ? -7.675  2.572   -2.762  1.00 11.33  ? 1375 TYR A CE1 1 
ATOM   520  C CE2 . TYR A 1 84  ? -7.502  2.804   -0.426  1.00 11.93  ? 1375 TYR A CE2 1 
ATOM   521  C CZ  . TYR A 1 84  ? -6.973  3.016   -1.669  1.00 12.14  ? 1375 TYR A CZ  1 
ATOM   522  O OH  . TYR A 1 84  ? -5.771  3.670   -1.791  1.00 12.69  ? 1375 TYR A OH  1 
ATOM   523  N N   . GLU A 1 85  ? -13.343 -0.154  -2.968  1.00 13.12  ? 1376 GLU A N   1 
ATOM   524  C CA  . GLU A 1 85  ? -14.382 -1.244  -2.958  1.00 15.54  ? 1376 GLU A CA  1 
ATOM   525  C C   . GLU A 1 85  ? -13.799 -2.590  -2.459  1.00 15.46  ? 1376 GLU A C   1 
ATOM   526  O O   . GLU A 1 85  ? -14.565 -3.439  -1.929  1.00 19.69  ? 1376 GLU A O   1 
ATOM   527  C CB  . GLU A 1 85  ? -14.972 -1.390  -4.357  1.00 17.33  ? 1376 GLU A CB  1 
ATOM   528  C CG  . GLU A 1 85  ? -16.133 -2.374  -4.325  1.00 23.20  ? 1376 GLU A CG  1 
ATOM   529  C CD  . GLU A 1 85  ? -16.894 -2.486  -5.627  1.00 27.04  ? 1376 GLU A CD  1 
ATOM   530  O OE1 . GLU A 1 85  ? -16.412 -1.939  -6.661  1.00 37.08  ? 1376 GLU A OE1 1 
ATOM   531  O OE2 . GLU A 1 85  ? -18.032 -3.060  -5.581  1.00 33.50  ? 1376 GLU A OE2 1 
ATOM   532  N N   . SER A 1 86  ? -12.483 -2.796  -2.584  1.00 13.59  ? 1377 SER A N   1 
ATOM   533  C CA  . SER A 1 86  ? -11.848 -4.104  -2.314  1.00 13.13  ? 1377 SER A CA  1 
ATOM   534  C C   . SER A 1 86  ? -10.432 -3.880  -1.845  1.00 13.52  ? 1377 SER A C   1 
ATOM   535  O O   . SER A 1 86  ? -9.820  -2.839  -2.103  1.00 13.21  ? 1377 SER A O   1 
ATOM   536  C CB  . SER A 1 86  ? -11.849 -4.942  -3.529  1.00 13.23  ? 1377 SER A CB  1 
ATOM   537  O OG  . SER A 1 86  ? -10.921 -4.457  -4.481  1.00 15.05  ? 1377 SER A OG  1 
ATOM   538  N N   . PRO A 1 87  ? -9.848  -4.889  -1.167  1.00 12.54  ? 1378 PRO A N   1 
ATOM   539  C CA  . PRO A 1 87  ? -8.448  -4.779  -0.759  1.00 12.56  ? 1378 PRO A CA  1 
ATOM   540  C C   . PRO A 1 87  ? -7.507  -4.831  -1.969  1.00 12.41  ? 1378 PRO A C   1 
ATOM   541  O O   . PRO A 1 87  ? -6.372  -4.337  -1.862  1.00 12.69  ? 1378 PRO A O   1 
ATOM   542  C CB  . PRO A 1 87  ? -8.218  -5.998  0.150   1.00 12.43  ? 1378 PRO A CB  1 
ATOM   543  C CG  . PRO A 1 87  ? -9.310  -7.017  -0.261  1.00 12.14  ? 1378 PRO A CG  1 
ATOM   544  C CD  . PRO A 1 87  ? -10.478 -6.107  -0.608  1.00 13.35  ? 1378 PRO A CD  1 
ATOM   545  N N   . MET A 1 88  ? -7.973  -5.387  -3.094  1.00 11.19  ? 1379 MET A N   1 
ATOM   546  C CA  . MET A 1 88  ? -7.151  -5.381  -4.317  1.00 11.31  ? 1379 MET A CA  1 
ATOM   547  C C   . MET A 1 88  ? -6.871  -3.938  -4.769  1.00 10.91  ? 1379 MET A C   1 
ATOM   548  O O   . MET A 1 88  ? -5.762  -3.639  -5.250  1.00 11.35  ? 1379 MET A O   1 
ATOM   549  C CB  . MET A 1 88  ? -7.782  -6.210  -5.448  1.00 13.22  ? 1379 MET A CB  1 
ATOM   550  C CG  . MET A 1 88  ? -7.929  -7.669  -5.119  1.00 14.01  ? 1379 MET A CG  1 
ATOM   551  S SD  . MET A 1 88  ? -9.373  -8.146  -4.145  1.00 15.64  ? 1379 MET A SD  1 
ATOM   552  C CE  . MET A 1 88  ? -10.601 -8.127  -5.441  1.00 17.52  ? 1379 MET A CE  1 
ATOM   553  N N   . GLU A 1 89  ? -7.853  -3.041  -4.682  1.00 11.72  ? 1380 GLU A N   1 
ATOM   554  C CA  . GLU A 1 89  ? -7.649  -1.651  -5.100  1.00 12.45  ? 1380 GLU A CA  1 
ATOM   555  C C   . GLU A 1 89  ? -6.650  -0.988  -4.132  1.00 11.74  ? 1380 GLU A C   1 
ATOM   556  O O   . GLU A 1 89  ? -5.744  -0.200  -4.566  1.00 11.99  ? 1380 GLU A O   1 
ATOM   557  C CB  . GLU A 1 89  ? -8.979  -0.904  -5.084  1.00 13.99  ? 1380 GLU A CB  1 
ATOM   558  C CG  . GLU A 1 89  ? -9.969  -1.326  -6.166  1.00 14.04  ? 1380 GLU A CG  1 
ATOM   559  C CD  . GLU A 1 89  ? -11.293 -0.578  -6.037  1.00 16.91  ? 1380 GLU A CD  1 
ATOM   560  O OE1 . GLU A 1 89  ? -11.456 0.115   -5.049  1.00 15.67  ? 1380 GLU A OE1 1 
ATOM   561  O OE2 . GLU A 1 89  ? -12.165 -0.736  -6.945  1.00 22.30  ? 1380 GLU A OE2 1 
ATOM   562  N N   . LEU A 1 90  ? -6.763  -1.213  -2.822  1.00 11.07  ? 1381 LEU A N   1 
ATOM   563  C CA  . LEU A 1 90  ? -5.775  -0.655  -1.890  1.00 11.88  ? 1381 LEU A CA  1 
ATOM   564  C C   . LEU A 1 90  ? -4.370  -1.159  -2.209  1.00 12.09  ? 1381 LEU A C   1 
ATOM   565  O O   . LEU A 1 90  ? -3.394  -0.394  -2.157  1.00 11.44  ? 1381 LEU A O   1 
ATOM   566  C CB  . LEU A 1 90  ? -6.183  -1.033  -0.464  1.00 12.33  ? 1381 LEU A CB  1 
ATOM   567  C CG  . LEU A 1 90  ? -5.279  -0.508  0.660   1.00 12.01  ? 1381 LEU A CG  1 
ATOM   568  C CD1 . LEU A 1 90  ? -6.096  -0.094  1.860   1.00 12.31  ? 1381 LEU A CD1 1 
ATOM   569  C CD2 . LEU A 1 90  ? -4.210  -1.544  1.060   1.00 12.56  ? 1381 LEU A CD2 1 
ATOM   570  N N   A CYS A 1 91  ? -4.273  -2.461  -2.500  0.34 10.96  ? 1382 CYS A N   1 
ATOM   571  N N   B CYS A 1 91  ? -4.228  -2.455  -2.485  0.32 11.97  ? 1382 CYS A N   1 
ATOM   572  C CA  A CYS A 1 91  ? -2.989  -3.135  -2.789  0.34 11.65  ? 1382 CYS A CA  1 
ATOM   573  C CA  B CYS A 1 91  ? -2.904  -3.026  -2.824  0.32 13.15  ? 1382 CYS A CA  1 
ATOM   574  C C   A CYS A 1 91  ? -2.368  -2.463  -4.028  0.34 11.95  ? 1382 CYS A C   1 
ATOM   575  C C   B CYS A 1 91  ? -2.338  -2.310  -4.034  0.32 12.69  ? 1382 CYS A C   1 
ATOM   576  O O   A CYS A 1 91  ? -1.153  -2.220  -4.043  0.34 12.51  ? 1382 CYS A O   1 
ATOM   577  O O   B CYS A 1 91  ? -1.134  -2.000  -4.070  0.32 12.36  ? 1382 CYS A O   1 
ATOM   578  C CB  A CYS A 1 91  ? -3.211  -4.638  -2.956  0.34 11.29  ? 1382 CYS A CB  1 
ATOM   579  C CB  B CYS A 1 91  ? -3.001  -4.487  -3.202  0.32 14.03  ? 1382 CYS A CB  1 
ATOM   580  S SG  A CYS A 1 91  ? -1.677  -5.610  -3.003  0.34 11.15  ? 1382 CYS A SG  1 
ATOM   581  S SG  B CYS A 1 91  ? -3.207  -5.465  -1.718  0.32 17.19  ? 1382 CYS A SG  1 
ATOM   582  N N   . LYS A 1 92  ? -3.164  -2.138  -5.055  1.00 13.11  ? 1383 LYS A N   1 
ATOM   583  C CA  . LYS A 1 92  ? -2.641  -1.518  -6.281  1.00 14.13  ? 1383 LYS A CA  1 
ATOM   584  C C   . LYS A 1 92  ? -2.013  -0.154  -5.922  1.00 12.42  ? 1383 LYS A C   1 
ATOM   585  O O   . LYS A 1 92  ? -0.904  0.184   -6.409  1.00 12.99  ? 1383 LYS A O   1 
ATOM   586  C CB  . LYS A 1 92  ? -3.769  -1.385  -7.295  1.00 16.84  ? 1383 LYS A CB  1 
ATOM   587  C CG  . LYS A 1 92  ? -3.360  -0.770  -8.612  1.00 18.60  ? 1383 LYS A CG  1 
ATOM   588  C CD  . LYS A 1 92  ? -4.466  -0.871  -9.641  1.00 21.91  ? 1383 LYS A CD  1 
ATOM   589  C CE  . LYS A 1 92  ? -4.297  0.164   -10.736 1.00 27.43  ? 1383 LYS A CE  1 
ATOM   590  N NZ  . LYS A 1 92  ? -5.347  0.080   -11.792 1.00 31.90  ? 1383 LYS A NZ  1 
ATOM   591  N N   . ASP A 1 93  ? -2.663  0.653   -5.090  1.00 11.21  ? 1384 ASP A N   1 
ATOM   592  C CA  . ASP A 1 93  ? -2.119  1.982   -4.706  1.00 12.11  ? 1384 ASP A CA  1 
ATOM   593  C C   . ASP A 1 93  ? -0.853  1.811   -3.852  1.00 11.57  ? 1384 ASP A C   1 
ATOM   594  O O   . ASP A 1 93  ? 0.106   2.577   -4.006  1.00 11.02  ? 1384 ASP A O   1 
ATOM   595  C CB  . ASP A 1 93  ? -3.166  2.840   -4.005  1.00 11.75  ? 1384 ASP A CB  1 
ATOM   596  C CG  . ASP A 1 93  ? -4.163  3.535   -4.899  1.00 15.51  ? 1384 ASP A CG  1 
ATOM   597  O OD1 . ASP A 1 93  ? -3.944  3.476   -6.149  1.00 18.58  ? 1384 ASP A OD1 1 
ATOM   598  O OD2 . ASP A 1 93  ? -5.151  4.109   -4.341  1.00 14.40  ? 1384 ASP A OD2 1 
ATOM   599  N N   . VAL A 1 94  ? -0.819  0.830   -2.944  1.00 10.95  ? 1385 VAL A N   1 
ATOM   600  C CA  . VAL A 1 94  ? 0.388   0.684   -2.080  1.00 11.00  ? 1385 VAL A CA  1 
ATOM   601  C C   . VAL A 1 94  ? 1.529   0.220   -2.991  1.00 10.87  ? 1385 VAL A C   1 
ATOM   602  O O   . VAL A 1 94  ? 2.653   0.726   -2.881  1.00 11.25  ? 1385 VAL A O   1 
ATOM   603  C CB  . VAL A 1 94  ? 0.147   -0.318  -0.943  1.00 11.06  ? 1385 VAL A CB  1 
ATOM   604  C CG1 . VAL A 1 94  ? 1.458   -0.712  -0.308  1.00 11.41  ? 1385 VAL A CG1 1 
ATOM   605  C CG2 . VAL A 1 94  ? -0.810  0.208   0.094   1.00 11.04  ? 1385 VAL A CG2 1 
ATOM   606  N N   . ARG A 1 95  ? 1.259   -0.678  -3.950  1.00 10.62  ? 1386 ARG A N   1 
ATOM   607  C CA  . ARG A 1 95  ? 2.330   -1.127  -4.857  1.00 11.31  ? 1386 ARG A CA  1 
ATOM   608  C C   . ARG A 1 95  ? 2.865   0.035   -5.692  1.00 11.95  ? 1386 ARG A C   1 
ATOM   609  O O   . ARG A 1 95  ? 4.069   0.035   -6.056  1.00 11.65  ? 1386 ARG A O   1 
ATOM   610  C CB  . ARG A 1 95  ? 1.866   -2.327  -5.670  1.00 12.04  ? 1386 ARG A CB  1 
ATOM   611  C CG  . ARG A 1 95  ? 1.770   -3.575  -4.796  1.00 13.60  ? 1386 ARG A CG  1 
ATOM   612  C CD  . ARG A 1 95  ? 1.016   -4.694  -5.513  1.00 16.28  ? 1386 ARG A CD  1 
ATOM   613  N NE  . ARG A 1 95  ? 1.003   -5.918  -4.711  1.00 16.98  ? 1386 ARG A NE  1 
ATOM   614  C CZ  . ARG A 1 95  ? 0.352   -7.035  -5.035  1.00 21.00  ? 1386 ARG A CZ  1 
ATOM   615  N NH1 . ARG A 1 95  ? -0.376  -7.095  -6.131  1.00 20.86  ? 1386 ARG A NH1 1 
ATOM   616  N NH2 . ARG A 1 95  ? 0.440   -8.098  -4.240  1.00 22.40  ? 1386 ARG A NH2 1 
ATOM   617  N N   . LEU A 1 96  ? 2.000   1.004   -6.013  1.00 11.56  ? 1387 LEU A N   1 
ATOM   618  C CA  . LEU A 1 96  ? 2.404   2.237   -6.747  1.00 11.98  ? 1387 LEU A CA  1 
ATOM   619  C C   . LEU A 1 96  ? 3.436   3.031   -5.937  1.00 11.41  ? 1387 LEU A C   1 
ATOM   620  O O   . LEU A 1 96  ? 4.394   3.597   -6.517  1.00 12.12  ? 1387 LEU A O   1 
ATOM   621  C CB  . LEU A 1 96  ? 1.161   3.090   -7.018  1.00 12.78  ? 1387 LEU A CB  1 
ATOM   622  C CG  . LEU A 1 96  ? 1.371   4.351   -7.851  1.00 13.79  ? 1387 LEU A CG  1 
ATOM   623  C CD1 . LEU A 1 96  ? 2.002   4.013   -9.182  1.00 13.96  ? 1387 LEU A CD1 1 
ATOM   624  C CD2 . LEU A 1 96  ? 0.056   5.092   -8.068  1.00 13.78  ? 1387 LEU A CD2 1 
ATOM   625  N N   . ILE A 1 97  ? 3.278   3.108   -4.612  1.00 11.68  ? 1388 ILE A N   1 
ATOM   626  C CA  . ILE A 1 97  ? 4.302   3.794   -3.770  1.00 10.76  ? 1388 ILE A CA  1 
ATOM   627  C C   . ILE A 1 97  ? 5.676   3.167   -4.069  1.00 10.64  ? 1388 ILE A C   1 
ATOM   628  O O   . ILE A 1 97  ? 6.670   3.881   -4.264  1.00 10.95  ? 1388 ILE A O   1 
ATOM   629  C CB  . ILE A 1 97  ? 3.958   3.698   -2.280  1.00 11.11  ? 1388 ILE A CB  1 
ATOM   630  C CG1 . ILE A 1 97  ? 2.611   4.374   -2.008  1.00 10.58  ? 1388 ILE A CG1 1 
ATOM   631  C CG2 . ILE A 1 97  ? 5.079   4.259   -1.412  1.00 11.72  ? 1388 ILE A CG2 1 
ATOM   632  C CD1 . ILE A 1 97  ? 2.062   4.127   -0.625  1.00 10.82  ? 1388 ILE A CD1 1 
ATOM   633  N N   . PHE A 1 98  ? 5.737   1.843   -4.089  1.00 10.80  ? 1389 PHE A N   1 
ATOM   634  C CA  . PHE A 1 98  ? 7.035   1.138   -4.228  1.00 11.82  ? 1389 PHE A CA  1 
ATOM   635  C C   . PHE A 1 98  ? 7.526   1.246   -5.676  1.00 11.76  ? 1389 PHE A C   1 
ATOM   636  O O   . PHE A 1 98  ? 8.726   1.421   -5.879  1.00 11.48  ? 1389 PHE A O   1 
ATOM   637  C CB  . PHE A 1 98  ? 6.943   -0.303  -3.722  1.00 12.08  ? 1389 PHE A CB  1 
ATOM   638  C CG  . PHE A 1 98  ? 6.376   -0.452  -2.333  1.00 12.08  ? 1389 PHE A CG  1 
ATOM   639  C CD1 . PHE A 1 98  ? 6.774   0.374   -1.296  1.00 12.90  ? 1389 PHE A CD1 1 
ATOM   640  C CD2 . PHE A 1 98  ? 5.407   -1.411  -2.066  1.00 12.46  ? 1389 PHE A CD2 1 
ATOM   641  C CE1 . PHE A 1 98  ? 6.259   0.215   -0.014  1.00 12.83  ? 1389 PHE A CE1 1 
ATOM   642  C CE2 . PHE A 1 98  ? 4.895   -1.559  -0.788  1.00 12.48  ? 1389 PHE A CE2 1 
ATOM   643  C CZ  . PHE A 1 98  ? 5.340   -0.769  0.233   1.00 13.23  ? 1389 PHE A CZ  1 
ATOM   644  N N   . SER A 1 99  ? 6.657   1.132   -6.681  1.00 12.20  ? 1390 SER A N   1 
ATOM   645  C CA  . SER A 1 99  ? 7.126   1.307   -8.080  1.00 11.92  ? 1390 SER A CA  1 
ATOM   646  C C   . SER A 1 99  ? 7.609   2.749   -8.291  1.00 12.31  ? 1390 SER A C   1 
ATOM   647  O O   . SER A 1 99  ? 8.604   2.958   -9.032  1.00 12.31  ? 1390 SER A O   1 
ATOM   648  C CB  . SER A 1 99  ? 6.059   0.907   -9.070  1.00 12.64  ? 1390 SER A CB  1 
ATOM   649  O OG  . SER A 1 99  ? 4.923   1.745   -8.985  1.00 14.07  ? 1390 SER A OG  1 
ATOM   650  N N   . ASN A 1 100 ? 6.945   3.741   -7.712  1.00 11.58  ? 1391 ASN A N   1 
ATOM   651  C CA  . ASN A 1 100 ? 7.392   5.141   -7.865  1.00 12.34  ? 1391 ASN A CA  1 
ATOM   652  C C   . ASN A 1 100 ? 8.802   5.276   -7.279  1.00 12.33  ? 1391 ASN A C   1 
ATOM   653  O O   . ASN A 1 100 ? 9.680   5.944   -7.892  1.00 13.01  ? 1391 ASN A O   1 
ATOM   654  C CB  . ASN A 1 100 ? 6.448   6.146   -7.236  1.00 12.32  ? 1391 ASN A CB  1 
ATOM   655  C CG  . ASN A 1 100 ? 5.157   6.350   -7.998  1.00 11.56  ? 1391 ASN A CG  1 
ATOM   656  O OD1 . ASN A 1 100 ? 5.021   5.939   -9.166  1.00 12.98  ? 1391 ASN A OD1 1 
ATOM   657  N ND2 . ASN A 1 100 ? 4.252   7.036   -7.342  1.00 12.90  ? 1391 ASN A ND2 1 
ATOM   658  N N   . SER A 1 101 ? 9.084   4.718   -6.110  1.00 12.47  ? 1392 SER A N   1 
ATOM   659  C CA  . SER A 1 101 ? 10.437  4.813   -5.517  1.00 13.10  ? 1392 SER A CA  1 
ATOM   660  C C   . SER A 1 101 ? 11.462  4.107   -6.420  1.00 13.14  ? 1392 SER A C   1 
ATOM   661  O O   . SER A 1 101 ? 12.565  4.662   -6.668  1.00 13.27  ? 1392 SER A O   1 
ATOM   662  C CB  . SER A 1 101 ? 10.402  4.251   -4.097  1.00 12.44  ? 1392 SER A CB  1 
ATOM   663  O OG  . SER A 1 101 ? 11.691  4.347   -3.492  1.00 14.07  ? 1392 SER A OG  1 
ATOM   664  N N   . LYS A 1 102 ? 11.152  2.955   -6.966  1.00 12.75  ? 1393 LYS A N   1 
ATOM   665  C CA  . LYS A 1 102 ? 12.065  2.249   -7.880  1.00 13.29  ? 1393 LYS A CA  1 
ATOM   666  C C   . LYS A 1 102 ? 12.300  3.065   -9.139  1.00 14.24  ? 1393 LYS A C   1 
ATOM   667  O O   . LYS A 1 102 ? 13.471  3.086   -9.596  1.00 14.31  ? 1393 LYS A O   1 
ATOM   668  C CB  . LYS A 1 102 ? 11.475  0.887   -8.213  1.00 13.34  ? 1393 LYS A CB  1 
ATOM   669  C CG  . LYS A 1 102 ? 12.456  -0.038  -8.938  1.00 14.18  ? 1393 LYS A CG  1 
ATOM   670  C CD  . LYS A 1 102 ? 11.920  -1.413  -9.106  1.00 15.86  ? 1393 LYS A CD  1 
ATOM   671  C CE  . LYS A 1 102 ? 12.979  -2.376  -9.600  1.00 17.82  ? 1393 LYS A CE  1 
ATOM   672  N NZ  . LYS A 1 102 ? 12.461  -3.758  -9.593  1.00 19.90  ? 1393 LYS A NZ  1 
ATOM   673  N N   . ALA A 1 103 ? 11.291  3.765   -9.646  1.00 13.56  ? 1394 ALA A N   1 
ATOM   674  C CA  . ALA A 1 103 ? 11.476  4.554   -10.878 1.00 14.59  ? 1394 ALA A CA  1 
ATOM   675  C C   . ALA A 1 103 ? 12.272  5.821   -10.581 1.00 15.70  ? 1394 ALA A C   1 
ATOM   676  O O   . ALA A 1 103 ? 13.015  6.293   -11.494 1.00 16.10  ? 1394 ALA A O   1 
ATOM   677  C CB  . ALA A 1 103 ? 10.113  4.841   -11.420 1.00 15.14  ? 1394 ALA A CB  1 
ATOM   678  N N   . TYR A 1 104 ? 12.131  6.432   -9.415  1.00 13.85  ? 1395 TYR A N   1 
ATOM   679  C CA  . TYR A 1 104 ? 12.766  7.745   -9.126  1.00 15.35  ? 1395 TYR A CA  1 
ATOM   680  C C   . TYR A 1 104 ? 14.217  7.558   -8.656  1.00 14.89  ? 1395 TYR A C   1 
ATOM   681  O O   . TYR A 1 104 ? 15.018  8.497   -8.767  1.00 14.86  ? 1395 TYR A O   1 
ATOM   682  C CB  . TYR A 1 104 ? 11.958  8.596   -8.153  1.00 15.22  ? 1395 TYR A CB  1 
ATOM   683  C CG  . TYR A 1 104 ? 12.492  9.996   -8.108  1.00 16.56  ? 1395 TYR A CG  1 
ATOM   684  C CD1 . TYR A 1 104 ? 12.336  10.862  -9.174  1.00 16.75  ? 1395 TYR A CD1 1 
ATOM   685  C CD2 . TYR A 1 104 ? 13.177  10.424  -6.994  1.00 18.16  ? 1395 TYR A CD2 1 
ATOM   686  C CE1 . TYR A 1 104 ? 12.881  12.136  -9.145  1.00 16.60  ? 1395 TYR A CE1 1 
ATOM   687  C CE2 . TYR A 1 104 ? 13.707  11.694  -6.928  1.00 18.49  ? 1395 TYR A CE2 1 
ATOM   688  C CZ  . TYR A 1 104 ? 13.554  12.537  -8.009  1.00 16.41  ? 1395 TYR A CZ  1 
ATOM   689  O OH  . TYR A 1 104 ? 14.121  13.785  -7.870  1.00 19.97  ? 1395 TYR A OH  1 
ATOM   690  N N   . THR A 1 105 ? 14.596  6.406   -8.109  1.00 15.22  ? 1396 THR A N   1 
ATOM   691  C CA  . THR A 1 105 ? 15.908  6.250   -7.503  1.00 13.54  ? 1396 THR A CA  1 
ATOM   692  C C   . THR A 1 105 ? 17.022  6.336   -8.558  1.00 15.50  ? 1396 THR A C   1 
ATOM   693  O O   . THR A 1 105 ? 16.951  5.696   -9.621  1.00 16.50  ? 1396 THR A O   1 
ATOM   694  C CB  . THR A 1 105 ? 16.004  4.971   -6.666  1.00 14.20  ? 1396 THR A CB  1 
ATOM   695  O OG1 . THR A 1 105 ? 17.167  5.094   -5.836  1.00 15.23  ? 1396 THR A OG1 1 
ATOM   696  C CG2 . THR A 1 105 ? 16.061  3.703   -7.475  1.00 14.56  ? 1396 THR A CG2 1 
ATOM   697  N N   . PRO A 1 106 ? 18.130  7.048   -8.234  1.00 16.22  ? 1397 PRO A N   1 
ATOM   698  C CA  . PRO A 1 106 ? 19.265  7.076   -9.160  1.00 16.42  ? 1397 PRO A CA  1 
ATOM   699  C C   . PRO A 1 106 ? 20.154  5.842   -9.041  1.00 16.97  ? 1397 PRO A C   1 
ATOM   700  O O   . PRO A 1 106 ? 21.090  5.648   -9.830  1.00 17.61  ? 1397 PRO A O   1 
ATOM   701  C CB  . PRO A 1 106 ? 19.993  8.357   -8.706  1.00 17.59  ? 1397 PRO A CB  1 
ATOM   702  C CG  . PRO A 1 106 ? 19.699  8.490   -7.222  1.00 19.45  ? 1397 PRO A CG  1 
ATOM   703  C CD  . PRO A 1 106 ? 18.292  7.951   -7.090  1.00 17.06  ? 1397 PRO A CD  1 
ATOM   704  N N   . SER A 1 107 ? 19.977  5.077   -7.966  1.00 15.88  ? 1398 SER A N   1 
ATOM   705  C CA  . SER A 1 107 ? 20.781  3.897   -7.624  1.00 15.91  ? 1398 SER A CA  1 
ATOM   706  C C   . SER A 1 107 ? 19.923  2.835   -6.916  1.00 16.91  ? 1398 SER A C   1 
ATOM   707  O O   . SER A 1 107 ? 19.086  3.179   -6.054  1.00 15.81  ? 1398 SER A O   1 
ATOM   708  C CB  . SER A 1 107 ? 21.934  4.299   -6.718  1.00 18.28  ? 1398 SER A CB  1 
ATOM   709  O OG  . SER A 1 107 ? 22.593  3.153   -6.297  1.00 19.38  ? 1398 SER A OG  1 
ATOM   710  N N   . LYS A 1 108 ? 20.235  1.561   -7.122  1.00 18.26  ? 1399 LYS A N   1 
ATOM   711  C CA  . LYS A 1 108 ? 19.523  0.484   -6.398  1.00 19.40  ? 1399 LYS A CA  1 
ATOM   712  C C   . LYS A 1 108 ? 20.067  0.420   -4.978  1.00 21.05  ? 1399 LYS A C   1 
ATOM   713  O O   . LYS A 1 108 ? 19.448  -0.326  -4.179  1.00 21.51  ? 1399 LYS A O   1 
ATOM   714  C CB  . LYS A 1 108 ? 19.576  -0.794  -7.234  1.00 24.31  ? 1399 LYS A CB  1 
ATOM   715  C CG  . LYS A 1 108 ? 18.564  -0.700  -8.383  1.00 26.22  ? 1399 LYS A CG  1 
ATOM   716  C CD  . LYS A 1 108 ? 18.356  -1.937  -9.206  1.00 31.53  ? 1399 LYS A CD  1 
ATOM   717  C CE  . LYS A 1 108 ? 17.127  -1.860  -10.085 1.00 34.76  ? 1399 LYS A CE  1 
ATOM   718  N NZ  . LYS A 1 108 ? 16.892  -3.155  -10.769 1.00 36.37  ? 1399 LYS A NZ  1 
ATOM   719  N N   . ARG A 1 109 ? 21.134  1.169   -4.667  1.00 18.26  ? 1400 ARG A N   1 
ATOM   720  C CA  . ARG A 1 109 ? 21.743  1.193   -3.307  1.00 22.13  ? 1400 ARG A CA  1 
ATOM   721  C C   . ARG A 1 109 ? 21.381  2.468   -2.534  1.00 19.92  ? 1400 ARG A C   1 
ATOM   722  O O   . ARG A 1 109 ? 21.992  2.733   -1.506  1.00 23.04  ? 1400 ARG A O   1 
ATOM   723  C CB  . ARG A 1 109 ? 23.273  1.016   -3.419  1.00 27.94  ? 1400 ARG A CB  1 
ATOM   724  C CG  . ARG A 1 109 ? 23.714  -0.255  -4.146  1.00 34.56  ? 1400 ARG A CG  1 
ATOM   725  C CD  . ARG A 1 109 ? 25.210  -0.319  -4.437  1.00 41.86  ? 1400 ARG A CD  1 
ATOM   726  N NE  . ARG A 1 109 ? 25.965  -0.284  -3.187  1.00 47.09  ? 1400 ARG A NE  1 
ATOM   727  C CZ  . ARG A 1 109 ? 26.694  0.742   -2.741  1.00 52.12  ? 1400 ARG A CZ  1 
ATOM   728  N NH1 . ARG A 1 109 ? 26.816  1.853   -3.454  1.00 60.43  ? 1400 ARG A NH1 1 
ATOM   729  N NH2 . ARG A 1 109 ? 27.303  0.649   -1.568  1.00 52.23  ? 1400 ARG A NH2 1 
ATOM   730  N N   . SER A 1 110 ? 20.419  3.245   -3.031  1.00 18.47  ? 1401 SER A N   1 
ATOM   731  C CA  . SER A 1 110 ? 19.984  4.500   -2.378  1.00 18.25  ? 1401 SER A CA  1 
ATOM   732  C C   . SER A 1 110 ? 19.313  4.197   -1.031  1.00 16.04  ? 1401 SER A C   1 
ATOM   733  O O   . SER A 1 110 ? 18.744  3.088   -0.849  1.00 15.99  ? 1401 SER A O   1 
ATOM   734  C CB  . SER A 1 110 ? 19.104  5.290   -3.286  1.00 18.97  ? 1401 SER A CB  1 
ATOM   735  O OG  . SER A 1 110 ? 17.739  5.147   -2.939  1.00 21.72  ? 1401 SER A OG  1 
ATOM   736  N N   . ARG A 1 111 ? 19.404  5.139   -0.094  1.00 15.46  ? 1402 ARG A N   1 
ATOM   737  C CA  . ARG A 1 111 ? 18.801  4.959   1.233   1.00 15.52  ? 1402 ARG A CA  1 
ATOM   738  C C   . ARG A 1 111 ? 17.288  4.795   1.112   1.00 14.20  ? 1402 ARG A C   1 
ATOM   739  O O   . ARG A 1 111 ? 16.737  3.839   1.655   1.00 14.85  ? 1402 ARG A O   1 
ATOM   740  C CB  . ARG A 1 111 ? 19.075  6.173   2.124   1.00 15.76  ? 1402 ARG A CB  1 
ATOM   741  C CG  . ARG A 1 111 ? 18.435  6.045   3.497   1.00 15.81  ? 1402 ARG A CG  1 
ATOM   742  C CD  . ARG A 1 111 ? 19.192  5.088   4.373   1.00 17.08  ? 1402 ARG A CD  1 
ATOM   743  N NE  . ARG A 1 111 ? 18.595  4.578   5.589   1.00 22.40  ? 1402 ARG A NE  1 
ATOM   744  C CZ  . ARG A 1 111 ? 18.441  5.237   6.738   1.00 24.62  ? 1402 ARG A CZ  1 
ATOM   745  N NH1 . ARG A 1 111 ? 18.863  6.477   6.911   1.00 23.63  ? 1402 ARG A NH1 1 
ATOM   746  N NH2 . ARG A 1 111 ? 17.868  4.616   7.761   1.00 29.27  ? 1402 ARG A NH2 1 
ATOM   747  N N   . ILE A 1 112 ? 16.624  5.710   0.425   1.00 14.01  ? 1403 ILE A N   1 
ATOM   748  C CA  . ILE A 1 112 ? 15.129  5.696   0.433   1.00 13.48  ? 1403 ILE A CA  1 
ATOM   749  C C   . ILE A 1 112 ? 14.636  4.477   -0.363  1.00 13.40  ? 1403 ILE A C   1 
ATOM   750  O O   . ILE A 1 112 ? 13.774  3.756   0.137   1.00 12.67  ? 1403 ILE A O   1 
ATOM   751  C CB  . ILE A 1 112 ? 14.582  7.071   -0.001  1.00 13.82  ? 1403 ILE A CB  1 
ATOM   752  C CG1 . ILE A 1 112 ? 14.955  8.113   1.065   1.00 14.12  ? 1403 ILE A CG1 1 
ATOM   753  C CG2 . ILE A 1 112 ? 13.082  7.028   -0.281  1.00 14.47  ? 1403 ILE A CG2 1 
ATOM   754  C CD1 . ILE A 1 112 ? 14.806  9.558   0.632   1.00 14.42  ? 1403 ILE A CD1 1 
ATOM   755  N N   . TYR A 1 113 ? 15.276  4.115   -1.478  1.00 13.40  ? 1404 TYR A N   1 
ATOM   756  C CA  . TYR A 1 113 ? 14.881  2.908   -2.231  1.00 12.85  ? 1404 TYR A CA  1 
ATOM   757  C C   . TYR A 1 113 ? 15.058  1.667   -1.369  1.00 13.11  ? 1404 TYR A C   1 
ATOM   758  O O   . TYR A 1 113 ? 14.209  0.804   -1.359  1.00 13.56  ? 1404 TYR A O   1 
ATOM   759  C CB  . TYR A 1 113 ? 15.636  2.783   -3.562  1.00 13.64  ? 1404 TYR A CB  1 
ATOM   760  C CG  . TYR A 1 113 ? 15.320  1.531   -4.336  1.00 13.68  ? 1404 TYR A CG  1 
ATOM   761  C CD1 . TYR A 1 113 ? 14.040  1.277   -4.796  1.00 14.89  ? 1404 TYR A CD1 1 
ATOM   762  C CD2 . TYR A 1 113 ? 16.301  0.571   -4.576  1.00 13.28  ? 1404 TYR A CD2 1 
ATOM   763  C CE1 . TYR A 1 113 ? 13.771  0.102   -5.502  1.00 14.94  ? 1404 TYR A CE1 1 
ATOM   764  C CE2 . TYR A 1 113 ? 16.059  -0.576  -5.319  1.00 16.12  ? 1404 TYR A CE2 1 
ATOM   765  C CZ  . TYR A 1 113 ? 14.769  -0.820  -5.758  1.00 15.77  ? 1404 TYR A CZ  1 
ATOM   766  O OH  . TYR A 1 113 ? 14.537  -1.976  -6.486  1.00 18.10  ? 1404 TYR A OH  1 
ATOM   767  N N   A SER A 1 114 ? 16.168  1.580   -0.636  0.34 13.32  ? 1405 SER A N   1 
ATOM   768  N N   B SER A 1 114 ? 16.163  1.587   -0.627  0.32 13.10  ? 1405 SER A N   1 
ATOM   769  C CA  A SER A 1 114 ? 16.445  0.422   0.250   0.34 14.06  ? 1405 SER A CA  1 
ATOM   770  C CA  B SER A 1 114 ? 16.448  0.421   0.244   0.32 13.67  ? 1405 SER A CA  1 
ATOM   771  C C   A SER A 1 114 ? 15.334  0.294   1.308   0.34 14.28  ? 1405 SER A C   1 
ATOM   772  C C   B SER A 1 114 ? 15.367  0.294   1.336   0.32 14.03  ? 1405 SER A C   1 
ATOM   773  O O   A SER A 1 114 ? 14.932  -0.851  1.615   0.34 13.87  ? 1405 SER A O   1 
ATOM   774  O O   B SER A 1 114 ? 14.992  -0.855  1.669   0.32 13.50  ? 1405 SER A O   1 
ATOM   775  C CB  A SER A 1 114 ? 17.793  0.528   0.899   0.34 14.85  ? 1405 SER A CB  1 
ATOM   776  C CB  B SER A 1 114 ? 17.839  0.491   0.816   0.32 14.17  ? 1405 SER A CB  1 
ATOM   777  O OG  A SER A 1 114 ? 17.783  1.552   1.878   0.34 15.98  ? 1405 SER A OG  1 
ATOM   778  O OG  B SER A 1 114 ? 18.803  0.384   -0.227  0.32 14.78  ? 1405 SER A OG  1 
ATOM   779  N N   . MET A 1 115 ? 14.884  1.415   1.874   1.00 13.86  ? 1406 MET A N   1 
ATOM   780  C CA  . MET A 1 115 ? 13.770  1.433   2.863   1.00 13.54  ? 1406 MET A CA  1 
ATOM   781  C C   . MET A 1 115 ? 12.505  0.922   2.159   1.00 13.69  ? 1406 MET A C   1 
ATOM   782  O O   . MET A 1 115 ? 11.738  0.112   2.810   1.00 12.96  ? 1406 MET A O   1 
ATOM   783  C CB  . MET A 1 115 ? 13.542  2.829   3.427   1.00 13.88  ? 1406 MET A CB  1 
ATOM   784  C CG  . MET A 1 115 ? 14.697  3.327   4.274   1.00 15.85  ? 1406 MET A CG  1 
ATOM   785  S SD  . MET A 1 115 ? 14.679  5.093   4.594   1.00 19.18  ? 1406 MET A SD  1 
ATOM   786  C CE  . MET A 1 115 ? 13.460  5.103   5.852   1.00 20.08  ? 1406 MET A CE  1 
ATOM   787  N N   . SER A 1 116 ? 12.307  1.304   0.901   1.00 12.25  ? 1407 SER A N   1 
ATOM   788  C CA  . SER A 1 116 ? 11.095  0.909   0.164   1.00 11.64  ? 1407 SER A CA  1 
ATOM   789  C C   . SER A 1 116 ? 11.069  -0.622  0.034   1.00 11.74  ? 1407 SER A C   1 
ATOM   790  O O   . SER A 1 116 ? 10.006  -1.234  0.095   1.00 12.20  ? 1407 SER A O   1 
ATOM   791  C CB  . SER A 1 116 ? 10.962  1.618   -1.156  1.00 13.32  ? 1407 SER A CB  1 
ATOM   792  O OG  . SER A 1 116 ? 11.653  0.951   -2.208  1.00 13.23  ? 1407 SER A OG  1 
ATOM   793  N N   . LEU A 1 117 ? 12.198  -1.250  -0.237  1.00 12.56  ? 1408 LEU A N   1 
ATOM   794  C CA  . LEU A 1 117 ? 12.234  -2.717  -0.455  1.00 13.64  ? 1408 LEU A CA  1 
ATOM   795  C C   . LEU A 1 117 ? 11.904  -3.458  0.846   1.00 12.63  ? 1408 LEU A C   1 
ATOM   796  O O   . LEU A 1 117 ? 11.164  -4.479  0.787   1.00 12.97  ? 1408 LEU A O   1 
ATOM   797  C CB  . LEU A 1 117 ? 13.586  -3.143  -1.003  1.00 13.82  ? 1408 LEU A CB  1 
ATOM   798  C CG  . LEU A 1 117 ? 13.948  -2.662  -2.406  1.00 15.20  ? 1408 LEU A CG  1 
ATOM   799  C CD1 . LEU A 1 117 ? 15.315  -3.199  -2.826  1.00 17.36  ? 1408 LEU A CD1 1 
ATOM   800  C CD2 . LEU A 1 117 ? 12.917  -3.101  -3.426  1.00 17.88  ? 1408 LEU A CD2 1 
ATOM   801  N N   . ARG A 1 118 ? 12.408  -2.980  2.003   1.00 12.49  ? 1409 ARG A N   1 
ATOM   802  C CA  . ARG A 1 118 ? 12.105  -3.683  3.266   1.00 12.22  ? 1409 ARG A CA  1 
ATOM   803  C C   . ARG A 1 118 ? 10.602  -3.483  3.533   1.00 11.79  ? 1409 ARG A C   1 
ATOM   804  O O   . ARG A 1 118 ? 9.890   -4.452  3.952   1.00 12.52  ? 1409 ARG A O   1 
ATOM   805  C CB  . ARG A 1 118 ? 12.942  -3.142  4.416   1.00 12.81  ? 1409 ARG A CB  1 
ATOM   806  C CG  . ARG A 1 118 ? 14.417  -3.563  4.338   1.00 12.56  ? 1409 ARG A CG  1 
ATOM   807  C CD  . ARG A 1 118 ? 15.140  -3.124  5.610   1.00 14.79  ? 1409 ARG A CD  1 
ATOM   808  N NE  . ARG A 1 118 ? 15.160  -1.712  5.890   1.00 14.47  ? 1409 ARG A NE  1 
ATOM   809  C CZ  . ARG A 1 118 ? 16.160  -0.875  5.622   1.00 16.13  ? 1409 ARG A CZ  1 
ATOM   810  N NH1 . ARG A 1 118 ? 17.233  -1.306  5.000   1.00 17.60  ? 1409 ARG A NH1 1 
ATOM   811  N NH2 . ARG A 1 118 ? 16.019  0.427   5.908   1.00 17.35  ? 1409 ARG A NH2 1 
ATOM   812  N N   . LEU A 1 119 ? 10.097  -2.267  3.331   1.00 11.82  ? 1410 LEU A N   1 
ATOM   813  C CA  . LEU A 1 119 ? 8.686   -2.007  3.644   1.00 11.49  ? 1410 LEU A CA  1 
ATOM   814  C C   . LEU A 1 119 ? 7.755   -2.794  2.718   1.00 10.90  ? 1410 LEU A C   1 
ATOM   815  O O   . LEU A 1 119 ? 6.685   -3.289  3.198   1.00 11.62  ? 1410 LEU A O   1 
ATOM   816  C CB  . LEU A 1 119 ? 8.404   -0.511  3.581   1.00 13.47  ? 1410 LEU A CB  1 
ATOM   817  C CG  . LEU A 1 119 ? 7.109   -0.052  4.247   1.00 13.81  ? 1410 LEU A CG  1 
ATOM   818  C CD1 . LEU A 1 119 ? 7.158   -0.254  5.757   1.00 15.15  ? 1410 LEU A CD1 1 
ATOM   819  C CD2 . LEU A 1 119 ? 6.932   1.432   3.942   1.00 13.91  ? 1410 LEU A CD2 1 
ATOM   820  N N   . SER A 1 120 ? 8.137   -2.931  1.451   1.00 11.41  ? 1411 SER A N   1 
ATOM   821  C CA  . SER A 1 120 ? 7.359   -3.731  0.479   1.00 11.65  ? 1411 SER A CA  1 
ATOM   822  C C   . SER A 1 120 ? 7.300   -5.191  0.963   1.00 12.61  ? 1411 SER A C   1 
ATOM   823  O O   . SER A 1 120 ? 6.212   -5.801  0.903   1.00 11.88  ? 1411 SER A O   1 
ATOM   824  C CB  . SER A 1 120 ? 7.999   -3.619  -0.861  1.00 13.04  ? 1411 SER A CB  1 
ATOM   825  O OG  . SER A 1 120 ? 7.376   -4.509  -1.799  1.00 13.93  ? 1411 SER A OG  1 
ATOM   826  N N   . ALA A 1 121 ? 8.417   -5.770  1.410   1.00 11.73  ? 1412 ALA A N   1 
ATOM   827  C CA  . ALA A 1 121 ? 8.427   -7.162  1.894   1.00 11.76  ? 1412 ALA A CA  1 
ATOM   828  C C   . ALA A 1 121 ? 7.497   -7.302  3.085   1.00 11.09  ? 1412 ALA A C   1 
ATOM   829  O O   . ALA A 1 121 ? 6.758   -8.294  3.165   1.00 12.77  ? 1412 ALA A O   1 
ATOM   830  C CB  . ALA A 1 121 ? 9.822   -7.599  2.304   1.00 12.36  ? 1412 ALA A CB  1 
ATOM   831  N N   . PHE A 1 122 ? 7.533   -6.345  4.013   1.00 10.97  ? 1413 PHE A N   1 
ATOM   832  C CA  . PHE A 1 122 ? 6.631   -6.375  5.193   1.00 11.98  ? 1413 PHE A CA  1 
ATOM   833  C C   . PHE A 1 122 ? 5.165   -6.292  4.770   1.00 12.42  ? 1413 PHE A C   1 
ATOM   834  O O   . PHE A 1 122 ? 4.296   -7.092  5.203   1.00 13.04  ? 1413 PHE A O   1 
ATOM   835  C CB  . PHE A 1 122 ? 7.007   -5.240  6.146   1.00 12.50  ? 1413 PHE A CB  1 
ATOM   836  C CG  . PHE A 1 122 ? 6.131   -5.086  7.344   1.00 14.40  ? 1413 PHE A CG  1 
ATOM   837  C CD1 . PHE A 1 122 ? 6.340   -5.865  8.473   1.00 16.53  ? 1413 PHE A CD1 1 
ATOM   838  C CD2 . PHE A 1 122 ? 5.059   -4.214  7.330   1.00 14.68  ? 1413 PHE A CD2 1 
ATOM   839  C CE1 . PHE A 1 122 ? 5.482   -5.734  9.561   1.00 18.31  ? 1413 PHE A CE1 1 
ATOM   840  C CE2 . PHE A 1 122 ? 4.242   -4.059  8.440   1.00 16.67  ? 1413 PHE A CE2 1 
ATOM   841  C CZ  . PHE A 1 122 ? 4.446   -4.834  9.549   1.00 17.88  ? 1413 PHE A CZ  1 
ATOM   842  N N   . PHE A 1 123 ? 4.849   -5.343  3.885   1.00 12.02  ? 1414 PHE A N   1 
ATOM   843  C CA  . PHE A 1 123 ? 3.481   -5.202  3.351   1.00 12.54  ? 1414 PHE A CA  1 
ATOM   844  C C   . PHE A 1 123 ? 2.985   -6.487  2.673   1.00 12.19  ? 1414 PHE A C   1 
ATOM   845  O O   . PHE A 1 123 ? 1.866   -6.978  2.993   1.00 12.09  ? 1414 PHE A O   1 
ATOM   846  C CB  . PHE A 1 123 ? 3.384   -4.008  2.386   1.00 11.99  ? 1414 PHE A CB  1 
ATOM   847  C CG  . PHE A 1 123 ? 2.021   -3.890  1.727   1.00 12.34  ? 1414 PHE A CG  1 
ATOM   848  C CD1 . PHE A 1 123 ? 0.927   -3.411  2.410   1.00 12.96  ? 1414 PHE A CD1 1 
ATOM   849  C CD2 . PHE A 1 123 ? 1.846   -4.305  0.404   1.00 12.31  ? 1414 PHE A CD2 1 
ATOM   850  C CE1 . PHE A 1 123 ? -0.314  -3.332  1.780   1.00 12.54  ? 1414 PHE A CE1 1 
ATOM   851  C CE2 . PHE A 1 123 ? 0.595   -4.216  -0.205  1.00 13.53  ? 1414 PHE A CE2 1 
ATOM   852  C CZ  . PHE A 1 123 ? -0.471  -3.775  0.496   1.00 13.35  ? 1414 PHE A CZ  1 
ATOM   853  N N   . GLU A 1 124 ? 3.777   -7.058  1.773   1.00 11.71  ? 1415 GLU A N   1 
ATOM   854  C CA  . GLU A 1 124 ? 3.330   -8.256  1.027   1.00 13.35  ? 1415 GLU A CA  1 
ATOM   855  C C   . GLU A 1 124 ? 3.117   -9.432  1.985   1.00 13.32  ? 1415 GLU A C   1 
ATOM   856  O O   . GLU A 1 124 ? 2.172   -10.205 1.809   1.00 14.24  ? 1415 GLU A O   1 
ATOM   857  C CB  . GLU A 1 124 ? 4.312   -8.642  -0.089  1.00 14.19  ? 1415 GLU A CB  1 
ATOM   858  C CG  . GLU A 1 124 ? 4.400   -7.606  -1.213  1.00 15.06  ? 1415 GLU A CG  1 
ATOM   859  C CD  . GLU A 1 124 ? 3.142   -7.425  -2.053  1.00 16.65  ? 1415 GLU A CD  1 
ATOM   860  O OE1 . GLU A 1 124 ? 2.341   -8.394  -2.138  1.00 18.12  ? 1415 GLU A OE1 1 
ATOM   861  O OE2 . GLU A 1 124 ? 2.906   -6.292  -2.554  1.00 15.49  ? 1415 GLU A OE2 1 
ATOM   862  N N   . GLU A 1 125 ? 3.972   -9.563  2.996   1.00 12.61  ? 1416 GLU A N   1 
ATOM   863  C CA  . GLU A 1 125 ? 3.826   -10.653 3.996   1.00 13.57  ? 1416 GLU A CA  1 
ATOM   864  C C   . GLU A 1 125 ? 2.463   -10.546 4.684   1.00 13.95  ? 1416 GLU A C   1 
ATOM   865  O O   . GLU A 1 125 ? 1.847   -11.599 4.917   1.00 15.12  ? 1416 GLU A O   1 
ATOM   866  C CB  . GLU A 1 125 ? 4.971   -10.470 4.994   1.00 13.68  ? 1416 GLU A CB  1 
ATOM   867  C CG  . GLU A 1 125 ? 4.978   -11.434 6.187   1.00 15.11  ? 1416 GLU A CG  1 
ATOM   868  C CD  . GLU A 1 125 ? 6.204   -11.158 7.053   1.00 14.32  ? 1416 GLU A CD  1 
ATOM   869  O OE1 . GLU A 1 125 ? 7.313   -11.427 6.529   1.00 15.58  ? 1416 GLU A OE1 1 
ATOM   870  O OE2 . GLU A 1 125 ? 6.100   -10.577 8.175   1.00 16.63  ? 1416 GLU A OE2 1 
ATOM   871  N N   . HIS A 1 126 ? 2.031   -9.337  5.056   1.00 13.31  ? 1417 HIS A N   1 
ATOM   872  C CA  . HIS A 1 126 ? 0.786   -9.084  5.820   1.00 15.04  ? 1417 HIS A CA  1 
ATOM   873  C C   . HIS A 1 126 ? -0.455  -8.990  4.925   1.00 14.49  ? 1417 HIS A C   1 
ATOM   874  O O   . HIS A 1 126 ? -1.534  -9.409  5.411   1.00 15.91  ? 1417 HIS A O   1 
ATOM   875  C CB  . HIS A 1 126 ? 0.972   -7.850  6.716   1.00 15.90  ? 1417 HIS A CB  1 
ATOM   876  C CG  . HIS A 1 126 ? 1.851   -8.119  7.886   1.00 19.22  ? 1417 HIS A CG  1 
ATOM   877  N ND1 . HIS A 1 126 ? 3.214   -8.255  7.795   1.00 20.07  ? 1417 HIS A ND1 1 
ATOM   878  C CD2 . HIS A 1 126 ? 1.560   -8.126  9.205   1.00 25.19  ? 1417 HIS A CD2 1 
ATOM   879  C CE1 . HIS A 1 126 ? 3.690   -8.540  9.001   1.00 21.82  ? 1417 HIS A CE1 1 
ATOM   880  N NE2 . HIS A 1 126 ? 2.744   -8.384  9.873   1.00 26.38  ? 1417 HIS A NE2 1 
ATOM   881  N N   . ILE A 1 127 ? -0.364  -8.545  3.663   1.00 13.74  ? 1418 ILE A N   1 
ATOM   882  C CA  . ILE A 1 127 ? -1.579  -8.387  2.812   1.00 13.43  ? 1418 ILE A CA  1 
ATOM   883  C C   . ILE A 1 127 ? -2.071  -9.713  2.223   1.00 14.13  ? 1418 ILE A C   1 
ATOM   884  O O   . ILE A 1 127 ? -3.234  -9.801  1.853   1.00 12.99  ? 1418 ILE A O   1 
ATOM   885  C CB  . ILE A 1 127 ? -1.343  -7.343  1.695   1.00 12.68  ? 1418 ILE A CB  1 
ATOM   886  C CG1 . ILE A 1 127 ? -2.623  -6.662  1.172   1.00 14.06  ? 1418 ILE A CG1 1 
ATOM   887  C CG2 . ILE A 1 127 ? -0.565  -7.909  0.528   1.00 13.74  ? 1418 ILE A CG2 1 
ATOM   888  C CD1 . ILE A 1 127 ? -3.393  -5.931  2.193   1.00 14.94  ? 1418 ILE A CD1 1 
ATOM   889  N N   A SER A 1 128 ? -1.216  -10.733 2.129   0.25 13.66  ? 1419 SER A N   1 
ATOM   890  N N   B SER A 1 128 ? -1.192  -10.721 2.137   0.25 14.49  ? 1419 SER A N   1 
ATOM   891  C CA  A SER A 1 128 ? -1.550  -12.014 1.444   0.25 13.95  ? 1419 SER A CA  1 
ATOM   892  C CA  B SER A 1 128 ? -1.484  -12.045 1.519   0.25 15.54  ? 1419 SER A CA  1 
ATOM   893  C C   A SER A 1 128 ? -2.742  -12.768 2.098   0.25 14.10  ? 1419 SER A C   1 
ATOM   894  C C   B SER A 1 128 ? -2.760  -12.698 2.100   0.25 15.75  ? 1419 SER A C   1 
ATOM   895  O O   A SER A 1 128 ? -3.658  -13.493 1.293   0.25 13.15  ? 1419 SER A O   1 
ATOM   896  O O   B SER A 1 128 ? -3.631  -13.266 1.269   0.25 19.09  ? 1419 SER A O   1 
ATOM   897  C CB  A SER A 1 128 ? -0.351  -12.900 1.404   0.25 14.63  ? 1419 SER A CB  1 
ATOM   898  C CB  B SER A 1 128 ? -0.328  -13.001 1.665   0.25 16.98  ? 1419 SER A CB  1 
ATOM   899  O OG  A SER A 1 128 ? 0.103   -13.098 2.723   0.25 16.04  ? 1419 SER A OG  1 
ATOM   900  O OG  B SER A 1 128 ? -0.629  -14.232 1.013   0.25 19.72  ? 1419 SER A OG  1 
ATOM   901  N N   . SER A 1 129 ? -2.896  -12.678 3.442   1.00 13.59  ? 1420 SER A N   1 
ATOM   902  C CA  . SER A 1 129 ? -4.069  -13.311 4.108   1.00 14.70  ? 1420 SER A CA  1 
ATOM   903  C C   . SER A 1 129 ? -5.306  -12.423 3.908   1.00 13.60  ? 1420 SER A C   1 
ATOM   904  O O   . SER A 1 129 ? -6.432  -12.956 3.789   1.00 14.45  ? 1420 SER A O   1 
ATOM   905  C CB  . SER A 1 129 ? -3.825  -13.623 5.533   1.00 16.47  ? 1420 SER A CB  1 
ATOM   906  O OG  . SER A 1 129 ? -3.533  -12.490 6.302   1.00 22.38  ? 1420 SER A OG  1 
ATOM   907  N N   . VAL A 1 130 ? -5.119  -11.095 3.909   1.00 12.18  ? 1421 VAL A N   1 
ATOM   908  C CA  . VAL A 1 130 ? -6.260  -10.154 3.731   1.00 12.60  ? 1421 VAL A CA  1 
ATOM   909  C C   . VAL A 1 130 ? -6.893  -10.399 2.361   1.00 12.36  ? 1421 VAL A C   1 
ATOM   910  O O   . VAL A 1 130 ? -8.148  -10.528 2.244   1.00 12.34  ? 1421 VAL A O   1 
ATOM   911  C CB  . VAL A 1 130 ? -5.798  -8.716  3.869   1.00 12.14  ? 1421 VAL A CB  1 
ATOM   912  C CG1 . VAL A 1 130 ? -6.972  -7.764  3.630   1.00 12.37  ? 1421 VAL A CG1 1 
ATOM   913  C CG2 . VAL A 1 130 ? -5.197  -8.459  5.226   1.00 12.73  ? 1421 VAL A CG2 1 
ATOM   914  N N   . LEU A 1 131 ? -6.096  -10.506 1.291   1.00 12.07  ? 1422 LEU A N   1 
ATOM   915  C CA  . LEU A 1 131 ? -6.593  -10.805 -0.066  1.00 12.91  ? 1422 LEU A CA  1 
ATOM   916  C C   . LEU A 1 131 ? -7.245  -12.176 -0.140  1.00 13.00  ? 1422 LEU A C   1 
ATOM   917  O O   . LEU A 1 131 ? -8.330  -12.320 -0.699  1.00 13.45  ? 1422 LEU A O   1 
ATOM   918  C CB  . LEU A 1 131 ? -5.442  -10.705 -1.070  1.00 13.26  ? 1422 LEU A CB  1 
ATOM   919  C CG  . LEU A 1 131 ? -4.839  -9.309  -1.198  1.00 13.59  ? 1422 LEU A CG  1 
ATOM   920  C CD1 . LEU A 1 131 ? -3.501  -9.337  -1.917  1.00 15.37  ? 1422 LEU A CD1 1 
ATOM   921  C CD2 . LEU A 1 131 ? -5.819  -8.324  -1.817  1.00 14.87  ? 1422 LEU A CD2 1 
ATOM   922  N N   A SER A 1 132 ? -6.562  -13.181 0.398   0.40 13.31  ? 1423 SER A N   1 
ATOM   923  N N   B SER A 1 132 ? -6.588  -13.189 0.421   0.10 13.33  ? 1423 SER A N   1 
ATOM   924  C CA  A SER A 1 132 ? -7.068  -14.575 0.353   0.40 13.86  ? 1423 SER A CA  1 
ATOM   925  C CA  B SER A 1 132 ? -7.060  -14.593 0.329   0.10 13.65  ? 1423 SER A CA  1 
ATOM   926  C C   A SER A 1 132 ? -8.449  -14.634 1.007   0.40 13.13  ? 1423 SER A C   1 
ATOM   927  C C   B SER A 1 132 ? -8.392  -14.757 1.072   0.10 13.43  ? 1423 SER A C   1 
ATOM   928  O O   A SER A 1 132 ? -9.374  -15.208 0.399   0.40 13.16  ? 1423 SER A O   1 
ATOM   929  O O   B SER A 1 132 ? -9.243  -15.510 0.581   0.10 13.52  ? 1423 SER A O   1 
ATOM   930  C CB  A SER A 1 132 ? -6.116  -15.540 1.034   0.40 14.18  ? 1423 SER A CB  1 
ATOM   931  C CB  B SER A 1 132 ? -6.025  -15.553 0.835   0.10 13.95  ? 1423 SER A CB  1 
ATOM   932  O OG  A SER A 1 132 ? -4.919  -15.682 0.292   0.40 15.55  ? 1423 SER A OG  1 
ATOM   933  O OG  B SER A 1 132 ? -6.323  -16.863 0.387   0.10 14.78  ? 1423 SER A OG  1 
ATOM   934  N N   . ASP A 1 133 ? -8.552  -14.104 2.225   1.00 13.23  ? 1424 ASP A N   1 
ATOM   935  C CA  . ASP A 1 133 ? -9.820  -14.178 3.008   1.00 12.70  ? 1424 ASP A CA  1 
ATOM   936  C C   . ASP A 1 133 ? -10.926 -13.461 2.244   1.00 13.24  ? 1424 ASP A C   1 
ATOM   937  O O   . ASP A 1 133 ? -12.078 -13.960 2.165   1.00 13.83  ? 1424 ASP A O   1 
ATOM   938  C CB  . ASP A 1 133 ? -9.623  -13.614 4.414   1.00 14.86  ? 1424 ASP A CB  1 
ATOM   939  C CG  . ASP A 1 133 ? -8.886  -14.484 5.401   1.00 18.07  ? 1424 ASP A CG  1 
ATOM   940  O OD1 . ASP A 1 133 ? -8.394  -15.579 5.012   1.00 19.03  ? 1424 ASP A OD1 1 
ATOM   941  O OD2 . ASP A 1 133 ? -8.822  -14.071 6.573   1.00 26.15  ? 1424 ASP A OD2 1 
ATOM   942  N N   . TYR A 1 134 ? -10.648 -12.282 1.703   1.00 12.08  ? 1425 TYR A N   1 
ATOM   943  C CA  . TYR A 1 134 ? -11.656 -11.504 0.948   1.00 12.13  ? 1425 TYR A CA  1 
ATOM   944  C C   . TYR A 1 134 ? -12.140 -12.316 -0.251  1.00 12.77  ? 1425 TYR A C   1 
ATOM   945  O O   . TYR A 1 134 ? -13.356 -12.425 -0.490  1.00 13.33  ? 1425 TYR A O   1 
ATOM   946  C CB  . TYR A 1 134 ? -11.148 -10.113 0.533   1.00 12.49  ? 1425 TYR A CB  1 
ATOM   947  C CG  . TYR A 1 134 ? -12.103 -9.353  -0.342  1.00 12.17  ? 1425 TYR A CG  1 
ATOM   948  C CD1 . TYR A 1 134 ? -13.197 -8.728  0.216   1.00 13.30  ? 1425 TYR A CD1 1 
ATOM   949  C CD2 . TYR A 1 134 ? -11.959 -9.356  -1.714  1.00 14.96  ? 1425 TYR A CD2 1 
ATOM   950  C CE1 . TYR A 1 134 ? -14.075 -8.002  -0.564  1.00 14.92  ? 1425 TYR A CE1 1 
ATOM   951  C CE2 . TYR A 1 134 ? -12.831 -8.643  -2.507  1.00 14.94  ? 1425 TYR A CE2 1 
ATOM   952  C CZ  . TYR A 1 134 ? -13.889 -7.973  -1.933  1.00 16.39  ? 1425 TYR A CZ  1 
ATOM   953  O OH  . TYR A 1 134 ? -14.797 -7.277  -2.705  1.00 19.57  ? 1425 TYR A OH  1 
ATOM   954  N N   . LYS A 1 135 ? -11.221 -12.853 -1.074  1.00 12.34  ? 1426 LYS A N   1 
ATOM   955  C CA  . LYS A 1 135 ? -11.615 -13.556 -2.308  1.00 12.92  ? 1426 LYS A CA  1 
ATOM   956  C C   . LYS A 1 135 ? -12.408 -14.824 -1.921  1.00 12.82  ? 1426 LYS A C   1 
ATOM   957  O O   . LYS A 1 135 ? -13.376 -15.165 -2.606  1.00 12.61  ? 1426 LYS A O   1 
ATOM   958  C CB  . LYS A 1 135 ? -10.341 -13.812 -3.127  1.00 14.04  ? 1426 LYS A CB  1 
ATOM   959  C CG  . LYS A 1 135 ? -9.745  -12.522 -3.691  1.00 14.15  ? 1426 LYS A CG  1 
ATOM   960  C CD  . LYS A 1 135 ? -8.497  -12.805 -4.515  1.00 16.23  ? 1426 LYS A CD  1 
ATOM   961  C CE  . LYS A 1 135 ? -7.871  -11.562 -5.110  1.00 19.55  ? 1426 LYS A CE  1 
ATOM   962  N NZ  . LYS A 1 135 ? -6.901  -11.907 -6.181  1.00 24.41  ? 1426 LYS A NZ  1 
ATOM   963  N N   A SER A 1 136 ? -12.004 -15.493 -0.847  0.40 12.16  ? 1427 SER A N   1 
ATOM   964  N N   B SER A 1 136 ? -12.036 -15.475 -0.816  0.10 12.65  ? 1427 SER A N   1 
ATOM   965  C CA  A SER A 1 136 ? -12.724 -16.684 -0.312  0.40 13.43  ? 1427 SER A CA  1 
ATOM   966  C CA  B SER A 1 136 ? -12.706 -16.707 -0.317  0.10 13.06  ? 1427 SER A CA  1 
ATOM   967  C C   A SER A 1 136 ? -14.158 -16.294 0.089   0.40 13.10  ? 1427 SER A C   1 
ATOM   968  C C   B SER A 1 136 ? -14.104 -16.379 0.240   0.10 13.32  ? 1427 SER A C   1 
ATOM   969  O O   A SER A 1 136 ? -15.144 -16.997 -0.306  0.40 11.56  ? 1427 SER A O   1 
ATOM   970  O O   B SER A 1 136 ? -14.998 -17.241 0.118   0.10 13.40  ? 1427 SER A O   1 
ATOM   971  C CB  A SER A 1 136 ? -11.971 -17.257 0.836   0.40 13.97  ? 1427 SER A CB  1 
ATOM   972  C CB  B SER A 1 136 ? -11.838 -17.429 0.681   0.10 12.98  ? 1427 SER A CB  1 
ATOM   973  O OG  A SER A 1 136 ? -12.786 -18.161 1.567   0.40 17.65  ? 1427 SER A OG  1 
ATOM   974  O OG  B SER A 1 136 ? -11.971 -16.874 1.981   0.10 13.28  ? 1427 SER A OG  1 
ATOM   975  N N   . ALA A 1 137 ? -14.300 -15.180 0.809   1.00 13.49  ? 1428 ALA A N   1 
ATOM   976  C CA  . ALA A 1 137 ? -15.625 -14.696 1.283   1.00 14.88  ? 1428 ALA A CA  1 
ATOM   977  C C   . ALA A 1 137 ? -16.487 -14.377 0.078   1.00 14.07  ? 1428 ALA A C   1 
ATOM   978  O O   . ALA A 1 137 ? -17.711 -14.698 0.085   1.00 15.03  ? 1428 ALA A O   1 
ATOM   979  C CB  . ALA A 1 137 ? -15.473 -13.435 2.090   1.00 15.81  ? 1428 ALA A CB  1 
ATOM   980  N N   . LEU A 1 138 ? -15.965 -13.774 -0.989  1.00 14.29  ? 1429 LEU A N   1 
ATOM   981  C CA  . LEU A 1 138 ? -16.787 -13.455 -2.155  1.00 15.75  ? 1429 LEU A CA  1 
ATOM   982  C C   . LEU A 1 138 ? -17.196 -14.728 -2.883  1.00 13.85  ? 1429 LEU A C   1 
ATOM   983  O O   . LEU A 1 138 ? -18.386 -14.820 -3.296  1.00 14.71  ? 1429 LEU A O   1 
ATOM   984  C CB  . LEU A 1 138 ? -16.025 -12.479 -3.042  1.00 19.48  ? 1429 LEU A CB  1 
ATOM   985  C CG  . LEU A 1 138 ? -16.757 -11.258 -3.537  1.00 25.80  ? 1429 LEU A CG  1 
ATOM   986  C CD1 . LEU A 1 138 ? -17.510 -10.492 -2.458  1.00 24.20  ? 1429 LEU A CD1 1 
ATOM   987  C CD2 . LEU A 1 138 ? -15.750 -10.403 -4.255  1.00 24.90  ? 1429 LEU A CD2 1 
ATOM   988  N N   . ARG A 1 139 ? -16.293 -15.729 -2.962  1.00 13.05  ? 1430 ARG A N   1 
ATOM   989  C CA  . ARG A 1 139 ? -16.673 -17.001 -3.607  1.00 13.52  ? 1430 ARG A CA  1 
ATOM   990  C C   . ARG A 1 139 ? -17.800 -17.659 -2.774  1.00 11.50  ? 1430 ARG A C   1 
ATOM   991  O O   . ARG A 1 139 ? -18.770 -18.164 -3.399  1.00 13.88  ? 1430 ARG A O   1 
ATOM   992  C CB  . ARG A 1 139 ? -15.451 -17.918 -3.715  1.00 13.62  ? 1430 ARG A CB  1 
ATOM   993  C CG  . ARG A 1 139 ? -14.435 -17.467 -4.760  1.00 14.23  ? 1430 ARG A CG  1 
ATOM   994  C CD  . ARG A 1 139 ? -13.391 -18.529 -5.016  1.00 13.88  ? 1430 ARG A CD  1 
ATOM   995  N NE  . ARG A 1 139 ? -12.538 -18.797 -3.882  1.00 14.38  ? 1430 ARG A NE  1 
ATOM   996  C CZ  . ARG A 1 139 ? -11.345 -18.239 -3.608  1.00 12.96  ? 1430 ARG A CZ  1 
ATOM   997  N NH1 . ARG A 1 139 ? -10.860 -17.244 -4.353  1.00 15.13  ? 1430 ARG A NH1 1 
ATOM   998  N NH2 . ARG A 1 139 ? -10.613 -18.697 -2.610  1.00 14.18  ? 1430 ARG A NH2 1 
ATOM   999  N N   . PHE A 1 140 ? -17.722 -17.635 -1.449  1.00 11.31  ? 1431 PHE A N   1 
ATOM   1000 C CA  . PHE A 1 140 ? -18.767 -18.236 -0.574  1.00 12.54  ? 1431 PHE A CA  1 
ATOM   1001 C C   . PHE A 1 140 ? -20.105 -17.527 -0.830  1.00 12.72  ? 1431 PHE A C   1 
ATOM   1002 O O   . PHE A 1 140 ? -21.152 -18.166 -1.007  1.00 13.82  ? 1431 PHE A O   1 
ATOM   1003 C CB  . PHE A 1 140 ? -18.352 -18.200 0.883   1.00 12.89  ? 1431 PHE A CB  1 
ATOM   1004 C CG  . PHE A 1 140 ? -19.285 -18.992 1.751   1.00 14.91  ? 1431 PHE A CG  1 
ATOM   1005 C CD1 . PHE A 1 140 ? -19.207 -20.385 1.810   1.00 15.78  ? 1431 PHE A CD1 1 
ATOM   1006 C CD2 . PHE A 1 140 ? -20.237 -18.352 2.503   1.00 16.01  ? 1431 PHE A CD2 1 
ATOM   1007 C CE1 . PHE A 1 140 ? -20.088 -21.121 2.598   1.00 17.00  ? 1431 PHE A CE1 1 
ATOM   1008 C CE2 . PHE A 1 140 ? -21.114 -19.090 3.290   1.00 17.46  ? 1431 PHE A CE2 1 
ATOM   1009 C CZ  . PHE A 1 140 ? -21.018 -20.461 3.341   1.00 17.51  ? 1431 PHE A CZ  1 
ATOM   1010 N N   . HIS A 1 141 ? -20.063 -16.211 -1.004  1.00 14.24  ? 1432 HIS A N   1 
ATOM   1011 C CA  . HIS A 1 141 ? -21.296 -15.394 -1.237  1.00 16.45  ? 1432 HIS A CA  1 
ATOM   1012 C C   . HIS A 1 141 ? -22.001 -15.822 -2.528  1.00 20.03  ? 1432 HIS A C   1 
ATOM   1013 O O   . HIS A 1 141 ? -23.281 -15.815 -2.580  1.00 20.02  ? 1432 HIS A O   1 
ATOM   1014 C CB  . HIS A 1 141 ? -20.939 -13.915 -1.230  1.00 17.09  ? 1432 HIS A CB  1 
ATOM   1015 C CG  . HIS A 1 141 ? -22.171 -13.056 -1.226  1.00 16.05  ? 1432 HIS A CG  1 
ATOM   1016 N ND1 . HIS A 1 141 ? -22.923 -12.892 -0.093  1.00 16.14  ? 1432 HIS A ND1 1 
ATOM   1017 C CD2 . HIS A 1 141 ? -22.727 -12.309 -2.202  1.00 18.46  ? 1432 HIS A CD2 1 
ATOM   1018 C CE1 . HIS A 1 141 ? -23.918 -12.058 -0.368  1.00 16.07  ? 1432 HIS A CE1 1 
ATOM   1019 N NE2 . HIS A 1 141 ? -23.811 -11.679 -1.666  1.00 18.01  ? 1432 HIS A NE2 1 
ATOM   1020 N N   . LYS A 1 142 ? -21.222 -16.202 -3.546  1.00 20.21  ? 1433 LYS A N   1 
ATOM   1021 C CA  . LYS A 1 142 ? -21.698 -16.588 -4.903  1.00 23.13  ? 1433 LYS A CA  1 
ATOM   1022 C C   . LYS A 1 142 ? -21.963 -18.094 -5.007  1.00 24.43  ? 1433 LYS A C   1 
ATOM   1023 O O   . LYS A 1 142 ? -22.489 -18.507 -6.067  1.00 26.72  ? 1433 LYS A O   1 
ATOM   1024 C CB  . LYS A 1 142 ? -20.653 -16.146 -5.933  1.00 24.38  ? 1433 LYS A CB  1 
ATOM   1025 C CG  . LYS A 1 142 ? -20.542 -14.636 -6.064  1.00 24.88  ? 1433 LYS A CG  1 
ATOM   1026 C CD  . LYS A 1 142 ? -19.156 -14.117 -6.361  1.00 26.83  ? 1433 LYS A CD  1 
ATOM   1027 C CE  . LYS A 1 142 ? -18.984 -12.697 -5.876  1.00 26.46  ? 1433 LYS A CE  1 
ATOM   1028 N NZ  . LYS A 1 142 ? -19.593 -12.510 -4.536  1.00 25.50  ? 1433 LYS A NZ  1 
ATOM   1029 N N   . ARG A 1 143 ? -21.708 -18.868 -3.945  1.00 25.48  ? 1434 ARG A N   1 
ATOM   1030 C CA  . ARG A 1 143 ? -21.668 -20.357 -3.996  1.00 26.71  ? 1434 ARG A CA  1 
ATOM   1031 C C   . ARG A 1 143 ? -22.951 -20.979 -4.591  1.00 35.22  ? 1434 ARG A C   1 
ATOM   1032 O O   . ARG A 1 143 ? -22.824 -22.114 -5.104  1.00 37.77  ? 1434 ARG A O   1 
ATOM   1033 C CB  . ARG A 1 143 ? -21.373 -20.943 -2.618  1.00 23.84  ? 1434 ARG A CB  1 
ATOM   1034 C CG  . ARG A 1 143 ? -22.543 -20.863 -1.652  1.00 23.26  ? 1434 ARG A CG  1 
ATOM   1035 C CD  . ARG A 1 143 ? -22.120 -21.184 -0.243  1.00 22.88  ? 1434 ARG A CD  1 
ATOM   1036 N NE  . ARG A 1 143 ? -23.218 -21.152 0.704   1.00 23.16  ? 1434 ARG A NE  1 
ATOM   1037 C CZ  . ARG A 1 143 ? -23.764 -20.074 1.196   1.00 24.41  ? 1434 ARG A CZ  1 
ATOM   1038 N NH1 . ARG A 1 143 ? -23.345 -18.878 0.792   1.00 19.84  ? 1434 ARG A NH1 1 
ATOM   1039 N NH2 . ARG A 1 143 ? -24.778 -20.179 2.065   1.00 24.26  ? 1434 ARG A NH2 1 
ATOM   1040 N N   . ASN A 1 144 ? -24.109 -20.323 -4.494  1.00 41.01  ? 1435 ASN A N   1 
ATOM   1041 C CA  . ASN A 1 144 ? -25.401 -20.798 -5.085  1.00 60.67  ? 1435 ASN A CA  1 
ATOM   1042 C C   . ASN A 1 144 ? -26.010 -19.700 -5.983  1.00 75.92  ? 1435 ASN A C   1 
ATOM   1043 O O   . ASN A 1 144 ? -27.261 -19.580 -6.022  1.00 77.60  ? 1435 ASN A O   1 
ATOM   1044 C CB  . ASN A 1 144 ? -26.461 -21.184 -4.032  1.00 58.02  ? 1435 ASN A CB  1 
ATOM   1045 C CG  . ASN A 1 144 ? -26.006 -22.157 -2.958  1.00 59.80  ? 1435 ASN A CG  1 
ATOM   1046 O OD1 . ASN A 1 144 ? -25.680 -23.307 -3.245  1.00 57.14  ? 1435 ASN A OD1 1 
ATOM   1047 N ND2 . ASN A 1 144 ? -26.030 -21.722 -1.704  1.00 51.51  ? 1435 ASN A ND2 1 
HETATM 1048 N N1  . ZJE B 2 .   ? 9.028   12.036  0.707   0.66 21.60  ? 1901 ZJE A N1  1 
HETATM 1049 N N3  . ZJE B 2 .   ? 11.303  9.488   -2.898  0.66 21.41  ? 1901 ZJE A N3  1 
HETATM 1050 C C4  . ZJE B 2 .   ? 8.605   14.212  3.858   0.66 23.98  ? 1901 ZJE A C4  1 
HETATM 1051 C C5  . ZJE B 2 .   ? 9.573   13.981  4.973   0.66 23.01  ? 1901 ZJE A C5  1 
HETATM 1052 C C6  . ZJE B 2 .   ? 10.013  12.577  4.719   0.66 22.24  ? 1901 ZJE A C6  1 
HETATM 1053 C C7  . ZJE B 2 .   ? 10.146  9.940   -0.813  0.66 20.80  ? 1901 ZJE A C7  1 
HETATM 1054 C C8  . ZJE B 2 .   ? 10.058  9.269   -2.164  0.66 21.23  ? 1901 ZJE A C8  1 
HETATM 1055 C C10 . ZJE B 2 .   ? 11.685  11.607  -1.756  0.66 22.22  ? 1901 ZJE A C10 1 
HETATM 1056 C C13 . ZJE B 2 .   ? 14.382  9.462   -3.271  0.66 17.68  ? 1901 ZJE A C13 1 
HETATM 1057 C C15 . ZJE B 2 .   ? 15.720  7.764   -4.102  0.66 18.23  ? 1901 ZJE A C15 1 
HETATM 1058 C C1  . ZJE B 2 .   ? 9.911   12.369  -0.246  0.66 21.77  ? 1901 ZJE A C1  1 
HETATM 1059 C C11 . ZJE B 2 .   ? 11.996  8.407   -3.319  0.66 20.44  ? 1901 ZJE A C11 1 
HETATM 1060 C C12 . ZJE B 2 .   ? 13.424  8.490   -3.574  0.66 19.11  ? 1901 ZJE A C12 1 
HETATM 1061 C C14 . ZJE B 2 .   ? 15.697  9.004   -3.580  0.66 19.48  ? 1901 ZJE A C14 1 
HETATM 1062 C C2  . ZJE B 2 .   ? 8.361   13.003  1.558   0.66 21.91  ? 1901 ZJE A C2  1 
HETATM 1063 C C3  . ZJE B 2 .   ? 9.238   13.439  2.714   0.66 23.27  ? 1901 ZJE A C3  1 
HETATM 1064 C C9  . ZJE B 2 .   ? 11.567  10.912  -3.100  0.66 21.68  ? 1901 ZJE A C9  1 
HETATM 1065 N N2  . ZJE B 2 .   ? 10.499  11.359  -0.931  0.66 21.30  ? 1901 ZJE A N2  1 
HETATM 1066 O O1  . ZJE B 2 .   ? 10.245  13.554  -0.441  0.66 20.55  ? 1901 ZJE A O1  1 
HETATM 1067 O O2  . ZJE B 2 .   ? 9.742   12.273  3.354   0.66 23.50  ? 1901 ZJE A O2  1 
HETATM 1068 O O3  . ZJE B 2 .   ? 11.446  7.314   -3.431  0.66 19.68  ? 1901 ZJE A O3  1 
HETATM 1069 S S1  . ZJE B 2 .   ? 14.165  7.128   -4.330  0.66 21.46  ? 1901 ZJE A S1  1 
HETATM 1070 O O   . HOH C 3 .   ? 8.099   18.675  -13.767 1.00 42.99  ? 2001 HOH A O   1 
HETATM 1071 O O   . HOH C 3 .   ? 9.383   15.732  -0.166  0.66 30.32  ? 2002 HOH A O   1 
HETATM 1072 O O   . HOH C 3 .   ? -19.834 -3.521  -7.081  1.00 35.02  ? 2003 HOH A O   1 
HETATM 1073 O O   . HOH C 3 .   ? -23.501 -24.350 -2.795  1.00 39.14  ? 2004 HOH A O   1 
HETATM 1074 O O   . HOH C 3 .   ? 17.086  11.892  -2.128  0.66 34.06  ? 2005 HOH A O   1 
HETATM 1075 O O   . HOH C 3 .   ? 6.698   15.846  0.940   0.66 45.66  ? 2006 HOH A O   1 
HETATM 1076 O O   . HOH C 3 .   ? 12.956  5.902   -13.967 1.00 20.12  ? 2007 HOH A O   1 
HETATM 1077 O O   . HOH C 3 .   ? -7.153  5.183   -5.464  1.00 35.60  ? 2008 HOH A O   1 
HETATM 1078 O O   . HOH C 3 .   ? -14.633 -13.910 8.502   1.00 24.81  ? 2009 HOH A O   1 
HETATM 1079 O O   . HOH C 3 .   ? 17.799  2.236   4.337   1.00 29.73  ? 2010 HOH A O   1 
HETATM 1080 O O   . HOH C 3 .   ? 15.071  14.524  -14.117 1.00 26.84  ? 2011 HOH A O   1 
HETATM 1081 O O   . HOH C 3 .   ? 17.210  15.038  -10.545 0.66 22.21  ? 2012 HOH A O   1 
HETATM 1082 O O   . HOH C 3 .   ? -2.324  -9.950  7.790   1.00 28.80  ? 2013 HOH A O   1 
HETATM 1083 O O   . HOH C 3 .   ? -16.688 -5.939  -1.536  1.00 32.12  ? 2014 HOH A O   1 
HETATM 1084 O O   . HOH C 3 .   ? 15.634  -4.560  -8.985  1.00 35.70  ? 2015 HOH A O   1 
HETATM 1085 O O   . HOH C 3 .   ? -26.658 -19.247 -1.228  1.00 41.73  ? 2016 HOH A O   1 
HETATM 1086 O O   . HOH C 3 .   ? -25.300 -14.969 -1.175  1.00 38.20  ? 2017 HOH A O   1 
HETATM 1087 O O   . HOH C 3 .   ? -2.996  -13.700 -1.216  1.00 21.01  ? 2018 HOH A O   1 
HETATM 1088 O O   . HOH C 3 .   ? -11.683 -4.990  -6.911  1.00 29.12  ? 2019 HOH A O   1 
HETATM 1089 O O   . HOH C 3 .   ? 8.423   18.094  -11.172 1.00 31.54  ? 2020 HOH A O   1 
HETATM 1090 O O   . HOH C 3 .   ? -15.511 4.997   5.747   1.00 17.83  ? 2021 HOH A O   1 
HETATM 1091 O O   . HOH C 3 .   ? 13.713  16.153  -15.874 1.00 26.61  ? 2022 HOH A O   1 
HETATM 1092 O O   . HOH C 3 .   ? -1.945  10.781  -7.257  1.00 26.77  ? 2023 HOH A O   1 
HETATM 1093 O O   . HOH C 3 .   ? -13.070 -20.734 1.074   1.00 27.21  ? 2024 HOH A O   1 
HETATM 1094 O O   . HOH C 3 .   ? 5.414   3.698   -10.688 1.00 18.64  ? 2025 HOH A O   1 
HETATM 1095 O O   . HOH C 3 .   ? 12.697  24.030  -5.678  0.66 37.46  ? 2026 HOH A O   1 
HETATM 1096 O O   . HOH C 3 .   ? 4.712   -4.361  -2.710  1.00 18.36  ? 2027 HOH A O   1 
HETATM 1097 O O   . HOH C 3 .   ? 16.202  -4.034  -6.355  1.00 27.86  ? 2028 HOH A O   1 
HETATM 1098 O O   . HOH C 3 .   ? 4.953   9.039   -4.935  1.00 15.21  ? 2029 HOH A O   1 
HETATM 1099 O O   . HOH C 3 .   ? -13.785 0.722   9.219   1.00 30.98  ? 2030 HOH A O   1 
HETATM 1100 O O   . HOH C 3 .   ? 7.684   -13.278 4.641   1.00 22.53  ? 2031 HOH A O   1 
HETATM 1101 O O   . HOH C 3 .   ? 8.959   7.900   -5.073  0.66 21.34  ? 2032 HOH A O   1 
HETATM 1102 O O   . HOH C 3 .   ? -15.065 9.024   6.381   1.00 46.25  ? 2033 HOH A O   1 
HETATM 1103 O O   . HOH C 3 .   ? 4.812   -12.387 9.697   1.00 27.81  ? 2034 HOH A O   1 
HETATM 1104 O O   . HOH C 3 .   ? 15.655  4.261   -11.494 1.00 18.85  ? 2035 HOH A O   1 
HETATM 1105 O O   . HOH C 3 .   ? 9.684   21.757  -10.356 1.00 30.73  ? 2036 HOH A O   1 
HETATM 1106 O O   . HOH C 3 .   ? 8.219   -8.950  8.544   1.00 15.57  ? 2037 HOH A O   1 
HETATM 1107 O O   . HOH C 3 .   ? 5.679   8.269   -2.198  0.66 14.57  ? 2038 HOH A O   1 
HETATM 1108 O O   . HOH C 3 .   ? -22.146 -14.340 2.055   1.00 14.65  ? 2039 HOH A O   1 
HETATM 1109 O O   . HOH C 3 .   ? 15.077  3.143   8.254   1.00 39.07  ? 2040 HOH A O   1 
HETATM 1110 O O   . HOH C 3 .   ? 1.384   -10.616 -0.907  1.00 18.47  ? 2041 HOH A O   1 
HETATM 1111 O O   . HOH C 3 .   ? -10.826 9.696   -1.095  1.00 38.17  ? 2042 HOH A O   1 
HETATM 1112 O O   . HOH C 3 .   ? -16.562 9.791   2.426   1.00 27.53  ? 2043 HOH A O   1 
HETATM 1113 O O   . HOH C 3 .   ? 25.106  -2.238  -1.503  1.00 47.93  ? 2044 HOH A O   1 
HETATM 1114 O O   . HOH C 3 .   ? 22.499  3.683   -11.082 1.00 20.31  ? 2045 HOH A O   1 
HETATM 1115 O O   . HOH C 3 .   ? 1.455   11.199  -3.246  1.00 18.86  ? 2046 HOH A O   1 
HETATM 1116 O O   . HOH C 3 .   ? -7.365  -17.633 3.548   1.00 33.52  ? 2047 HOH A O   1 
HETATM 1117 O O   . HOH C 3 .   ? -14.622 11.125  -1.194  1.00 33.86  ? 2048 HOH A O   1 
HETATM 1118 O O   . HOH C 3 .   ? -13.812 -4.236  8.419   1.00 13.45  ? 2049 HOH A O   1 
HETATM 1119 O O   . HOH C 3 .   ? 10.474  -0.180  -4.394  1.00 14.91  ? 2050 HOH A O   1 
HETATM 1120 O O   . HOH C 3 .   ? 15.318  -2.270  -12.825 0.66 27.98  ? 2051 HOH A O   1 
HETATM 1121 O O   . HOH C 3 .   ? 6.273   10.138  -0.276  0.66 23.16  ? 2052 HOH A O   1 
HETATM 1122 O O   . HOH C 3 .   ? -2.924  -16.389 2.031   1.00 21.34  ? 2053 HOH A O   1 
HETATM 1123 O O   . HOH C 3 .   ? -14.616 -7.160  -5.437  1.00 28.21  ? 2054 HOH A O   1 
HETATM 1124 O O   . HOH C 3 .   ? -19.384 -14.663 2.256   1.00 15.32  ? 2055 HOH A O   1 
HETATM 1125 O O   . HOH C 3 .   ? 6.041   12.806  6.533   0.66 24.48  ? 2056 HOH A O   1 
HETATM 1126 O O   . HOH C 3 .   ? 13.792  13.165  1.098   0.66 20.21  ? 2057 HOH A O   1 
HETATM 1127 O O   . HOH C 3 .   ? 6.795   11.300  4.131   0.66 20.87  ? 2058 HOH A O   1 
HETATM 1128 O O   . HOH C 3 .   ? 0.264   -0.465  -8.814  1.00 15.81  ? 2059 HOH A O   1 
HETATM 1129 O O   . HOH C 3 .   ? 13.523  -2.468  8.895   0.61 17.27  ? 2060 HOH A O   1 
HETATM 1130 O O   . HOH C 3 .   ? -4.093  -6.422  9.711   1.00 26.08  ? 2061 HOH A O   1 
HETATM 1131 O O   . HOH C 3 .   ? 5.393   -2.243  -6.902  1.00 14.76  ? 2062 HOH A O   1 
HETATM 1132 O O   . HOH C 3 .   ? -3.231  12.615  -2.593  1.00 30.85  ? 2063 HOH A O   1 
HETATM 1133 O O   . HOH C 3 .   ? 10.983  -6.217  -1.371  1.00 25.49  ? 2064 HOH A O   1 
HETATM 1134 O O   . HOH C 3 .   ? -15.251 -19.946 -0.470  1.00 16.79  ? 2065 HOH A O   1 
HETATM 1135 O O   . HOH C 3 .   ? 7.340   -10.562 1.648   1.00 23.16  ? 2066 HOH A O   1 
HETATM 1136 O O   . HOH C 3 .   ? -10.135 -10.026 4.360   1.00 12.78  ? 2067 HOH A O   1 
HETATM 1137 O O   . HOH C 3 .   ? 16.543  -3.152  1.323   1.00 18.78  ? 2068 HOH A O   1 
HETATM 1138 O O   . HOH C 3 .   ? 7.785   11.185  7.662   0.66 33.49  ? 2069 HOH A O   1 
HETATM 1139 O O   . HOH C 3 .   ? 3.556   14.079  -14.295 1.00 31.56  ? 2070 HOH A O   1 
HETATM 1140 O O   . HOH C 3 .   ? -18.433 -19.542 -5.819  1.00 27.53  ? 2071 HOH A O   1 
HETATM 1141 O O   . HOH C 3 .   ? -10.850 10.261  4.568   0.66 17.89  ? 2072 HOH A O   1 
HETATM 1142 O O   . HOH C 3 .   ? -2.839  12.887  1.668   1.00 37.61  ? 2073 HOH A O   1 
HETATM 1143 O O   . HOH C 3 .   ? -4.206  -5.498  -6.668  1.00 21.52  ? 2074 HOH A O   1 
HETATM 1144 O O   . HOH C 3 .   ? 8.692   -4.474  -4.285  1.00 27.43  ? 2075 HOH A O   1 
HETATM 1145 O O   . HOH C 3 .   ? 4.198   7.595   12.077  0.66 22.77  ? 2076 HOH A O   1 
HETATM 1146 O O   . HOH C 3 .   ? -11.808 -7.118  10.353  1.00 21.89  ? 2077 HOH A O   1 
HETATM 1147 O O   . HOH C 3 .   ? -2.123  -9.313  -6.009  1.00 33.75  ? 2078 HOH A O   1 
HETATM 1148 O O   . HOH C 3 .   ? -4.353  5.598   -7.973  1.00 37.32  ? 2079 HOH A O   1 
HETATM 1149 O O   . HOH C 3 .   ? 2.879   -14.162 4.309   1.00 27.25  ? 2080 HOH A O   1 
HETATM 1150 O O   . HOH C 3 .   ? 0.735   3.894   13.888  1.00 24.37  ? 2081 HOH A O   1 
HETATM 1151 O O   . HOH C 3 .   ? 7.466   6.496   -3.519  0.66 12.64  ? 2082 HOH A O   1 
HETATM 1152 O O   . HOH C 3 .   ? -5.964  6.898   -3.551  0.50 21.14  ? 2083 HOH A O   1 
HETATM 1153 O O   . HOH C 3 .   ? -24.858 -18.334 -2.610  1.00 44.47  ? 2084 HOH A O   1 
HETATM 1154 O O   . HOH C 3 .   ? 2.855   -0.102  -9.607  1.00 17.35  ? 2085 HOH A O   1 
HETATM 1155 O O   . HOH C 3 .   ? -0.711  -12.724 5.440   1.00 20.09  ? 2086 HOH A O   1 
HETATM 1156 O O   . HOH C 3 .   ? 9.202   1.114   -11.114 1.00 24.10  ? 2087 HOH A O   1 
HETATM 1157 O O   . HOH C 3 .   ? 24.882  3.895   -4.779  0.66 21.54  ? 2088 HOH A O   1 
HETATM 1158 O O   . HOH C 3 .   ? -13.751 -20.883 -2.369  1.00 17.58  ? 2089 HOH A O   1 
HETATM 1159 O O   . HOH C 3 .   ? -16.983 1.336   7.022   1.00 18.79  ? 2090 HOH A O   1 
HETATM 1160 O O   . HOH C 3 .   ? -8.841  -0.047  13.008  1.00 40.36  ? 2091 HOH A O   1 
HETATM 1161 O O   . HOH C 3 .   ? -16.241 -6.707  8.852   1.00 18.66  ? 2092 HOH A O   1 
HETATM 1162 O O   . HOH C 3 .   ? -13.487 -13.909 -5.179  1.00 18.66  ? 2093 HOH A O   1 
HETATM 1163 O O   . HOH C 3 .   ? -2.967  2.861   -8.773  1.00 27.78  ? 2094 HOH A O   1 
HETATM 1164 O O   . HOH C 3 .   ? -6.535  1.420   -6.798  1.00 22.87  ? 2095 HOH A O   1 
HETATM 1165 O O   . HOH C 3 .   ? 18.894  7.046   9.727   0.66 24.79  ? 2096 HOH A O   1 
HETATM 1166 O O   . HOH C 3 .   ? 11.446  6.094   15.906  1.00 26.70  ? 2097 HOH A O   1 
HETATM 1167 O O   . HOH C 3 .   ? -13.059 -12.568 5.619   1.00 19.17  ? 2098 HOH A O   1 
HETATM 1168 O O   . HOH C 3 .   ? -6.096  -9.504  -7.553  1.00 37.67  ? 2099 HOH A O   1 
HETATM 1169 O O   . HOH C 3 .   ? -10.987 -12.338 7.357   1.00 20.67  ? 2100 HOH A O   1 
HETATM 1170 O O   . HOH C 3 .   ? -9.987  4.407   -5.150  1.00 23.49  ? 2101 HOH A O   1 
HETATM 1171 O O   . HOH C 3 .   ? 13.129  6.904   9.080   1.00 32.75  ? 2102 HOH A O   1 
HETATM 1172 O O   . HOH C 3 .   ? 3.583   6.917   -11.475 1.00 18.02  ? 2103 HOH A O   1 
HETATM 1173 O O   . HOH C 3 .   ? -13.843 -3.015  -7.538  1.00 30.44  ? 2104 HOH A O   1 
HETATM 1174 O O   . HOH C 3 .   ? 10.750  -5.604  6.470   1.00 17.48  ? 2105 HOH A O   1 
HETATM 1175 O O   . HOH C 3 .   ? 8.317   -7.250  -1.727  1.00 21.08  ? 2106 HOH A O   1 
HETATM 1176 O O   . HOH C 3 .   ? -12.728 2.282   1.504   1.00 12.93  ? 2107 HOH A O   1 
HETATM 1177 O O   . HOH C 3 .   ? 11.886  -4.189  -6.781  1.00 28.45  ? 2108 HOH A O   1 
HETATM 1178 O O   . HOH C 3 .   ? -4.855  3.244   9.697   1.00 32.81  ? 2109 HOH A O   1 
HETATM 1179 O O   . HOH C 3 .   ? 22.378  0.628   -8.851  0.66 23.17  ? 2110 HOH A O   1 
HETATM 1180 O O   . HOH C 3 .   ? -23.900 -16.461 2.311   1.00 21.11  ? 2111 HOH A O   1 
HETATM 1181 O O   . HOH C 3 .   ? 12.712  10.201  8.713   1.00 40.32  ? 2112 HOH A O   1 
HETATM 1182 O O   . HOH C 3 .   ? 17.937  7.970   -0.873  0.66 23.11  ? 2113 HOH A O   1 
HETATM 1183 O O   . HOH C 3 .   ? -0.727  12.193  -14.670 1.00 41.66  ? 2114 HOH A O   1 
HETATM 1184 O O   . HOH C 3 .   ? 8.835   4.662   14.866  1.00 25.39  ? 2115 HOH A O   1 
HETATM 1185 O O   . HOH C 3 .   ? -15.114 -10.516 11.167  1.00 39.28  ? 2116 HOH A O   1 
HETATM 1186 O O   . HOH C 3 .   ? 4.552   14.212  -5.087  0.66 27.84  ? 2117 HOH A O   1 
HETATM 1187 O O   . HOH C 3 .   ? 10.651  0.714   13.164  1.00 31.67  ? 2118 HOH A O   1 
HETATM 1188 O O   . HOH C 3 .   ? 4.071   11.517  -3.713  1.00 18.86  ? 2119 HOH A O   1 
HETATM 1189 O O   . HOH C 3 .   ? -0.819  -15.553 4.038   1.00 27.85  ? 2120 HOH A O   1 
HETATM 1190 O O   . HOH C 3 .   ? 18.024  -3.786  3.618   1.00 16.32  ? 2121 HOH A O   1 
HETATM 1191 O O   . HOH C 3 .   ? 10.252  -2.534  6.959   1.00 23.53  ? 2122 HOH A O   1 
HETATM 1192 O O   . HOH C 3 .   ? -2.117  -1.934  14.196  1.00 29.29  ? 2123 HOH A O   1 
HETATM 1193 O O   . HOH C 3 .   ? -18.684 -4.875  -3.336  0.50 31.01  ? 2124 HOH A O   1 
HETATM 1194 O O   . HOH C 3 .   ? -11.991 -15.732 -6.644  1.00 20.35  ? 2125 HOH A O   1 
HETATM 1195 O O   . HOH C 3 .   ? 5.250   -1.884  13.135  1.00 31.40  ? 2126 HOH A O   1 
HETATM 1196 O O   . HOH C 3 .   ? -12.833 -9.380  3.838   1.00 12.83  ? 2127 HOH A O   1 
HETATM 1197 O O   . HOH C 3 .   ? -3.543  -1.822  -13.233 1.00 32.42  ? 2128 HOH A O   1 
HETATM 1198 O O   . HOH C 3 .   ? -19.524 -5.077  0.812   1.00 23.80  ? 2129 HOH A O   1 
HETATM 1199 O O   . HOH C 3 .   ? -0.960  -10.720 -4.648  1.00 26.26  ? 2130 HOH A O   1 
HETATM 1200 O O   . HOH C 3 .   ? -16.596 -4.042  2.046   1.00 21.54  ? 2131 HOH A O   1 
HETATM 1201 O O   . HOH C 3 .   ? 8.863   6.449   12.952  1.00 38.02  ? 2132 HOH A O   1 
HETATM 1202 O O   . HOH C 3 .   ? -15.710 -3.091  4.541   1.00 16.68  ? 2133 HOH A O   1 
HETATM 1203 O O   . HOH C 3 .   ? -0.489  8.591   11.996  1.00 37.63  ? 2134 HOH A O   1 
HETATM 1204 O O   . HOH C 3 .   ? 10.613  13.728  -18.338 1.00 51.01  ? 2135 HOH A O   1 
HETATM 1205 O O   . HOH C 3 .   ? -10.184 -0.186  17.066  1.00 41.74  ? 2136 HOH A O   1 
HETATM 1206 O O   . HOH C 3 .   ? 5.467   7.074   -13.613 1.00 28.08  ? 2137 HOH A O   1 
HETATM 1207 O O   . HOH C 3 .   ? -1.708  -4.783  -7.643  1.00 16.85  ? 2138 HOH A O   1 
HETATM 1208 O O   . HOH C 3 .   ? -10.913 -9.487  11.237  1.00 44.42  ? 2139 HOH A O   1 
HETATM 1209 O O   . HOH C 3 .   ? -4.266  9.976   6.368   1.00 30.80  ? 2140 HOH A O   1 
HETATM 1210 O O   . HOH C 3 .   ? -2.117  9.639   7.926   1.00 36.76  ? 2141 HOH A O   1 
HETATM 1211 O O   . HOH C 3 .   ? 15.832  0.956   -9.805  0.66 20.16  ? 2142 HOH A O   1 
HETATM 1212 O O   . HOH C 3 .   ? -8.806  -18.435 1.941   1.00 38.55  ? 2143 HOH A O   1 
HETATM 1213 O O   . HOH C 3 .   ? -6.701  -11.585 6.978   1.00 32.23  ? 2144 HOH A O   1 
HETATM 1214 O O   . HOH C 3 .   ? 15.530  6.177   9.719   1.00 32.67  ? 2145 HOH A O   1 
HETATM 1215 O O   . HOH C 3 .   ? 6.181   11.314  10.500  1.00 30.61  ? 2146 HOH A O   1 
HETATM 1216 O O   . HOH C 3 .   ? 4.785   -12.368 1.001   1.00 37.08  ? 2147 HOH A O   1 
HETATM 1217 O O   . HOH C 3 .   ? 8.120   -1.944  -7.633  1.00 16.12  ? 2148 HOH A O   1 
HETATM 1218 O O   . HOH C 3 .   ? -17.698 -21.220 -1.553  1.00 15.94  ? 2149 HOH A O   1 
HETATM 1219 O O   . HOH C 3 .   ? 0.540   0.239   15.438  1.00 41.96  ? 2150 HOH A O   1 
HETATM 1220 O O   . HOH C 3 .   ? -7.692  -3.643  -8.310  1.00 30.90  ? 2151 HOH A O   1 
HETATM 1221 O O   . HOH C 3 .   ? 18.483  -3.245  -0.562  1.00 24.03  ? 2152 HOH A O   1 
HETATM 1222 O O   . HOH C 3 .   ? 18.785  8.646   -3.339  0.66 39.11  ? 2153 HOH A O   1 
HETATM 1223 O O   . HOH C 3 .   ? -15.901 -14.016 -6.265  1.00 33.76  ? 2154 HOH A O   1 
HETATM 1224 O O   . HOH C 3 .   ? -17.629 -21.671 -4.180  1.00 35.84  ? 2155 HOH A O   1 
HETATM 1225 O O   . HOH C 3 .   ? -0.770  -12.024 -2.058  1.00 19.45  ? 2156 HOH A O   1 
HETATM 1226 O O   . HOH C 3 .   ? 13.561  -7.084  2.143   1.00 26.69  ? 2157 HOH A O   1 
HETATM 1227 O O   . HOH C 3 .   ? 10.389  6.183   -15.040 1.00 45.36  ? 2158 HOH A O   1 
HETATM 1228 O O   . HOH C 3 .   ? -10.390 -11.592 -7.689  1.00 36.33  ? 2159 HOH A O   1 
HETATM 1229 O O   . HOH C 3 .   ? 1.799   5.000   -12.832 1.00 35.90  ? 2160 HOH A O   1 
HETATM 1230 O O   . HOH C 3 .   ? 3.156   0.430   -12.209 1.00 26.57  ? 2161 HOH A O   1 
HETATM 1231 O O   . HOH C 3 .   ? -10.876 -1.537  19.226  1.00 26.56  ? 2162 HOH A O   1 
HETATM 1232 O O   . HOH C 3 .   ? -10.199 -18.448 7.051   1.00 46.45  ? 2163 HOH A O   1 
HETATM 1233 O O   . HOH C 3 .   ? 11.640  1.170   -12.614 1.00 27.79  ? 2164 HOH A O   1 
HETATM 1234 O O   . HOH C 3 .   ? 5.499   -4.465  -5.292  1.00 21.80  ? 2165 HOH A O   1 
HETATM 1235 O O   . HOH C 3 .   ? 8.108   18.009  3.351   1.00 48.96  ? 2166 HOH A O   1 
HETATM 1236 O O   . HOH C 3 .   ? 13.582  0.007   10.995  1.00 39.41  ? 2167 HOH A O   1 
HETATM 1237 O O   . HOH C 3 .   ? -1.706  -14.888 8.927   1.00 43.89  ? 2168 HOH A O   1 
HETATM 1238 O O   . HOH C 3 .   ? -4.272  -7.821  -5.483  1.00 27.49  ? 2169 HOH A O   1 
HETATM 1239 O O   . HOH C 3 .   ? 2.908   -6.962  -8.442  1.00 33.94  ? 2170 HOH A O   1 
HETATM 1240 O O   . HOH C 3 .   ? -1.550  -7.531  9.062   1.00 30.37  ? 2171 HOH A O   1 
HETATM 1241 O O   . HOH C 3 .   ? -4.718  -18.234 3.912   1.00 31.57  ? 2172 HOH A O   1 
HETATM 1242 O O   . HOH C 3 .   ? -4.576  0.155   17.270  1.00 42.66  ? 2173 HOH A O   1 
HETATM 1243 O O   . HOH C 3 .   ? -2.580  2.452   17.026  1.00 33.98  ? 2174 HOH A O   1 
HETATM 1244 O O   . HOH C 3 .   ? -1.460  0.075   -13.203 1.00 33.23  ? 2175 HOH A O   1 
HETATM 1245 O O   . HOH C 3 .   ? -1.859  -4.121  14.719  1.00 42.37  ? 2176 HOH A O   1 
HETATM 1246 O O   . HOH C 3 .   ? 4.018   -5.289  -7.514  1.00 747.77 ? 2177 HOH A O   1 
HETATM 1247 O O   . HOH C 3 .   ? 15.324  -5.749  0.874   1.00 32.67  ? 2178 HOH A O   1 
HETATM 1248 O O   . HOH C 3 .   ? 9.945   -2.581  -5.655  1.00 15.31  ? 2179 HOH A O   1 
HETATM 1249 O O   . HOH C 3 .   ? 3.375   3.019   -12.670 1.00 29.25  ? 2180 HOH A O   1 
HETATM 1250 O O   . HOH C 3 .   ? -0.244  13.218  -4.109  1.00 36.02  ? 2181 HOH A O   1 
HETATM 1251 O O   . HOH C 3 .   ? -14.160 -5.920  10.789  1.00 24.70  ? 2182 HOH A O   1 
HETATM 1252 O O   . HOH C 3 .   ? -15.018 -1.736  8.826   1.00 20.67  ? 2183 HOH A O   1 
HETATM 1253 O O   . HOH C 3 .   ? 18.176  -4.372  -4.942  1.00 34.41  ? 2184 HOH A O   1 
HETATM 1254 O O   . HOH C 3 .   ? -1.041  1.212   -10.603 1.00 25.58  ? 2185 HOH A O   1 
HETATM 1255 O O   . HOH C 3 .   ? 4.156   12.257  8.348   0.66 28.02  ? 2186 HOH A O   1 
HETATM 1256 O O   . HOH C 3 .   ? 13.394  -6.098  -5.728  1.00 34.96  ? 2187 HOH A O   1 
HETATM 1257 O O   . HOH C 3 .   ? -9.491  -5.237  -8.537  1.00 40.48  ? 2188 HOH A O   1 
HETATM 1258 O O   . HOH C 3 .   ? 6.783   -12.926 2.203   1.00 31.41  ? 2189 HOH A O   1 
HETATM 1259 O O   . HOH C 3 .   ? -16.847 -16.464 -7.337  1.00 39.29  ? 2190 HOH A O   1 
HETATM 1260 O O   . HOH C 3 .   ? 7.673   -9.712  -1.170  1.00 30.97  ? 2191 HOH A O   1 
HETATM 1261 O O   . HOH C 3 .   ? -17.544 -1.900  6.645   0.50 11.36  ? 2192 HOH A O   1 
HETATM 1262 O O   . HOH C 3 .   ? 21.506  7.672   -4.144  1.00 38.41  ? 2193 HOH A O   1 
HETATM 1263 O O   . HOH C 3 .   ? -0.629  11.487  8.694   0.66 29.93  ? 2194 HOH A O   1 
HETATM 1264 O O   . HOH C 3 .   ? 2.841   4.661   16.301  1.00 30.74  ? 2195 HOH A O   1 
HETATM 1265 O O   . HOH C 3 .   ? -13.043 -17.081 -8.591  1.00 39.99  ? 2196 HOH A O   1 
HETATM 1266 O O   . HOH C 3 .   ? -5.385  12.109  -4.099  0.66 32.56  ? 2197 HOH A O   1 
HETATM 1267 O O   . HOH C 3 .   ? -1.379  -16.780 6.585   1.00 41.57  ? 2198 HOH A O   1 
HETATM 1268 O O   . HOH C 3 .   ? -2.398  -10.797 -8.717  0.50 33.79  ? 2199 HOH A O   1 
HETATM 1269 O O   . HOH C 3 .   ? 12.919  -7.017  -3.254  1.00 34.51  ? 2200 HOH A O   1 
HETATM 1270 O O   . HOH C 3 .   ? -12.297 -11.273 -5.803  1.00 24.42  ? 2201 HOH A O   1 
# 
